data_7LPR
# 
_entry.id   7LPR 
# 
_audit_conform.dict_name       mmcif_pdbx.dic 
_audit_conform.dict_version    5.399 
_audit_conform.dict_location   http://mmcif.pdb.org/dictionaries/ascii/mmcif_pdbx.dic 
# 
loop_
_database_2.database_id 
_database_2.database_code 
_database_2.pdbx_database_accession 
_database_2.pdbx_DOI 
PDB   7LPR         pdb_00007lpr 10.2210/pdb7lpr/pdb 
WWPDB D_1000179925 ?            ?                   
# 
loop_
_pdbx_audit_revision_history.ordinal 
_pdbx_audit_revision_history.data_content_type 
_pdbx_audit_revision_history.major_revision 
_pdbx_audit_revision_history.minor_revision 
_pdbx_audit_revision_history.revision_date 
1 'Structure model' 1 0 1993-01-15 
2 'Structure model' 1 1 2008-03-25 
3 'Structure model' 1 2 2011-07-13 
4 'Structure model' 1 3 2012-12-12 
5 'Structure model' 1 4 2024-06-05 
6 'Structure model' 1 5 2024-11-20 
# 
_pdbx_audit_revision_details.ordinal             1 
_pdbx_audit_revision_details.revision_ordinal    1 
_pdbx_audit_revision_details.data_content_type   'Structure model' 
_pdbx_audit_revision_details.provider            repository 
_pdbx_audit_revision_details.type                'Initial release' 
_pdbx_audit_revision_details.description         ? 
_pdbx_audit_revision_details.details             ? 
# 
loop_
_pdbx_audit_revision_group.ordinal 
_pdbx_audit_revision_group.revision_ordinal 
_pdbx_audit_revision_group.data_content_type 
_pdbx_audit_revision_group.group 
1  2 'Structure model' 'Version format compliance' 
2  3 'Structure model' 'Atomic model'              
3  3 'Structure model' 'Database references'       
4  3 'Structure model' 'Derived calculations'      
5  3 'Structure model' 'Non-polymer description'   
6  3 'Structure model' 'Structure summary'         
7  3 'Structure model' 'Version format compliance' 
8  4 'Structure model' Other                       
9  5 'Structure model' 'Data collection'           
10 5 'Structure model' 'Database references'       
11 5 'Structure model' 'Derived calculations'      
12 5 'Structure model' Other                       
13 6 'Structure model' 'Structure summary'         
# 
loop_
_pdbx_audit_revision_category.ordinal 
_pdbx_audit_revision_category.revision_ordinal 
_pdbx_audit_revision_category.data_content_type 
_pdbx_audit_revision_category.category 
1  5 'Structure model' chem_comp_atom            
2  5 'Structure model' chem_comp_bond            
3  5 'Structure model' database_2                
4  5 'Structure model' pdbx_database_status      
5  5 'Structure model' struct_conn               
6  5 'Structure model' struct_ref_seq            
7  5 'Structure model' struct_ref_seq_dif        
8  5 'Structure model' struct_sheet              
9  5 'Structure model' struct_site               
10 6 'Structure model' pdbx_entry_details        
11 6 'Structure model' pdbx_modification_feature 
# 
loop_
_pdbx_audit_revision_item.ordinal 
_pdbx_audit_revision_item.revision_ordinal 
_pdbx_audit_revision_item.data_content_type 
_pdbx_audit_revision_item.item 
1  5 'Structure model' '_database_2.pdbx_DOI'                         
2  5 'Structure model' '_database_2.pdbx_database_accession'          
3  5 'Structure model' '_pdbx_database_status.process_site'           
4  5 'Structure model' '_struct_conn.pdbx_dist_value'                 
5  5 'Structure model' '_struct_conn.pdbx_leaving_atom_flag'          
6  5 'Structure model' '_struct_conn.ptnr1_auth_asym_id'              
7  5 'Structure model' '_struct_conn.ptnr1_auth_comp_id'              
8  5 'Structure model' '_struct_conn.ptnr1_auth_seq_id'               
9  5 'Structure model' '_struct_conn.ptnr1_label_asym_id'             
10 5 'Structure model' '_struct_conn.ptnr1_label_atom_id'             
11 5 'Structure model' '_struct_conn.ptnr1_label_comp_id'             
12 5 'Structure model' '_struct_conn.ptnr1_label_seq_id'              
13 5 'Structure model' '_struct_conn.ptnr2_auth_asym_id'              
14 5 'Structure model' '_struct_conn.ptnr2_auth_comp_id'              
15 5 'Structure model' '_struct_conn.ptnr2_auth_seq_id'               
16 5 'Structure model' '_struct_conn.ptnr2_label_asym_id'             
17 5 'Structure model' '_struct_conn.ptnr2_label_atom_id'             
18 5 'Structure model' '_struct_conn.ptnr2_label_comp_id'             
19 5 'Structure model' '_struct_conn.ptnr2_label_seq_id'              
20 5 'Structure model' '_struct_ref_seq.db_align_beg'                 
21 5 'Structure model' '_struct_ref_seq.db_align_end'                 
22 5 'Structure model' '_struct_ref_seq_dif.details'                  
23 5 'Structure model' '_struct_sheet.number_strands'                 
24 5 'Structure model' '_struct_site.pdbx_auth_asym_id'               
25 5 'Structure model' '_struct_site.pdbx_auth_comp_id'               
26 5 'Structure model' '_struct_site.pdbx_auth_seq_id'                
27 6 'Structure model' '_pdbx_entry_details.has_protein_modification' 
# 
_pdbx_database_status.status_code                     REL 
_pdbx_database_status.entry_id                        7LPR 
_pdbx_database_status.recvd_initial_deposition_date   1991-08-05 
_pdbx_database_status.deposit_site                    ? 
_pdbx_database_status.process_site                    BNL 
_pdbx_database_status.SG_entry                        . 
_pdbx_database_status.status_code_sf                  ? 
_pdbx_database_status.status_code_mr                  ? 
_pdbx_database_status.status_code_cs                  ? 
_pdbx_database_status.pdb_format_compatible           Y 
_pdbx_database_status.status_code_nmr_data            ? 
_pdbx_database_status.methods_development_category    ? 
# 
loop_
_audit_author.name 
_audit_author.pdbx_ordinal 
'Fujishige, A.' 1 
'Bone, R.'      2 
'Agard, D.A.'   3 
# 
loop_
_citation.id 
_citation.title 
_citation.journal_abbrev 
_citation.journal_volume 
_citation.page_first 
_citation.page_last 
_citation.year 
_citation.journal_id_ASTM 
_citation.country 
_citation.journal_id_ISSN 
_citation.journal_id_CSD 
_citation.book_publisher 
_citation.pdbx_database_id_PubMed 
_citation.pdbx_database_id_DOI 
primary 'Structural basis for broad specificity in alpha-lytic protease mutants.' Biochemistry 30  10388 10398 1991 BICHAW US 
0006-2960 0033 ? 1931963 10.1021/bi00107a005 
1       'Structural Analysis of Specificity: Alpha-Lytic Protease Complexes with Analogues of Reaction Intermediates' Biochemistry 
28  7600  ?     1989 BICHAW US 0006-2960 0033 ? ?       ?                   
2       'Structural Plasticity Broadens the Specificity of an Engineered Protease' Nature       339 191   ?     1989 NATUAS UK 
0028-0836 0006 ? ?       ?                   
3       'Kinetic Properties of the Binding of Alpha-Lytic Protease to Peptide Boronic Acids' Biochemistry 27  7682  ?     1988 
BICHAW US 0006-2960 0033 ? ?       ?                   
4       
'Serine Protease Mechanism: Structure of an Inhibitory Complex of Alpha-Lytic Protease and a Tightly Bound Peptide Boronic Acid' 
Biochemistry 26  7609  ?     1987 BICHAW US 0006-2960 0033 ? ?       ?                   
5       
'Refined Structure of Alpha-Lytic Protease at 1.7 Angstroms Resolution. Analysis of Hydrogen Bonding and Solvent Structure'      
J.Mol.Biol.  184 479   ?     1985 JMOBAK UK 0022-2836 0070 ? ?       ?                   
6       'Molecular Structure of the Alpha-Lytic Protease from Myxobacter 495 at 2.8 Angstroms Resolution' J.Mol.Biol.  131 743   ? 
1979 JMOBAK UK 0022-2836 0070 ? ?       ?                   
# 
loop_
_citation_author.citation_id 
_citation_author.name 
_citation_author.ordinal 
_citation_author.identifier_ORCID 
primary 'Bone, R.'         1  ? 
primary 'Fujishige, A.'    2  ? 
primary 'Kettner, C.A.'    3  ? 
primary 'Agard, D.A.'      4  ? 
1       'Bone, R.'         5  ? 
1       'Frank, D.'        6  ? 
1       'Kettner, D.'      7  ? 
1       'Agard, D.A.'      8  ? 
2       'Bone, R.'         9  ? 
2       'Silen, J.L.'      10 ? 
2       'Agard, D.A.'      11 ? 
3       'Kettner, D.A.'    12 ? 
3       'Bone, R.'         13 ? 
3       'Agard, D.A.'      14 ? 
3       'Bachovchin, W.W.' 15 ? 
4       'Bone, R.'         16 ? 
4       'Shenvi, A.B.'     17 ? 
4       'Kettner, C.A.'    18 ? 
4       'Agard, D.A.'      19 ? 
5       'Fujinaga, M.'     20 ? 
5       'Delbaere, L.T.J.' 21 ? 
5       'Brayer, G.D.'     22 ? 
5       'James, M.N.G.'    23 ? 
6       'Brayer, G.D.'     24 ? 
6       'Delbaere, L.T.J.' 25 ? 
6       'James, M.N.G.'    26 ? 
# 
loop_
_entity.id 
_entity.type 
_entity.src_method 
_entity.pdbx_description 
_entity.formula_weight 
_entity.pdbx_number_of_molecules 
_entity.pdbx_ec 
_entity.pdbx_mutation 
_entity.pdbx_fragment 
_entity.details 
1 polymer     man 'ALPHA-LYTIC PROTEASE'                                       19815.014 1   3.4.21.12 ? ? ? 
2 polymer     syn 'METHOXYSUCCINYL-ALA-ALA-PRO-LEUCINE BORONIC ACID INHIBITOR' 484.351   1   ?         ? ? ? 
3 non-polymer syn 'SULFATE ION'                                                96.063    1   ?         ? ? ? 
4 water       nat water                                                        18.015    149 ?         ? ? ? 
# 
loop_
_entity_poly.entity_id 
_entity_poly.type 
_entity_poly.nstd_linkage 
_entity_poly.nstd_monomer 
_entity_poly.pdbx_seq_one_letter_code 
_entity_poly.pdbx_seq_one_letter_code_can 
_entity_poly.pdbx_strand_id 
_entity_poly.pdbx_target_identifier 
1 'polypeptide(L)' no no  
;ANIVGGIEYSINNASLCSVGFSVTRGATKGFVTAGHCGTVNATARIGGAVVGTFAARVFPGNDRAWVSLTSAQTLLPRVA
NGSSFVTVRGSTEAAVGAAVCRSGRTTGYQCGTITAKNVTANYAEGAVRGLTQGNACMGRGDSGGSWITSAGQAQGVASG
GNVQSNGNNCGIPASQRSSLFERLQPILSQYGLSLVTG
;
;ANIVGGIEYSINNASLCSVGFSVTRGATKGFVTAGHCGTVNATARIGGAVVGTFAARVFPGNDRAWVSLTSAQTLLPRVA
NGSSFVTVRGSTEAAVGAAVCRSGRTTGYQCGTITAKNVTANYAEGAVRGLTQGNACMGRGDSGGSWITSAGQAQGVASG
GNVQSNGNNCGIPASQRSSLFERLQPILSQYGLSLVTG
;
A ? 
2 'polypeptide(L)' no yes '(MSU)AAP(BLE)' XAAPL P ? 
# 
loop_
_pdbx_entity_nonpoly.entity_id 
_pdbx_entity_nonpoly.name 
_pdbx_entity_nonpoly.comp_id 
3 'SULFATE ION' SO4 
4 water         HOH 
# 
loop_
_entity_poly_seq.entity_id 
_entity_poly_seq.num 
_entity_poly_seq.mon_id 
_entity_poly_seq.hetero 
1 1   ALA n 
1 2   ASN n 
1 3   ILE n 
1 4   VAL n 
1 5   GLY n 
1 6   GLY n 
1 7   ILE n 
1 8   GLU n 
1 9   TYR n 
1 10  SER n 
1 11  ILE n 
1 12  ASN n 
1 13  ASN n 
1 14  ALA n 
1 15  SER n 
1 16  LEU n 
1 17  CYS n 
1 18  SER n 
1 19  VAL n 
1 20  GLY n 
1 21  PHE n 
1 22  SER n 
1 23  VAL n 
1 24  THR n 
1 25  ARG n 
1 26  GLY n 
1 27  ALA n 
1 28  THR n 
1 29  LYS n 
1 30  GLY n 
1 31  PHE n 
1 32  VAL n 
1 33  THR n 
1 34  ALA n 
1 35  GLY n 
1 36  HIS n 
1 37  CYS n 
1 38  GLY n 
1 39  THR n 
1 40  VAL n 
1 41  ASN n 
1 42  ALA n 
1 43  THR n 
1 44  ALA n 
1 45  ARG n 
1 46  ILE n 
1 47  GLY n 
1 48  GLY n 
1 49  ALA n 
1 50  VAL n 
1 51  VAL n 
1 52  GLY n 
1 53  THR n 
1 54  PHE n 
1 55  ALA n 
1 56  ALA n 
1 57  ARG n 
1 58  VAL n 
1 59  PHE n 
1 60  PRO n 
1 61  GLY n 
1 62  ASN n 
1 63  ASP n 
1 64  ARG n 
1 65  ALA n 
1 66  TRP n 
1 67  VAL n 
1 68  SER n 
1 69  LEU n 
1 70  THR n 
1 71  SER n 
1 72  ALA n 
1 73  GLN n 
1 74  THR n 
1 75  LEU n 
1 76  LEU n 
1 77  PRO n 
1 78  ARG n 
1 79  VAL n 
1 80  ALA n 
1 81  ASN n 
1 82  GLY n 
1 83  SER n 
1 84  SER n 
1 85  PHE n 
1 86  VAL n 
1 87  THR n 
1 88  VAL n 
1 89  ARG n 
1 90  GLY n 
1 91  SER n 
1 92  THR n 
1 93  GLU n 
1 94  ALA n 
1 95  ALA n 
1 96  VAL n 
1 97  GLY n 
1 98  ALA n 
1 99  ALA n 
1 100 VAL n 
1 101 CYS n 
1 102 ARG n 
1 103 SER n 
1 104 GLY n 
1 105 ARG n 
1 106 THR n 
1 107 THR n 
1 108 GLY n 
1 109 TYR n 
1 110 GLN n 
1 111 CYS n 
1 112 GLY n 
1 113 THR n 
1 114 ILE n 
1 115 THR n 
1 116 ALA n 
1 117 LYS n 
1 118 ASN n 
1 119 VAL n 
1 120 THR n 
1 121 ALA n 
1 122 ASN n 
1 123 TYR n 
1 124 ALA n 
1 125 GLU n 
1 126 GLY n 
1 127 ALA n 
1 128 VAL n 
1 129 ARG n 
1 130 GLY n 
1 131 LEU n 
1 132 THR n 
1 133 GLN n 
1 134 GLY n 
1 135 ASN n 
1 136 ALA n 
1 137 CYS n 
1 138 MET n 
1 139 GLY n 
1 140 ARG n 
1 141 GLY n 
1 142 ASP n 
1 143 SER n 
1 144 GLY n 
1 145 GLY n 
1 146 SER n 
1 147 TRP n 
1 148 ILE n 
1 149 THR n 
1 150 SER n 
1 151 ALA n 
1 152 GLY n 
1 153 GLN n 
1 154 ALA n 
1 155 GLN n 
1 156 GLY n 
1 157 VAL n 
1 158 ALA n 
1 159 SER n 
1 160 GLY n 
1 161 GLY n 
1 162 ASN n 
1 163 VAL n 
1 164 GLN n 
1 165 SER n 
1 166 ASN n 
1 167 GLY n 
1 168 ASN n 
1 169 ASN n 
1 170 CYS n 
1 171 GLY n 
1 172 ILE n 
1 173 PRO n 
1 174 ALA n 
1 175 SER n 
1 176 GLN n 
1 177 ARG n 
1 178 SER n 
1 179 SER n 
1 180 LEU n 
1 181 PHE n 
1 182 GLU n 
1 183 ARG n 
1 184 LEU n 
1 185 GLN n 
1 186 PRO n 
1 187 ILE n 
1 188 LEU n 
1 189 SER n 
1 190 GLN n 
1 191 TYR n 
1 192 GLY n 
1 193 LEU n 
1 194 SER n 
1 195 LEU n 
1 196 VAL n 
1 197 THR n 
1 198 GLY n 
2 1   MSU n 
2 2   ALA n 
2 3   ALA n 
2 4   PRO n 
2 5   BLE n 
# 
_entity_src_gen.entity_id                          1 
_entity_src_gen.pdbx_src_id                        1 
_entity_src_gen.pdbx_alt_source_flag               sample 
_entity_src_gen.pdbx_seq_type                      ? 
_entity_src_gen.pdbx_beg_seq_num                   ? 
_entity_src_gen.pdbx_end_seq_num                   ? 
_entity_src_gen.gene_src_common_name               ? 
_entity_src_gen.gene_src_genus                     Lysobacter 
_entity_src_gen.pdbx_gene_src_gene                 ? 
_entity_src_gen.gene_src_species                   ? 
_entity_src_gen.gene_src_strain                    ? 
_entity_src_gen.gene_src_tissue                    ? 
_entity_src_gen.gene_src_tissue_fraction           ? 
_entity_src_gen.gene_src_details                   ? 
_entity_src_gen.pdbx_gene_src_fragment             ? 
_entity_src_gen.pdbx_gene_src_scientific_name      'Lysobacter enzymogenes' 
_entity_src_gen.pdbx_gene_src_ncbi_taxonomy_id     69 
_entity_src_gen.pdbx_gene_src_variant              ? 
_entity_src_gen.pdbx_gene_src_cell_line            ? 
_entity_src_gen.pdbx_gene_src_atcc                 ? 
_entity_src_gen.pdbx_gene_src_organ                ? 
_entity_src_gen.pdbx_gene_src_organelle            ? 
_entity_src_gen.pdbx_gene_src_cell                 ? 
_entity_src_gen.pdbx_gene_src_cellular_location    ? 
_entity_src_gen.host_org_common_name               ? 
_entity_src_gen.pdbx_host_org_scientific_name      'Escherichia coli' 
_entity_src_gen.pdbx_host_org_ncbi_taxonomy_id     562 
_entity_src_gen.host_org_genus                     Escherichia 
_entity_src_gen.pdbx_host_org_gene                 ? 
_entity_src_gen.pdbx_host_org_organ                ? 
_entity_src_gen.host_org_species                   ? 
_entity_src_gen.pdbx_host_org_tissue               ? 
_entity_src_gen.pdbx_host_org_tissue_fraction      ? 
_entity_src_gen.pdbx_host_org_strain               ? 
_entity_src_gen.pdbx_host_org_variant              ? 
_entity_src_gen.pdbx_host_org_cell_line            ? 
_entity_src_gen.pdbx_host_org_atcc                 ? 
_entity_src_gen.pdbx_host_org_culture_collection   ? 
_entity_src_gen.pdbx_host_org_cell                 ? 
_entity_src_gen.pdbx_host_org_organelle            ? 
_entity_src_gen.pdbx_host_org_cellular_location    ? 
_entity_src_gen.pdbx_host_org_vector_type          ? 
_entity_src_gen.pdbx_host_org_vector               ? 
_entity_src_gen.host_org_details                   ? 
_entity_src_gen.expression_system_id               ? 
_entity_src_gen.plasmid_name                       ? 
_entity_src_gen.plasmid_details                    ? 
_entity_src_gen.pdbx_description                   ? 
# 
loop_
_chem_comp.id 
_chem_comp.type 
_chem_comp.mon_nstd_flag 
_chem_comp.name 
_chem_comp.pdbx_synonyms 
_chem_comp.formula 
_chem_comp.formula_weight 
ALA 'L-peptide linking' y ALANINE                          ? 'C3 H7 N O2'     89.093  
ARG 'L-peptide linking' y ARGININE                         ? 'C6 H15 N4 O2 1' 175.209 
ASN 'L-peptide linking' y ASPARAGINE                       ? 'C4 H8 N2 O3'    132.118 
ASP 'L-peptide linking' y 'ASPARTIC ACID'                  ? 'C4 H7 N O4'     133.103 
BLE peptide-like        n 'LEUCINE BORONIC ACID'           ? 'C5 H14 B N O2'  130.981 
CYS 'L-peptide linking' y CYSTEINE                         ? 'C3 H7 N O2 S'   121.158 
GLN 'L-peptide linking' y GLUTAMINE                        ? 'C5 H10 N2 O3'   146.144 
GLU 'L-peptide linking' y 'GLUTAMIC ACID'                  ? 'C5 H9 N O4'     147.129 
GLY 'peptide linking'   y GLYCINE                          ? 'C2 H5 N O2'     75.067  
HIS 'L-peptide linking' y HISTIDINE                        ? 'C6 H10 N3 O2 1' 156.162 
HOH non-polymer         . WATER                            ? 'H2 O'           18.015  
ILE 'L-peptide linking' y ISOLEUCINE                       ? 'C6 H13 N O2'    131.173 
LEU 'L-peptide linking' y LEUCINE                          ? 'C6 H13 N O2'    131.173 
LYS 'L-peptide linking' y LYSINE                           ? 'C6 H15 N2 O2 1' 147.195 
MET 'L-peptide linking' y METHIONINE                       ? 'C5 H11 N O2 S'  149.211 
MSU non-polymer         . 'SUCCINIC ACID MONOMETHYL ESTER' ? 'C5 H8 O4'       132.115 
PHE 'L-peptide linking' y PHENYLALANINE                    ? 'C9 H11 N O2'    165.189 
PRO 'L-peptide linking' y PROLINE                          ? 'C5 H9 N O2'     115.130 
SER 'L-peptide linking' y SERINE                           ? 'C3 H7 N O3'     105.093 
SO4 non-polymer         . 'SULFATE ION'                    ? 'O4 S -2'        96.063  
THR 'L-peptide linking' y THREONINE                        ? 'C4 H9 N O3'     119.119 
TRP 'L-peptide linking' y TRYPTOPHAN                       ? 'C11 H12 N2 O2'  204.225 
TYR 'L-peptide linking' y TYROSINE                         ? 'C9 H11 N O3'    181.189 
VAL 'L-peptide linking' y VALINE                           ? 'C5 H11 N O2'    117.146 
# 
loop_
_pdbx_poly_seq_scheme.asym_id 
_pdbx_poly_seq_scheme.entity_id 
_pdbx_poly_seq_scheme.seq_id 
_pdbx_poly_seq_scheme.mon_id 
_pdbx_poly_seq_scheme.ndb_seq_num 
_pdbx_poly_seq_scheme.pdb_seq_num 
_pdbx_poly_seq_scheme.auth_seq_num 
_pdbx_poly_seq_scheme.pdb_mon_id 
_pdbx_poly_seq_scheme.auth_mon_id 
_pdbx_poly_seq_scheme.pdb_strand_id 
_pdbx_poly_seq_scheme.pdb_ins_code 
_pdbx_poly_seq_scheme.hetero 
A 1 1   ALA 1   15  15  ALA ALA A A n 
A 1 2   ASN 2   15  15  ASN ASN A B n 
A 1 3   ILE 3   16  16  ILE ILE A . n 
A 1 4   VAL 4   17  17  VAL VAL A . n 
A 1 5   GLY 5   18  18  GLY GLY A . n 
A 1 6   GLY 6   19  19  GLY GLY A . n 
A 1 7   ILE 7   29  29  ILE ILE A . n 
A 1 8   GLU 8   30  30  GLU GLU A . n 
A 1 9   TYR 9   31  31  TYR TYR A . n 
A 1 10  SER 10  32  32  SER SER A . n 
A 1 11  ILE 11  33  33  ILE ILE A . n 
A 1 12  ASN 12  34  34  ASN ASN A . n 
A 1 13  ASN 13  35  35  ASN ASN A . n 
A 1 14  ALA 14  39  39  ALA ALA A . n 
A 1 15  SER 15  40  40  SER SER A . n 
A 1 16  LEU 16  41  41  LEU LEU A . n 
A 1 17  CYS 17  42  42  CYS CYS A . n 
A 1 18  SER 18  43  43  SER SER A . n 
A 1 19  VAL 19  44  44  VAL VAL A . n 
A 1 20  GLY 20  45  45  GLY GLY A . n 
A 1 21  PHE 21  46  46  PHE PHE A . n 
A 1 22  SER 22  47  47  SER SER A . n 
A 1 23  VAL 23  48  48  VAL VAL A . n 
A 1 24  THR 24  48  48  THR THR A A n 
A 1 25  ARG 25  48  48  ARG ARG A B n 
A 1 26  GLY 26  48  48  GLY GLY A C n 
A 1 27  ALA 27  48  48  ALA ALA A D n 
A 1 28  THR 28  49  49  THR THR A . n 
A 1 29  LYS 29  50  50  LYS LYS A . n 
A 1 30  GLY 30  51  51  GLY GLY A . n 
A 1 31  PHE 31  52  52  PHE PHE A . n 
A 1 32  VAL 32  53  53  VAL VAL A . n 
A 1 33  THR 33  54  54  THR THR A . n 
A 1 34  ALA 34  55  55  ALA ALA A . n 
A 1 35  GLY 35  56  56  GLY GLY A . n 
A 1 36  HIS 36  57  57  HIS HIS A . n 
A 1 37  CYS 37  58  58  CYS CYS A . n 
A 1 38  GLY 38  59  59  GLY GLY A . n 
A 1 39  THR 39  62  62  THR THR A . n 
A 1 40  VAL 40  63  63  VAL VAL A . n 
A 1 41  ASN 41  64  64  ASN ASN A . n 
A 1 42  ALA 42  65  65  ALA ALA A . n 
A 1 43  THR 43  65  65  THR THR A A n 
A 1 44  ALA 44  66  66  ALA ALA A . n 
A 1 45  ARG 45  67  67  ARG ARG A . n 
A 1 46  ILE 46  80  80  ILE ILE A . n 
A 1 47  GLY 47  81  81  GLY GLY A . n 
A 1 48  GLY 48  82  82  GLY GLY A . n 
A 1 49  ALA 49  83  83  ALA ALA A . n 
A 1 50  VAL 50  84  84  VAL VAL A . n 
A 1 51  VAL 51  85  85  VAL VAL A . n 
A 1 52  GLY 52  86  86  GLY GLY A . n 
A 1 53  THR 53  87  87  THR THR A . n 
A 1 54  PHE 54  88  88  PHE PHE A . n 
A 1 55  ALA 55  89  89  ALA ALA A . n 
A 1 56  ALA 56  90  90  ALA ALA A . n 
A 1 57  ARG 57  91  91  ARG ARG A . n 
A 1 58  VAL 58  93  93  VAL VAL A . n 
A 1 59  PHE 59  94  94  PHE PHE A . n 
A 1 60  PRO 60  99  99  PRO PRO A A n 
A 1 61  GLY 61  100 100 GLY GLY A . n 
A 1 62  ASN 62  101 101 ASN ASN A . n 
A 1 63  ASP 63  102 102 ASP ASP A . n 
A 1 64  ARG 64  103 103 ARG ARG A . n 
A 1 65  ALA 65  104 104 ALA ALA A . n 
A 1 66  TRP 66  105 105 TRP TRP A . n 
A 1 67  VAL 67  106 106 VAL VAL A . n 
A 1 68  SER 68  107 107 SER SER A . n 
A 1 69  LEU 69  108 108 LEU LEU A . n 
A 1 70  THR 70  109 109 THR THR A . n 
A 1 71  SER 71  110 110 SER SER A . n 
A 1 72  ALA 72  111 111 ALA ALA A . n 
A 1 73  GLN 73  112 112 GLN GLN A . n 
A 1 74  THR 74  113 113 THR THR A . n 
A 1 75  LEU 75  114 114 LEU LEU A . n 
A 1 76  LEU 76  115 115 LEU LEU A . n 
A 1 77  PRO 77  116 116 PRO PRO A . n 
A 1 78  ARG 78  117 117 ARG ARG A . n 
A 1 79  VAL 79  118 118 VAL VAL A . n 
A 1 80  ALA 80  119 119 ALA ALA A . n 
A 1 81  ASN 81  120 120 ASN ASN A . n 
A 1 82  GLY 82  120 120 GLY GLY A B n 
A 1 83  SER 83  120 120 SER SER A C n 
A 1 84  SER 84  120 120 SER SER A D n 
A 1 85  PHE 85  121 121 PHE PHE A . n 
A 1 86  VAL 86  122 122 VAL VAL A . n 
A 1 87  THR 87  123 123 THR THR A . n 
A 1 88  VAL 88  124 124 VAL VAL A . n 
A 1 89  ARG 89  125 125 ARG ARG A . n 
A 1 90  GLY 90  126 126 GLY GLY A . n 
A 1 91  SER 91  127 127 SER SER A . n 
A 1 92  THR 92  128 128 THR THR A . n 
A 1 93  GLU 93  129 129 GLU GLU A . n 
A 1 94  ALA 94  130 130 ALA ALA A . n 
A 1 95  ALA 95  131 131 ALA ALA A . n 
A 1 96  VAL 96  132 132 VAL VAL A . n 
A 1 97  GLY 97  133 133 GLY GLY A . n 
A 1 98  ALA 98  134 134 ALA ALA A . n 
A 1 99  ALA 99  135 135 ALA ALA A . n 
A 1 100 VAL 100 136 136 VAL VAL A . n 
A 1 101 CYS 101 137 137 CYS CYS A . n 
A 1 102 ARG 102 138 138 ARG ARG A . n 
A 1 103 SER 103 139 139 SER SER A . n 
A 1 104 GLY 104 140 140 GLY GLY A . n 
A 1 105 ARG 105 141 141 ARG ARG A . n 
A 1 106 THR 106 142 142 THR THR A . n 
A 1 107 THR 107 143 143 THR THR A . n 
A 1 108 GLY 108 156 156 GLY GLY A . n 
A 1 109 TYR 109 157 157 TYR TYR A . n 
A 1 110 GLN 110 158 158 GLN GLN A . n 
A 1 111 CYS 111 159 159 CYS CYS A . n 
A 1 112 GLY 112 160 160 GLY GLY A . n 
A 1 113 THR 113 161 161 THR THR A . n 
A 1 114 ILE 114 162 162 ILE ILE A . n 
A 1 115 THR 115 163 163 THR THR A . n 
A 1 116 ALA 116 164 164 ALA ALA A . n 
A 1 117 LYS 117 165 165 LYS LYS A . n 
A 1 118 ASN 118 166 166 ASN ASN A . n 
A 1 119 VAL 119 167 167 VAL VAL A . n 
A 1 120 THR 120 168 168 THR THR A . n 
A 1 121 ALA 121 169 169 ALA ALA A . n 
A 1 122 ASN 122 170 170 ASN ASN A . n 
A 1 123 TYR 123 171 171 TYR TYR A . n 
A 1 124 ALA 124 172 172 ALA ALA A . n 
A 1 125 GLU 125 174 174 GLU GLU A . n 
A 1 126 GLY 126 175 175 GLY GLY A . n 
A 1 127 ALA 127 176 176 ALA ALA A . n 
A 1 128 VAL 128 177 177 VAL VAL A . n 
A 1 129 ARG 129 178 178 ARG ARG A . n 
A 1 130 GLY 130 179 179 GLY GLY A . n 
A 1 131 LEU 131 180 180 LEU LEU A . n 
A 1 132 THR 132 181 181 THR THR A . n 
A 1 133 GLN 133 182 182 GLN GLN A . n 
A 1 134 GLY 134 183 183 GLY GLY A . n 
A 1 135 ASN 135 184 184 ASN ASN A . n 
A 1 136 ALA 136 190 190 ALA ALA A . n 
A 1 137 CYS 137 191 191 CYS CYS A . n 
A 1 138 MET 138 192 192 MET MET A . n 
A 1 139 GLY 139 192 192 GLY GLY A A n 
A 1 140 ARG 140 192 192 ARG ARG A B n 
A 1 141 GLY 141 193 193 GLY GLY A . n 
A 1 142 ASP 142 194 194 ASP ASP A . n 
A 1 143 SER 143 195 195 SER SER A . n 
A 1 144 GLY 144 196 196 GLY GLY A . n 
A 1 145 GLY 145 197 197 GLY GLY A . n 
A 1 146 SER 146 198 198 SER SER A . n 
A 1 147 TRP 147 199 199 TRP TRP A . n 
A 1 148 ILE 148 200 200 ILE ILE A . n 
A 1 149 THR 149 201 201 THR THR A . n 
A 1 150 SER 150 202 202 SER SER A . n 
A 1 151 ALA 151 203 203 ALA ALA A . n 
A 1 152 GLY 152 207 207 GLY GLY A . n 
A 1 153 GLN 153 208 208 GLN GLN A . n 
A 1 154 ALA 154 209 209 ALA ALA A . n 
A 1 155 GLN 155 210 210 GLN GLN A . n 
A 1 156 GLY 156 211 211 GLY GLY A . n 
A 1 157 VAL 157 212 212 VAL VAL A . n 
A 1 158 ALA 158 213 213 ALA ALA A . n 
A 1 159 SER 159 214 214 SER SER A . n 
A 1 160 GLY 160 215 215 GLY GLY A . n 
A 1 161 GLY 161 216 216 GLY GLY A . n 
A 1 162 ASN 162 217 217 ASN ASN A . n 
A 1 163 VAL 163 217 217 VAL VAL A A n 
A 1 164 GLN 164 217 217 GLN GLN A B n 
A 1 165 SER 165 217 217 SER SER A C n 
A 1 166 ASN 166 217 217 ASN ASN A D n 
A 1 167 GLY 167 217 217 GLY GLY A E n 
A 1 168 ASN 168 218 218 ASN ASN A . n 
A 1 169 ASN 169 219 219 ASN ASN A . n 
A 1 170 CYS 170 220 220 CYS CYS A . n 
A 1 171 GLY 171 221 221 GLY GLY A . n 
A 1 172 ILE 172 221 221 ILE ILE A A n 
A 1 173 PRO 173 221 221 PRO PRO A B n 
A 1 174 ALA 174 221 221 ALA ALA A C n 
A 1 175 SER 175 222 222 SER SER A . n 
A 1 176 GLN 176 223 223 GLN GLN A . n 
A 1 177 ARG 177 224 224 ARG ARG A . n 
A 1 178 SER 178 225 225 SER SER A . n 
A 1 179 SER 179 226 226 SER SER A . n 
A 1 180 LEU 180 227 227 LEU LEU A . n 
A 1 181 PHE 181 228 228 PHE PHE A . n 
A 1 182 GLU 182 229 229 GLU GLU A . n 
A 1 183 ARG 183 230 230 ARG ARG A . n 
A 1 184 LEU 184 231 231 LEU LEU A . n 
A 1 185 GLN 185 232 232 GLN GLN A . n 
A 1 186 PRO 186 233 233 PRO PRO A . n 
A 1 187 ILE 187 234 234 ILE ILE A . n 
A 1 188 LEU 188 235 235 LEU LEU A . n 
A 1 189 SER 189 235 235 SER SER A A n 
A 1 190 GLN 190 236 236 GLN GLN A . n 
A 1 191 TYR 191 237 237 TYR TYR A . n 
A 1 192 GLY 192 238 238 GLY GLY A . n 
A 1 193 LEU 193 239 239 LEU LEU A . n 
A 1 194 SER 194 240 240 SER SER A . n 
A 1 195 LEU 195 241 241 LEU LEU A . n 
A 1 196 VAL 196 242 242 VAL VAL A . n 
A 1 197 THR 197 243 243 THR THR A . n 
A 1 198 GLY 198 244 244 GLY GLY A . n 
B 2 1   MSU 1   5   ?   ?   ?   P . n 
B 2 2   ALA 2   4   4   ALA ALA P . n 
B 2 3   ALA 3   3   3   ALA ALA P . n 
B 2 4   PRO 4   2   2   PRO PRO P . n 
B 2 5   BLE 5   1   1   BLE BLE P . n 
# 
loop_
_pdbx_nonpoly_scheme.asym_id 
_pdbx_nonpoly_scheme.entity_id 
_pdbx_nonpoly_scheme.mon_id 
_pdbx_nonpoly_scheme.ndb_seq_num 
_pdbx_nonpoly_scheme.pdb_seq_num 
_pdbx_nonpoly_scheme.auth_seq_num 
_pdbx_nonpoly_scheme.pdb_mon_id 
_pdbx_nonpoly_scheme.auth_mon_id 
_pdbx_nonpoly_scheme.pdb_strand_id 
_pdbx_nonpoly_scheme.pdb_ins_code 
C 3 SO4 1   1   1   SO4 SO4 A . 
D 4 HOH 1   245 2   HOH HOH A . 
D 4 HOH 2   246 3   HOH HOH A . 
D 4 HOH 3   247 4   HOH HOH A . 
D 4 HOH 4   248 5   HOH HOH A . 
D 4 HOH 5   249 6   HOH HOH A . 
D 4 HOH 6   250 7   HOH HOH A . 
D 4 HOH 7   251 8   HOH HOH A . 
D 4 HOH 8   252 9   HOH HOH A . 
D 4 HOH 9   253 10  HOH HOH A . 
D 4 HOH 10  254 11  HOH HOH A . 
D 4 HOH 11  255 12  HOH HOH A . 
D 4 HOH 12  256 13  HOH HOH A . 
D 4 HOH 13  257 14  HOH HOH A . 
D 4 HOH 14  258 15  HOH HOH A . 
D 4 HOH 15  259 16  HOH HOH A . 
D 4 HOH 16  260 17  HOH HOH A . 
D 4 HOH 17  261 18  HOH HOH A . 
D 4 HOH 18  262 19  HOH HOH A . 
D 4 HOH 19  263 20  HOH HOH A . 
D 4 HOH 20  264 21  HOH HOH A . 
D 4 HOH 21  265 22  HOH HOH A . 
D 4 HOH 22  266 23  HOH HOH A . 
D 4 HOH 23  267 24  HOH HOH A . 
D 4 HOH 24  268 25  HOH HOH A . 
D 4 HOH 25  269 26  HOH HOH A . 
D 4 HOH 26  270 27  HOH HOH A . 
D 4 HOH 27  271 28  HOH HOH A . 
D 4 HOH 28  272 29  HOH HOH A . 
D 4 HOH 29  273 30  HOH HOH A . 
D 4 HOH 30  274 31  HOH HOH A . 
D 4 HOH 31  275 32  HOH HOH A . 
D 4 HOH 32  276 33  HOH HOH A . 
D 4 HOH 33  277 34  HOH HOH A . 
D 4 HOH 34  278 35  HOH HOH A . 
D 4 HOH 35  279 36  HOH HOH A . 
D 4 HOH 36  280 37  HOH HOH A . 
D 4 HOH 37  281 38  HOH HOH A . 
D 4 HOH 38  282 39  HOH HOH A . 
D 4 HOH 39  283 40  HOH HOH A . 
D 4 HOH 40  284 41  HOH HOH A . 
D 4 HOH 41  285 42  HOH HOH A . 
D 4 HOH 42  286 43  HOH HOH A . 
D 4 HOH 43  287 44  HOH HOH A . 
D 4 HOH 44  288 45  HOH HOH A . 
D 4 HOH 45  289 46  HOH HOH A . 
D 4 HOH 46  290 47  HOH HOH A . 
D 4 HOH 47  291 48  HOH HOH A . 
D 4 HOH 48  292 49  HOH HOH A . 
D 4 HOH 49  293 50  HOH HOH A . 
D 4 HOH 50  294 51  HOH HOH A . 
D 4 HOH 51  295 52  HOH HOH A . 
D 4 HOH 52  296 53  HOH HOH A . 
D 4 HOH 53  297 54  HOH HOH A . 
D 4 HOH 54  298 55  HOH HOH A . 
D 4 HOH 55  299 56  HOH HOH A . 
D 4 HOH 56  300 57  HOH HOH A . 
D 4 HOH 57  301 58  HOH HOH A . 
D 4 HOH 58  302 59  HOH HOH A . 
D 4 HOH 59  303 60  HOH HOH A . 
D 4 HOH 60  304 61  HOH HOH A . 
D 4 HOH 61  305 62  HOH HOH A . 
D 4 HOH 62  306 63  HOH HOH A . 
D 4 HOH 63  307 64  HOH HOH A . 
D 4 HOH 64  308 65  HOH HOH A . 
D 4 HOH 65  309 66  HOH HOH A . 
D 4 HOH 66  310 67  HOH HOH A . 
D 4 HOH 67  311 68  HOH HOH A . 
D 4 HOH 68  312 69  HOH HOH A . 
D 4 HOH 69  313 70  HOH HOH A . 
D 4 HOH 70  314 71  HOH HOH A . 
D 4 HOH 71  315 72  HOH HOH A . 
D 4 HOH 72  316 73  HOH HOH A . 
D 4 HOH 73  317 74  HOH HOH A . 
D 4 HOH 74  318 75  HOH HOH A . 
D 4 HOH 75  319 76  HOH HOH A . 
D 4 HOH 76  320 77  HOH HOH A . 
D 4 HOH 77  321 78  HOH HOH A . 
D 4 HOH 78  322 79  HOH HOH A . 
D 4 HOH 79  323 80  HOH HOH A . 
D 4 HOH 80  324 81  HOH HOH A . 
D 4 HOH 81  325 82  HOH HOH A . 
D 4 HOH 82  326 83  HOH HOH A . 
D 4 HOH 83  327 84  HOH HOH A . 
D 4 HOH 84  328 85  HOH HOH A . 
D 4 HOH 85  329 87  HOH HOH A . 
D 4 HOH 86  330 88  HOH HOH A . 
D 4 HOH 87  331 90  HOH HOH A . 
D 4 HOH 88  332 91  HOH HOH A . 
D 4 HOH 89  333 92  HOH HOH A . 
D 4 HOH 90  334 93  HOH HOH A . 
D 4 HOH 91  335 94  HOH HOH A . 
D 4 HOH 92  336 95  HOH HOH A . 
D 4 HOH 93  337 96  HOH HOH A . 
D 4 HOH 94  338 97  HOH HOH A . 
D 4 HOH 95  339 98  HOH HOH A . 
D 4 HOH 96  340 99  HOH HOH A . 
D 4 HOH 97  341 100 HOH HOH A . 
D 4 HOH 98  342 101 HOH HOH A . 
D 4 HOH 99  343 103 HOH HOH A . 
D 4 HOH 100 344 104 HOH HOH A . 
D 4 HOH 101 345 105 HOH HOH A . 
D 4 HOH 102 346 106 HOH HOH A . 
D 4 HOH 103 347 107 HOH HOH A . 
D 4 HOH 104 348 108 HOH HOH A . 
D 4 HOH 105 349 109 HOH HOH A . 
D 4 HOH 106 350 110 HOH HOH A . 
D 4 HOH 107 351 111 HOH HOH A . 
D 4 HOH 108 352 112 HOH HOH A . 
D 4 HOH 109 353 113 HOH HOH A . 
D 4 HOH 110 354 114 HOH HOH A . 
D 4 HOH 111 355 115 HOH HOH A . 
D 4 HOH 112 356 116 HOH HOH A . 
D 4 HOH 113 357 117 HOH HOH A . 
D 4 HOH 114 358 118 HOH HOH A . 
D 4 HOH 115 359 119 HOH HOH A . 
D 4 HOH 116 360 120 HOH HOH A . 
D 4 HOH 117 361 121 HOH HOH A . 
D 4 HOH 118 362 122 HOH HOH A . 
D 4 HOH 119 363 123 HOH HOH A . 
D 4 HOH 120 364 124 HOH HOH A . 
D 4 HOH 121 365 125 HOH HOH A . 
D 4 HOH 122 366 126 HOH HOH A . 
D 4 HOH 123 367 127 HOH HOH A . 
D 4 HOH 124 368 128 HOH HOH A . 
D 4 HOH 125 369 129 HOH HOH A . 
D 4 HOH 126 370 130 HOH HOH A . 
D 4 HOH 127 371 131 HOH HOH A . 
D 4 HOH 128 372 132 HOH HOH A . 
D 4 HOH 129 373 133 HOH HOH A . 
D 4 HOH 130 374 134 HOH HOH A . 
D 4 HOH 131 375 135 HOH HOH A . 
D 4 HOH 132 376 136 HOH HOH A . 
D 4 HOH 133 377 137 HOH HOH A . 
D 4 HOH 134 378 138 HOH HOH A . 
D 4 HOH 135 379 139 HOH HOH A . 
D 4 HOH 136 380 140 HOH HOH A . 
D 4 HOH 137 381 141 HOH HOH A . 
D 4 HOH 138 382 142 HOH HOH A . 
D 4 HOH 139 383 143 HOH HOH A . 
D 4 HOH 140 384 144 HOH HOH A . 
D 4 HOH 141 385 145 HOH HOH A . 
D 4 HOH 142 386 146 HOH HOH A . 
D 4 HOH 143 387 147 HOH HOH A . 
D 4 HOH 144 388 148 HOH HOH A . 
D 4 HOH 145 389 149 HOH HOH A . 
D 4 HOH 146 390 150 HOH HOH A . 
E 4 HOH 1   86  86  HOH HOH P . 
E 4 HOH 2   89  89  HOH HOH P . 
E 4 HOH 3   102 102 HOH HOH P . 
# 
_software.name             PROLSQ 
_software.classification   refinement 
_software.version          . 
_software.citation_id      ? 
_software.pdbx_ordinal     1 
# 
_cell.entry_id           7LPR 
_cell.length_a           66.310 
_cell.length_b           66.310 
_cell.length_c           80.310 
_cell.angle_alpha        90.00 
_cell.angle_beta         90.00 
_cell.angle_gamma        120.00 
_cell.Z_PDB              6 
_cell.pdbx_unique_axis   ? 
_cell.length_a_esd       ? 
_cell.length_b_esd       ? 
_cell.length_c_esd       ? 
_cell.angle_alpha_esd    ? 
_cell.angle_beta_esd     ? 
_cell.angle_gamma_esd    ? 
# 
_symmetry.entry_id                         7LPR 
_symmetry.space_group_name_H-M             'P 32 2 1' 
_symmetry.pdbx_full_space_group_name_H-M   ? 
_symmetry.cell_setting                     ? 
_symmetry.Int_Tables_number                154 
_symmetry.space_group_name_Hall            ? 
# 
_exptl.entry_id          7LPR 
_exptl.method            'X-RAY DIFFRACTION' 
_exptl.crystals_number   ? 
# 
_exptl_crystal.id                    1 
_exptl_crystal.density_meas          ? 
_exptl_crystal.density_Matthews      2.51 
_exptl_crystal.density_percent_sol   51.00 
_exptl_crystal.description           ? 
_exptl_crystal.F_000                 ? 
_exptl_crystal.preparation           ? 
# 
_diffrn.id                     1 
_diffrn.ambient_temp           ? 
_diffrn.ambient_temp_details   ? 
_diffrn.crystal_id             1 
# 
_diffrn_radiation.diffrn_id                        1 
_diffrn_radiation.wavelength_id                    1 
_diffrn_radiation.monochromator                    ? 
_diffrn_radiation.pdbx_monochromatic_or_laue_m_l   ? 
_diffrn_radiation.pdbx_diffrn_protocol             ? 
_diffrn_radiation.pdbx_scattering_type             x-ray 
# 
_diffrn_radiation_wavelength.id           1 
_diffrn_radiation_wavelength.wavelength   . 
_diffrn_radiation_wavelength.wt           1.0 
# 
_reflns.entry_id                     7LPR 
_reflns.number_all                   ? 
_reflns.number_obs                   ? 
_reflns.percent_possible_obs         ? 
_reflns.observed_criterion_sigma_F   ? 
_reflns.observed_criterion_sigma_I   ? 
_reflns.d_resolution_high            2.05 
_reflns.d_resolution_low             ? 
_reflns.pdbx_Rmerge_I_obs            ? 
_reflns.pdbx_Rsym_value              ? 
_reflns.pdbx_netI_over_sigmaI        ? 
_reflns.B_iso_Wilson_estimate        ? 
_reflns.pdbx_redundancy              ? 
_reflns.R_free_details               ? 
_reflns.limit_h_max                  ? 
_reflns.limit_h_min                  ? 
_reflns.limit_k_max                  ? 
_reflns.limit_k_min                  ? 
_reflns.limit_l_max                  ? 
_reflns.limit_l_min                  ? 
_reflns.observed_criterion_F_max     ? 
_reflns.observed_criterion_F_min     ? 
_reflns.pdbx_chi_squared             ? 
_reflns.pdbx_scaling_rejects         ? 
_reflns.pdbx_ordinal                 1 
_reflns.pdbx_diffrn_id               1 
# 
_refine.entry_id                                 7LPR 
_refine.ls_number_reflns_obs                     ? 
_refine.ls_number_reflns_all                     ? 
_refine.pdbx_ls_sigma_I                          ? 
_refine.pdbx_ls_sigma_F                          ? 
_refine.pdbx_data_cutoff_high_absF               ? 
_refine.pdbx_data_cutoff_low_absF                ? 
_refine.pdbx_data_cutoff_high_rms_absF           ? 
_refine.ls_d_res_low                             ? 
_refine.ls_d_res_high                            2.05 
_refine.ls_percent_reflns_obs                    ? 
_refine.ls_R_factor_obs                          0.136 
_refine.ls_R_factor_all                          ? 
_refine.ls_R_factor_R_work                       ? 
_refine.ls_R_factor_R_free                       ? 
_refine.ls_R_factor_R_free_error                 ? 
_refine.ls_R_factor_R_free_error_details         ? 
_refine.ls_percent_reflns_R_free                 ? 
_refine.ls_number_reflns_R_free                  ? 
_refine.ls_number_parameters                     ? 
_refine.ls_number_restraints                     ? 
_refine.occupancy_min                            ? 
_refine.occupancy_max                            ? 
_refine.B_iso_mean                               ? 
_refine.aniso_B[1][1]                            ? 
_refine.aniso_B[2][2]                            ? 
_refine.aniso_B[3][3]                            ? 
_refine.aniso_B[1][2]                            ? 
_refine.aniso_B[1][3]                            ? 
_refine.aniso_B[2][3]                            ? 
_refine.solvent_model_details                    ? 
_refine.solvent_model_param_ksol                 ? 
_refine.solvent_model_param_bsol                 ? 
_refine.pdbx_ls_cross_valid_method               ? 
_refine.details                                  
'THE METHOXYSUCCINYL PORTION OF THE INHIBITOR WAS DISORDERED AND NO COORDINATES ARE INCLUDED FOR IT IN THIS ENTRY' 
_refine.pdbx_starting_model                      ? 
_refine.pdbx_method_to_determine_struct          ? 
_refine.pdbx_isotropic_thermal_model             ? 
_refine.pdbx_stereochemistry_target_values       ? 
_refine.pdbx_stereochem_target_val_spec_case     ? 
_refine.pdbx_R_Free_selection_details            ? 
_refine.pdbx_overall_ESU_R_Free                  ? 
_refine.overall_SU_ML                            ? 
_refine.overall_SU_B                             ? 
_refine.pdbx_refine_id                           'X-RAY DIFFRACTION' 
_refine.ls_redundancy_reflns_obs                 ? 
_refine.pdbx_overall_phase_error                 ? 
_refine.B_iso_min                                ? 
_refine.B_iso_max                                ? 
_refine.correlation_coeff_Fo_to_Fc               ? 
_refine.correlation_coeff_Fo_to_Fc_free          ? 
_refine.pdbx_solvent_vdw_probe_radii             ? 
_refine.pdbx_solvent_ion_probe_radii             ? 
_refine.pdbx_solvent_shrinkage_radii             ? 
_refine.overall_SU_R_Cruickshank_DPI             ? 
_refine.overall_SU_R_free                        ? 
_refine.ls_wR_factor_R_free                      ? 
_refine.ls_wR_factor_R_work                      ? 
_refine.overall_FOM_free_R_set                   ? 
_refine.overall_FOM_work_R_set                   ? 
_refine.pdbx_overall_ESU_R                       ? 
_refine.pdbx_diffrn_id                           1 
_refine.pdbx_TLS_residual_ADP_flag               ? 
_refine.pdbx_overall_SU_R_free_Cruickshank_DPI   ? 
_refine.pdbx_overall_SU_R_Blow_DPI               ? 
_refine.pdbx_overall_SU_R_free_Blow_DPI          ? 
# 
_refine_hist.pdbx_refine_id                   'X-RAY DIFFRACTION' 
_refine_hist.cycle_id                         LAST 
_refine_hist.pdbx_number_atoms_protein        1414 
_refine_hist.pdbx_number_atoms_nucleic_acid   0 
_refine_hist.pdbx_number_atoms_ligand         5 
_refine_hist.number_atoms_solvent             149 
_refine_hist.number_atoms_total               1568 
_refine_hist.d_res_high                       2.05 
_refine_hist.d_res_low                        . 
# 
loop_
_refine_ls_restr.type 
_refine_ls_restr.dev_ideal 
_refine_ls_restr.dev_ideal_target 
_refine_ls_restr.weight 
_refine_ls_restr.number 
_refine_ls_restr.pdbx_refine_id 
_refine_ls_restr.pdbx_restraint_function 
p_bond_d            0.019 ? ? ? 'X-RAY DIFFRACTION' ? 
p_angle_d           0.057 ? ? ? 'X-RAY DIFFRACTION' ? 
p_angle_deg         ?     ? ? ? 'X-RAY DIFFRACTION' ? 
p_planar_d          ?     ? ? ? 'X-RAY DIFFRACTION' ? 
p_hb_or_metal_coord ?     ? ? ? 'X-RAY DIFFRACTION' ? 
p_mcbond_it         ?     ? ? ? 'X-RAY DIFFRACTION' ? 
p_mcangle_it        ?     ? ? ? 'X-RAY DIFFRACTION' ? 
p_scbond_it         ?     ? ? ? 'X-RAY DIFFRACTION' ? 
p_scangle_it        ?     ? ? ? 'X-RAY DIFFRACTION' ? 
p_plane_restr       ?     ? ? ? 'X-RAY DIFFRACTION' ? 
p_chiral_restr      ?     ? ? ? 'X-RAY DIFFRACTION' ? 
p_singtor_nbd       ?     ? ? ? 'X-RAY DIFFRACTION' ? 
p_multtor_nbd       ?     ? ? ? 'X-RAY DIFFRACTION' ? 
p_xhyhbond_nbd      ?     ? ? ? 'X-RAY DIFFRACTION' ? 
p_xyhbond_nbd       ?     ? ? ? 'X-RAY DIFFRACTION' ? 
p_planar_tor        ?     ? ? ? 'X-RAY DIFFRACTION' ? 
p_staggered_tor     ?     ? ? ? 'X-RAY DIFFRACTION' ? 
p_orthonormal_tor   ?     ? ? ? 'X-RAY DIFFRACTION' ? 
p_transverse_tor    ?     ? ? ? 'X-RAY DIFFRACTION' ? 
p_special_tor       ?     ? ? ? 'X-RAY DIFFRACTION' ? 
# 
_struct.entry_id                  7LPR 
_struct.title                     'STRUCTURAL BASIS FOR BROAD SPECIFICITY IN ALPHA-LYTIC PROTEASE MUTANTS' 
_struct.pdbx_model_details        ? 
_struct.pdbx_CASP_flag            ? 
_struct.pdbx_model_type_details   ? 
# 
_struct_keywords.entry_id        7LPR 
_struct_keywords.pdbx_keywords   'HYDROLASE/HYDROLASE INHIBITOR' 
_struct_keywords.text            'SERINE PROTEINASE, HYDROLASE-HYDROLASE INHIBITOR COMPLEX' 
# 
loop_
_struct_asym.id 
_struct_asym.pdbx_blank_PDB_chainid_flag 
_struct_asym.pdbx_modified 
_struct_asym.entity_id 
_struct_asym.details 
A N N 1 ? 
B N N 2 ? 
C N N 3 ? 
D N N 4 ? 
E N N 4 ? 
# 
loop_
_struct_ref.id 
_struct_ref.db_name 
_struct_ref.db_code 
_struct_ref.entity_id 
_struct_ref.pdbx_db_accession 
_struct_ref.pdbx_align_begin 
_struct_ref.pdbx_seq_one_letter_code 
_struct_ref.pdbx_db_isoform 
1 UNP PRLA_LYSEN 1 P00778 1 
;MYVSNHRSRRVARVSVSCLVAALAAMSCGAALAADQVDPQLKFAMQRDLGIFPTQLPQYLQTEKLARTQAAAIEREFGAQ
FAGSWIERNEDGSFKLVAATSGARKSSTLGGVEVRNVRYSLKQLQSAMEQLDAGANARVKGVSKPLDGVQSWYVDPRSNA
VVVKVDDGATEAGVDFVALSGADSAQVRIESSPGKLQTTANIVGGIEYSINNASLCSVGFSVTRGATKGFVTAGHCGTVN
ATARIGGAVVGTFAARVFPGNDRAWVSLTSAQTLLPRVANGSSFVTVRGSTEAAVGAAVCRSGRTTGYQCGTITAKNVTA
NYAEGAVRGLTQGNACMGRGDSGGSWITSAGQAQGVMSGGNVQSNGNNCGIPASQRSSLFERLQPILSQYGLSLVTG
;
? 
2 PDB 7LPR       2 7LPR   1 '(MSU)AAP(BLE)' ? 
# 
loop_
_struct_ref_seq.align_id 
_struct_ref_seq.ref_id 
_struct_ref_seq.pdbx_PDB_id_code 
_struct_ref_seq.pdbx_strand_id 
_struct_ref_seq.seq_align_beg 
_struct_ref_seq.pdbx_seq_align_beg_ins_code 
_struct_ref_seq.seq_align_end 
_struct_ref_seq.pdbx_seq_align_end_ins_code 
_struct_ref_seq.pdbx_db_accession 
_struct_ref_seq.db_align_beg 
_struct_ref_seq.pdbx_db_align_beg_ins_code 
_struct_ref_seq.db_align_end 
_struct_ref_seq.pdbx_db_align_end_ins_code 
_struct_ref_seq.pdbx_auth_seq_align_beg 
_struct_ref_seq.pdbx_auth_seq_align_end 
1 1 7LPR A 1 A 198 ? P00778 200 ? 397 ? 15 244 
2 2 7LPR P 5 ? 1   ? 7LPR   1   ? 5   ? 1  5   
# 
_struct_ref_seq_dif.align_id                     1 
_struct_ref_seq_dif.pdbx_pdb_id_code             7LPR 
_struct_ref_seq_dif.mon_id                       ALA 
_struct_ref_seq_dif.pdbx_pdb_strand_id           A 
_struct_ref_seq_dif.seq_num                      158 
_struct_ref_seq_dif.pdbx_pdb_ins_code            ? 
_struct_ref_seq_dif.pdbx_seq_db_name             UNP 
_struct_ref_seq_dif.pdbx_seq_db_accession_code   P00778 
_struct_ref_seq_dif.db_mon_id                    MET 
_struct_ref_seq_dif.pdbx_seq_db_seq_num          357 
_struct_ref_seq_dif.details                      conflict 
_struct_ref_seq_dif.pdbx_auth_seq_num            213 
_struct_ref_seq_dif.pdbx_ordinal                 1 
# 
_pdbx_struct_assembly.id                   1 
_pdbx_struct_assembly.details              author_and_software_defined_assembly 
_pdbx_struct_assembly.method_details       PISA 
_pdbx_struct_assembly.oligomeric_details   dimeric 
_pdbx_struct_assembly.oligomeric_count     2 
# 
loop_
_pdbx_struct_assembly_prop.biol_id 
_pdbx_struct_assembly_prop.type 
_pdbx_struct_assembly_prop.value 
_pdbx_struct_assembly_prop.details 
1 'ABSA (A^2)' 1040 ? 
1 MORE         -16  ? 
1 'SSA (A^2)'  7740 ? 
# 
_pdbx_struct_assembly_gen.assembly_id       1 
_pdbx_struct_assembly_gen.oper_expression   1 
_pdbx_struct_assembly_gen.asym_id_list      A,B,C,D,E 
# 
_pdbx_struct_oper_list.id                   1 
_pdbx_struct_oper_list.type                 'identity operation' 
_pdbx_struct_oper_list.name                 1_555 
_pdbx_struct_oper_list.symmetry_operation   x,y,z 
_pdbx_struct_oper_list.matrix[1][1]         1.0000000000 
_pdbx_struct_oper_list.matrix[1][2]         0.0000000000 
_pdbx_struct_oper_list.matrix[1][3]         0.0000000000 
_pdbx_struct_oper_list.vector[1]            0.0000000000 
_pdbx_struct_oper_list.matrix[2][1]         0.0000000000 
_pdbx_struct_oper_list.matrix[2][2]         1.0000000000 
_pdbx_struct_oper_list.matrix[2][3]         0.0000000000 
_pdbx_struct_oper_list.vector[2]            0.0000000000 
_pdbx_struct_oper_list.matrix[3][1]         0.0000000000 
_pdbx_struct_oper_list.matrix[3][2]         0.0000000000 
_pdbx_struct_oper_list.matrix[3][3]         1.0000000000 
_pdbx_struct_oper_list.vector[3]            0.0000000000 
# 
_struct_biol.id        1 
_struct_biol.details   ? 
# 
loop_
_struct_conf.conf_type_id 
_struct_conf.id 
_struct_conf.pdbx_PDB_helix_id 
_struct_conf.beg_label_comp_id 
_struct_conf.beg_label_asym_id 
_struct_conf.beg_label_seq_id 
_struct_conf.pdbx_beg_PDB_ins_code 
_struct_conf.end_label_comp_id 
_struct_conf.end_label_asym_id 
_struct_conf.end_label_seq_id 
_struct_conf.pdbx_end_PDB_ins_code 
_struct_conf.beg_auth_comp_id 
_struct_conf.beg_auth_asym_id 
_struct_conf.beg_auth_seq_id 
_struct_conf.end_auth_comp_id 
_struct_conf.end_auth_asym_id 
_struct_conf.end_auth_seq_id 
_struct_conf.pdbx_PDB_helix_class 
_struct_conf.details 
_struct_conf.pdbx_PDB_helix_length 
HELX_P HELX_P1 1 ALA A 34  ? GLY A 38  ? ALA A 55  GLY A 59  5 ? 5 
HELX_P HELX_P2 2 PRO A 173 B ARG A 177 ? PRO A 221 ARG A 224 5 ? 5 
HELX_P HELX_P3 3 LEU A 184 ? GLY A 192 ? LEU A 231 GLY A 238 1 ? 9 
# 
_struct_conf_type.id          HELX_P 
_struct_conf_type.criteria    ? 
_struct_conf_type.reference   ? 
# 
loop_
_struct_conn.id 
_struct_conn.conn_type_id 
_struct_conn.pdbx_leaving_atom_flag 
_struct_conn.pdbx_PDB_id 
_struct_conn.ptnr1_label_asym_id 
_struct_conn.ptnr1_label_comp_id 
_struct_conn.ptnr1_label_seq_id 
_struct_conn.ptnr1_label_atom_id 
_struct_conn.pdbx_ptnr1_label_alt_id 
_struct_conn.pdbx_ptnr1_PDB_ins_code 
_struct_conn.pdbx_ptnr1_standard_comp_id 
_struct_conn.ptnr1_symmetry 
_struct_conn.ptnr2_label_asym_id 
_struct_conn.ptnr2_label_comp_id 
_struct_conn.ptnr2_label_seq_id 
_struct_conn.ptnr2_label_atom_id 
_struct_conn.pdbx_ptnr2_label_alt_id 
_struct_conn.pdbx_ptnr2_PDB_ins_code 
_struct_conn.ptnr1_auth_asym_id 
_struct_conn.ptnr1_auth_comp_id 
_struct_conn.ptnr1_auth_seq_id 
_struct_conn.ptnr2_auth_asym_id 
_struct_conn.ptnr2_auth_comp_id 
_struct_conn.ptnr2_auth_seq_id 
_struct_conn.ptnr2_symmetry 
_struct_conn.pdbx_ptnr3_label_atom_id 
_struct_conn.pdbx_ptnr3_label_seq_id 
_struct_conn.pdbx_ptnr3_label_comp_id 
_struct_conn.pdbx_ptnr3_label_asym_id 
_struct_conn.pdbx_ptnr3_label_alt_id 
_struct_conn.pdbx_ptnr3_PDB_ins_code 
_struct_conn.details 
_struct_conn.pdbx_dist_value 
_struct_conn.pdbx_value_order 
_struct_conn.pdbx_role 
disulf1 disulf ?    ? A CYS 17  SG ? ? ? 1_555 A CYS 37  SG ? ? A CYS 42  A CYS 58  1_555 ? ? ? ? ? ? ? 2.076 ? ? 
disulf2 disulf ?    ? A CYS 101 SG ? ? ? 1_555 A CYS 111 SG ? ? A CYS 137 A CYS 159 1_555 ? ? ? ? ? ? ? 2.058 ? ? 
disulf3 disulf ?    ? A CYS 137 SG ? ? ? 1_555 A CYS 170 SG ? ? A CYS 191 A CYS 220 1_555 ? ? ? ? ? ? ? 2.019 ? ? 
covale1 covale none ? A SER 143 OG ? ? ? 1_555 B BLE 5   B  ? ? A SER 195 P BLE 1   1_555 ? ? ? ? ? ? ? 1.620 ? ? 
covale2 covale both ? B BLE 5   N  ? ? ? 1_555 B PRO 4   C  ? ? P BLE 1   P PRO 2   1_555 ? ? ? ? ? ? ? 1.317 ? ? 
# 
loop_
_struct_conn_type.id 
_struct_conn_type.criteria 
_struct_conn_type.reference 
disulf ? ? 
covale ? ? 
# 
loop_
_pdbx_modification_feature.ordinal 
_pdbx_modification_feature.label_comp_id 
_pdbx_modification_feature.label_asym_id 
_pdbx_modification_feature.label_seq_id 
_pdbx_modification_feature.label_alt_id 
_pdbx_modification_feature.modified_residue_label_comp_id 
_pdbx_modification_feature.modified_residue_label_asym_id 
_pdbx_modification_feature.modified_residue_label_seq_id 
_pdbx_modification_feature.modified_residue_label_alt_id 
_pdbx_modification_feature.auth_comp_id 
_pdbx_modification_feature.auth_asym_id 
_pdbx_modification_feature.auth_seq_id 
_pdbx_modification_feature.PDB_ins_code 
_pdbx_modification_feature.symmetry 
_pdbx_modification_feature.modified_residue_auth_comp_id 
_pdbx_modification_feature.modified_residue_auth_asym_id 
_pdbx_modification_feature.modified_residue_auth_seq_id 
_pdbx_modification_feature.modified_residue_PDB_ins_code 
_pdbx_modification_feature.modified_residue_symmetry 
_pdbx_modification_feature.comp_id_linking_atom 
_pdbx_modification_feature.modified_residue_id_linking_atom 
_pdbx_modification_feature.modified_residue_id 
_pdbx_modification_feature.ref_pcm_id 
_pdbx_modification_feature.ref_comp_id 
_pdbx_modification_feature.type 
_pdbx_modification_feature.category 
1 BLE B 5   ? .   . .   . BLE P 1   ? 1_555 .   . .   . .     .  .  LEU 1 BLE None 'Non-standard residue' 
2 CYS A 17  ? CYS A 37  ? CYS A 42  ? 1_555 CYS A 58  ? 1_555 SG SG .   . .   None 'Disulfide bridge'     
3 CYS A 101 ? CYS A 111 ? CYS A 137 ? 1_555 CYS A 159 ? 1_555 SG SG .   . .   None 'Disulfide bridge'     
4 CYS A 137 ? CYS A 170 ? CYS A 191 ? 1_555 CYS A 220 ? 1_555 SG SG .   . .   None 'Disulfide bridge'     
5 SER A 143 ? BLE B 5   ? SER A 195 ? 1_555 BLE P 1   ? 1_555 OG B  .   . .   None 'Non-standard linkage' 
# 
_struct_mon_prot_cis.pdbx_id                1 
_struct_mon_prot_cis.label_comp_id          PHE 
_struct_mon_prot_cis.label_seq_id           59 
_struct_mon_prot_cis.label_asym_id          A 
_struct_mon_prot_cis.label_alt_id           . 
_struct_mon_prot_cis.pdbx_PDB_ins_code      ? 
_struct_mon_prot_cis.auth_comp_id           PHE 
_struct_mon_prot_cis.auth_seq_id            94 
_struct_mon_prot_cis.auth_asym_id           A 
_struct_mon_prot_cis.pdbx_label_comp_id_2   PRO 
_struct_mon_prot_cis.pdbx_label_seq_id_2    60 
_struct_mon_prot_cis.pdbx_label_asym_id_2   A 
_struct_mon_prot_cis.pdbx_PDB_ins_code_2    A 
_struct_mon_prot_cis.pdbx_auth_comp_id_2    PRO 
_struct_mon_prot_cis.pdbx_auth_seq_id_2     99 
_struct_mon_prot_cis.pdbx_auth_asym_id_2    A 
_struct_mon_prot_cis.pdbx_PDB_model_num     1 
_struct_mon_prot_cis.pdbx_omega_angle       -3.29 
# 
loop_
_struct_sheet.id 
_struct_sheet.type 
_struct_sheet.number_strands 
_struct_sheet.details 
A ? 1 ? 
B ? 6 ? 
C ? 7 ? 
# 
loop_
_struct_sheet_order.sheet_id 
_struct_sheet_order.range_id_1 
_struct_sheet_order.range_id_2 
_struct_sheet_order.offset 
_struct_sheet_order.sense 
B 1 2 ? anti-parallel 
B 2 3 ? anti-parallel 
B 3 4 ? anti-parallel 
B 4 5 ? anti-parallel 
B 5 6 ? anti-parallel 
C 1 2 ? anti-parallel 
C 2 3 ? anti-parallel 
C 3 4 ? anti-parallel 
C 4 5 ? anti-parallel 
C 5 6 ? anti-parallel 
C 6 7 ? anti-parallel 
# 
loop_
_struct_sheet_range.sheet_id 
_struct_sheet_range.id 
_struct_sheet_range.beg_label_comp_id 
_struct_sheet_range.beg_label_asym_id 
_struct_sheet_range.beg_label_seq_id 
_struct_sheet_range.pdbx_beg_PDB_ins_code 
_struct_sheet_range.end_label_comp_id 
_struct_sheet_range.end_label_asym_id 
_struct_sheet_range.end_label_seq_id 
_struct_sheet_range.pdbx_end_PDB_ins_code 
_struct_sheet_range.beg_auth_comp_id 
_struct_sheet_range.beg_auth_asym_id 
_struct_sheet_range.beg_auth_seq_id 
_struct_sheet_range.end_auth_comp_id 
_struct_sheet_range.end_auth_asym_id 
_struct_sheet_range.end_auth_seq_id 
A 1 THR A 74  ? SER A 83  C THR A 113 SER A 120 
B 1 SER A 15  ? SER A 18  ? SER A 40  SER A 43  
B 2 GLU A 8   ? ILE A 11  ? GLU A 30  ILE A 33  
B 3 ALA A 49  ? VAL A 58  ? ALA A 83  VAL A 93  
B 4 ARG A 64  ? LEU A 69  ? ARG A 103 LEU A 108 
B 5 THR A 28  ? THR A 33  ? THR A 49  THR A 54  
B 6 SER A 194 ? LEU A 195 ? SER A 240 LEU A 241 
C 1 ALA A 99  ? GLY A 104 ? ALA A 135 GLY A 140 
C 2 GLY A 108 ? TYR A 123 ? GLY A 156 TYR A 171 
C 3 GLY A 126 ? GLY A 134 ? GLY A 175 GLY A 183 
C 4 SER A 179 ? ARG A 183 ? SER A 226 ARG A 230 
C 5 ALA A 154 ? GLY A 161 ? ALA A 209 GLY A 216 
C 6 SER A 146 ? ILE A 148 ? SER A 198 ILE A 200 
C 7 ALA A 99  ? GLY A 104 ? ALA A 135 GLY A 140 
# 
loop_
_pdbx_struct_sheet_hbond.sheet_id 
_pdbx_struct_sheet_hbond.range_id_1 
_pdbx_struct_sheet_hbond.range_id_2 
_pdbx_struct_sheet_hbond.range_1_label_atom_id 
_pdbx_struct_sheet_hbond.range_1_label_comp_id 
_pdbx_struct_sheet_hbond.range_1_label_asym_id 
_pdbx_struct_sheet_hbond.range_1_label_seq_id 
_pdbx_struct_sheet_hbond.range_1_PDB_ins_code 
_pdbx_struct_sheet_hbond.range_1_auth_atom_id 
_pdbx_struct_sheet_hbond.range_1_auth_comp_id 
_pdbx_struct_sheet_hbond.range_1_auth_asym_id 
_pdbx_struct_sheet_hbond.range_1_auth_seq_id 
_pdbx_struct_sheet_hbond.range_2_label_atom_id 
_pdbx_struct_sheet_hbond.range_2_label_comp_id 
_pdbx_struct_sheet_hbond.range_2_label_asym_id 
_pdbx_struct_sheet_hbond.range_2_label_seq_id 
_pdbx_struct_sheet_hbond.range_2_PDB_ins_code 
_pdbx_struct_sheet_hbond.range_2_auth_atom_id 
_pdbx_struct_sheet_hbond.range_2_auth_comp_id 
_pdbx_struct_sheet_hbond.range_2_auth_asym_id 
_pdbx_struct_sheet_hbond.range_2_auth_seq_id 
B 1 2 N CYS A 17  ? N CYS A 42  O TYR A 9   ? O TYR A 31  
B 2 3 N ILE A 46  ? N ILE A 80  O ALA A 49  ? O ALA A 83  
B 3 4 N VAL A 58  ? N VAL A 93  O ARG A 64  ? O ARG A 103 
B 4 5 N LEU A 69  ? N LEU A 108 O LYS A 29  ? O LYS A 50  
C 1 2 O GLY A 104 ? O GLY A 140 N GLY A 108 ? N GLY A 156 
C 2 3 N TYR A 123 ? N TYR A 171 O GLY A 126 ? O GLY A 175 
C 3 4 N GLY A 134 ? N GLY A 183 O SER A 179 ? O SER A 226 
C 4 5 N GLU A 182 ? N GLU A 229 O VAL A 157 ? O VAL A 212 
C 5 6 N GLN A 155 ? N GLN A 210 O TRP A 147 ? O TRP A 199 
C 6 7 N ILE A 148 ? N ILE A 200 O CYS A 101 ? O CYS A 137 
# 
loop_
_struct_site.id 
_struct_site.pdbx_evidence_code 
_struct_site.pdbx_auth_asym_id 
_struct_site.pdbx_auth_comp_id 
_struct_site.pdbx_auth_seq_id 
_struct_site.pdbx_auth_ins_code 
_struct_site.pdbx_num_residues 
_struct_site.details 
AC1 Software A SO4 1 ? 7  'BINDING SITE FOR RESIDUE SO4 A 1'                                                       
AC2 Software ? ?   ? ? 15 'BINDING SITE FOR CHAIN P OF METHOXYSUCCINYL-ALA-ALA-PRO-LEUCINE BORONIC ACID INHIBITOR' 
# 
loop_
_struct_site_gen.id 
_struct_site_gen.site_id 
_struct_site_gen.pdbx_num_res 
_struct_site_gen.label_comp_id 
_struct_site_gen.label_asym_id 
_struct_site_gen.label_seq_id 
_struct_site_gen.pdbx_auth_ins_code 
_struct_site_gen.auth_comp_id 
_struct_site_gen.auth_asym_id 
_struct_site_gen.auth_seq_id 
_struct_site_gen.label_atom_id 
_struct_site_gen.label_alt_id 
_struct_site_gen.symmetry 
_struct_site_gen.details 
1  AC1 7  ALA A 1   A ALA A 15  . ? 3_665 ? 
2  AC1 7  ASN A 2   B ASN A 15  . ? 3_665 ? 
3  AC1 7  ARG A 183 ? ARG A 230 . ? 1_555 ? 
4  AC1 7  PRO A 186 ? PRO A 233 . ? 1_555 ? 
5  AC1 7  HOH D .   ? HOH A 270 . ? 3_665 ? 
6  AC1 7  HOH D .   ? HOH A 281 . ? 1_555 ? 
7  AC1 7  HOH D .   ? HOH A 369 . ? 3_665 ? 
8  AC2 15 HIS A 36  ? HIS A 57  . ? 1_555 ? 
9  AC2 15 ARG A 89  ? ARG A 125 . ? 5_565 ? 
10 AC2 15 TYR A 123 ? TYR A 171 . ? 1_555 ? 
11 AC2 15 GLY A 139 A GLY A 192 . ? 1_555 ? 
12 AC2 15 ARG A 140 B ARG A 192 . ? 1_555 ? 
13 AC2 15 GLY A 141 ? GLY A 193 . ? 1_555 ? 
14 AC2 15 ASP A 142 ? ASP A 194 . ? 1_555 ? 
15 AC2 15 SER A 143 ? SER A 195 . ? 1_555 ? 
16 AC2 15 SER A 159 ? SER A 214 . ? 1_555 ? 
17 AC2 15 GLY A 160 ? GLY A 215 . ? 1_555 ? 
18 AC2 15 GLY A 161 ? GLY A 216 . ? 1_555 ? 
19 AC2 15 VAL A 163 A VAL A 217 . ? 1_555 ? 
20 AC2 15 GLY A 198 ? GLY A 244 . ? 5_565 ? 
21 AC2 15 HOH E .   ? HOH P 89  . ? 1_555 ? 
22 AC2 15 HOH E .   ? HOH P 102 . ? 1_555 ? 
# 
_pdbx_entry_details.entry_id                   7LPR 
_pdbx_entry_details.compound_details           
;INHIBITORY PEPTIDE BORONIC ACIDS ARE PEPTIDE ANALOGS IN WHICH THE C-TERMINAL CARBOXYL GROUP HAS BEEN REPLACED WITH THE BORONIC ACID GROUP (B(OH)2).
;
_pdbx_entry_details.source_details             ? 
_pdbx_entry_details.nonpolymer_details         
;INHIBITORY PEPTIDE BORONIC ACIDS ARE PEPTIDE ANALOGS IN
WHICH THE C-TERMINAL CARBOXYL GROUP HAS BEEN REPLACED WITH
THE BORONIC ACID GROUP (B(OH)2).

INHIBITOR NUMBERING IS BY ANALOGY TO PROTEASE SUBSTRATE
NOMENCLATURE IN WHICH THE RESIDUE PRIOR TO THE SCISSILE
BOND IS THE P1 RESIDUE, THE NEXT TOWARDS THE N-TERMINUS IS
THE P2 RESIDUE ETC.
;
_pdbx_entry_details.sequence_details           
;CHAIN A RESIDUE NUMBERING IS DONE BY HOMOLOGY WITH CHYMOTRYPSIN FOR RESIDUES 15A - 244. CHAIN P INHIBITOR NUMBERING IS DONE BY ANALOGY TO PROTEASE SUBSTRATE NOMENCLATURE IN WHICH THE RESIDUE PRIOR TO THE SCISSILE BOND IS THE P1 RESIDUE, THE NEXT TOWARD THE N-TERMINUS IS THE P2 RESIDUE, ETC.
;
_pdbx_entry_details.has_ligand_of_interest     ? 
_pdbx_entry_details.has_protein_modification   Y 
# 
loop_
_pdbx_validate_rmsd_angle.id 
_pdbx_validate_rmsd_angle.PDB_model_num 
_pdbx_validate_rmsd_angle.auth_atom_id_1 
_pdbx_validate_rmsd_angle.auth_asym_id_1 
_pdbx_validate_rmsd_angle.auth_comp_id_1 
_pdbx_validate_rmsd_angle.auth_seq_id_1 
_pdbx_validate_rmsd_angle.PDB_ins_code_1 
_pdbx_validate_rmsd_angle.label_alt_id_1 
_pdbx_validate_rmsd_angle.auth_atom_id_2 
_pdbx_validate_rmsd_angle.auth_asym_id_2 
_pdbx_validate_rmsd_angle.auth_comp_id_2 
_pdbx_validate_rmsd_angle.auth_seq_id_2 
_pdbx_validate_rmsd_angle.PDB_ins_code_2 
_pdbx_validate_rmsd_angle.label_alt_id_2 
_pdbx_validate_rmsd_angle.auth_atom_id_3 
_pdbx_validate_rmsd_angle.auth_asym_id_3 
_pdbx_validate_rmsd_angle.auth_comp_id_3 
_pdbx_validate_rmsd_angle.auth_seq_id_3 
_pdbx_validate_rmsd_angle.PDB_ins_code_3 
_pdbx_validate_rmsd_angle.label_alt_id_3 
_pdbx_validate_rmsd_angle.angle_value 
_pdbx_validate_rmsd_angle.angle_target_value 
_pdbx_validate_rmsd_angle.angle_deviation 
_pdbx_validate_rmsd_angle.angle_standard_deviation 
_pdbx_validate_rmsd_angle.linker_flag 
1  1 O   A ALA 15  A ? C  A ALA 15  A ? N   A ASN 15  B ? 132.64 122.70 9.94   1.60 Y 
2  1 CD  A ARG 48  B ? NE A ARG 48  B ? CZ  A ARG 48  B ? 149.37 123.60 25.77  1.40 N 
3  1 NH1 A ARG 48  B ? CZ A ARG 48  B ? NH2 A ARG 48  B ? 128.82 119.40 9.42   1.10 N 
4  1 NE  A ARG 48  B ? CZ A ARG 48  B ? NH1 A ARG 48  B ? 112.93 120.30 -7.37  0.50 N 
5  1 CA  A THR 54  ? ? CB A THR 54  ? ? CG2 A THR 54  ? ? 121.72 112.40 9.32   1.40 N 
6  1 NH1 A ARG 67  ? ? CZ A ARG 67  ? ? NH2 A ARG 67  ? ? 112.70 119.40 -6.70  1.10 N 
7  1 NE  A ARG 67  ? ? CZ A ARG 67  ? ? NH1 A ARG 67  ? ? 130.96 120.30 10.66  0.50 N 
8  1 NE  A ARG 67  ? ? CZ A ARG 67  ? ? NH2 A ARG 67  ? ? 116.04 120.30 -4.26  0.50 N 
9  1 CA  A PHE 88  ? ? C  A PHE 88  ? ? O   A PHE 88  ? ? 107.26 120.10 -12.84 2.10 N 
10 1 CD  A ARG 91  ? ? NE A ARG 91  ? ? CZ  A ARG 91  ? ? 140.86 123.60 17.26  1.40 N 
11 1 NH1 A ARG 91  ? ? CZ A ARG 91  ? ? NH2 A ARG 91  ? ? 112.25 119.40 -7.15  1.10 N 
12 1 NE  A ARG 91  ? ? CZ A ARG 91  ? ? NH1 A ARG 91  ? ? 128.52 120.30 8.22   0.50 N 
13 1 CB  A ASP 102 ? ? CG A ASP 102 ? ? OD2 A ASP 102 ? ? 126.79 118.30 8.49   0.90 N 
14 1 CA  A SER 107 ? ? CB A SER 107 ? ? OG  A SER 107 ? ? 94.48  111.20 -16.72 2.70 N 
15 1 CB  A SER 110 ? ? CA A SER 110 ? ? C   A SER 110 ? ? 91.06  110.10 -19.04 1.90 N 
16 1 N   A SER 110 ? ? CA A SER 110 ? ? CB  A SER 110 ? ? 100.19 110.50 -10.31 1.50 N 
17 1 CA  A SER 110 ? ? CB A SER 110 ? ? OG  A SER 110 ? ? 89.90  111.20 -21.30 2.70 N 
18 1 O   A SER 110 ? ? C  A SER 110 ? ? N   A ALA 111 ? ? 133.91 122.70 11.21  1.60 Y 
19 1 NH1 A ARG 117 ? ? CZ A ARG 117 ? ? NH2 A ARG 117 ? ? 112.14 119.40 -7.26  1.10 N 
20 1 NE  A ARG 117 ? ? CZ A ARG 117 ? ? NH1 A ARG 117 ? ? 125.89 120.30 5.59   0.50 N 
21 1 N   A SER 120 D ? CA A SER 120 D ? CB  A SER 120 D ? 96.33  110.50 -14.17 1.50 N 
22 1 NE  A ARG 125 ? ? CZ A ARG 125 ? ? NH1 A ARG 125 ? ? 115.14 120.30 -5.16  0.50 N 
23 1 OE1 A GLU 129 ? ? CD A GLU 129 ? ? OE2 A GLU 129 ? ? 133.70 123.30 10.40  1.20 N 
24 1 CG  A GLU 129 ? ? CD A GLU 129 ? ? OE2 A GLU 129 ? ? 106.08 118.30 -12.22 2.00 N 
25 1 NE  A ARG 138 ? ? CZ A ARG 138 ? ? NH2 A ARG 138 ? ? 115.70 120.30 -4.60  0.50 N 
26 1 N   A SER 139 ? ? CA A SER 139 ? ? CB  A SER 139 ? ? 101.14 110.50 -9.36  1.50 N 
27 1 NE  A ARG 141 ? ? CZ A ARG 141 ? ? NH1 A ARG 141 ? ? 116.93 120.30 -3.37  0.50 N 
28 1 CB  A TYR 171 ? ? CG A TYR 171 ? ? CD2 A TYR 171 ? ? 116.96 121.00 -4.04  0.60 N 
29 1 CG  A GLU 174 ? ? CD A GLU 174 ? ? OE2 A GLU 174 ? ? 106.21 118.30 -12.09 2.00 N 
30 1 NE  A ARG 178 ? ? CZ A ARG 178 ? ? NH1 A ARG 178 ? ? 126.59 120.30 6.29   0.50 N 
31 1 CG  A ARG 192 B ? CD A ARG 192 B ? NE  A ARG 192 B ? 98.48  111.80 -13.32 2.10 N 
32 1 NE  A ARG 192 B ? CZ A ARG 192 B ? NH1 A ARG 192 B ? 125.28 120.30 4.98   0.50 N 
33 1 NE  A ARG 192 B ? CZ A ARG 192 B ? NH2 A ARG 192 B ? 112.42 120.30 -7.88  0.50 N 
34 1 CA  A VAL 217 A ? CB A VAL 217 A ? CG1 A VAL 217 A ? 120.48 110.90 9.58   1.50 N 
35 1 NE  A ARG 230 ? ? CZ A ARG 230 ? ? NH1 A ARG 230 ? ? 129.06 120.30 8.76   0.50 N 
36 1 NE  A ARG 230 ? ? CZ A ARG 230 ? ? NH2 A ARG 230 ? ? 112.30 120.30 -8.00  0.50 N 
37 1 CB  P ALA 4   ? ? CA P ALA 4   ? ? C   P ALA 4   ? ? 97.71  110.10 -12.39 1.50 N 
# 
loop_
_pdbx_validate_torsion.id 
_pdbx_validate_torsion.PDB_model_num 
_pdbx_validate_torsion.auth_comp_id 
_pdbx_validate_torsion.auth_asym_id 
_pdbx_validate_torsion.auth_seq_id 
_pdbx_validate_torsion.PDB_ins_code 
_pdbx_validate_torsion.label_alt_id 
_pdbx_validate_torsion.phi 
_pdbx_validate_torsion.psi 
1 1 ALA A 39  ? ? -127.90 -72.95  
2 1 ASN A 64  ? ? 70.58   -2.15   
3 1 PHE A 94  ? ? -171.91 135.28  
4 1 PRO A 99  A ? -79.79  -155.51 
5 1 SER A 120 D ? -108.76 -169.80 
# 
_pdbx_molecule_features.prd_id    PRD_000317 
_pdbx_molecule_features.name      
'N-(4-methoxy-4-oxobutanoyl)-L-alanyl-L-alanyl-N-[(1R)-1-(dihydroxyboranyl)-3-methylbutyl]-L-prolinamide' 
_pdbx_molecule_features.type      Peptide-like 
_pdbx_molecule_features.class     Inhibitor 
_pdbx_molecule_features.details   ? 
# 
_pdbx_molecule.instance_id   1 
_pdbx_molecule.prd_id        PRD_000317 
_pdbx_molecule.asym_id       B 
# 
_pdbx_struct_mod_residue.id               1 
_pdbx_struct_mod_residue.label_asym_id    B 
_pdbx_struct_mod_residue.label_comp_id    BLE 
_pdbx_struct_mod_residue.label_seq_id     5 
_pdbx_struct_mod_residue.auth_asym_id     P 
_pdbx_struct_mod_residue.auth_comp_id     BLE 
_pdbx_struct_mod_residue.auth_seq_id      1 
_pdbx_struct_mod_residue.PDB_ins_code     ? 
_pdbx_struct_mod_residue.parent_comp_id   LEU 
_pdbx_struct_mod_residue.details          'LEUCINE BORONIC ACID' 
# 
_pdbx_unobs_or_zero_occ_residues.id               1 
_pdbx_unobs_or_zero_occ_residues.PDB_model_num    1 
_pdbx_unobs_or_zero_occ_residues.polymer_flag     Y 
_pdbx_unobs_or_zero_occ_residues.occupancy_flag   1 
_pdbx_unobs_or_zero_occ_residues.auth_asym_id     P 
_pdbx_unobs_or_zero_occ_residues.auth_comp_id     MSU 
_pdbx_unobs_or_zero_occ_residues.auth_seq_id      5 
_pdbx_unobs_or_zero_occ_residues.PDB_ins_code     ? 
_pdbx_unobs_or_zero_occ_residues.label_asym_id    B 
_pdbx_unobs_or_zero_occ_residues.label_comp_id    MSU 
_pdbx_unobs_or_zero_occ_residues.label_seq_id     1 
# 
loop_
_chem_comp_atom.comp_id 
_chem_comp_atom.atom_id 
_chem_comp_atom.type_symbol 
_chem_comp_atom.pdbx_aromatic_flag 
_chem_comp_atom.pdbx_stereo_config 
_chem_comp_atom.pdbx_ordinal 
ALA N    N N N 1   
ALA CA   C N S 2   
ALA C    C N N 3   
ALA O    O N N 4   
ALA CB   C N N 5   
ALA OXT  O N N 6   
ALA H    H N N 7   
ALA H2   H N N 8   
ALA HA   H N N 9   
ALA HB1  H N N 10  
ALA HB2  H N N 11  
ALA HB3  H N N 12  
ALA HXT  H N N 13  
ARG N    N N N 14  
ARG CA   C N S 15  
ARG C    C N N 16  
ARG O    O N N 17  
ARG CB   C N N 18  
ARG CG   C N N 19  
ARG CD   C N N 20  
ARG NE   N N N 21  
ARG CZ   C N N 22  
ARG NH1  N N N 23  
ARG NH2  N N N 24  
ARG OXT  O N N 25  
ARG H    H N N 26  
ARG H2   H N N 27  
ARG HA   H N N 28  
ARG HB2  H N N 29  
ARG HB3  H N N 30  
ARG HG2  H N N 31  
ARG HG3  H N N 32  
ARG HD2  H N N 33  
ARG HD3  H N N 34  
ARG HE   H N N 35  
ARG HH11 H N N 36  
ARG HH12 H N N 37  
ARG HH21 H N N 38  
ARG HH22 H N N 39  
ARG HXT  H N N 40  
ASN N    N N N 41  
ASN CA   C N S 42  
ASN C    C N N 43  
ASN O    O N N 44  
ASN CB   C N N 45  
ASN CG   C N N 46  
ASN OD1  O N N 47  
ASN ND2  N N N 48  
ASN OXT  O N N 49  
ASN H    H N N 50  
ASN H2   H N N 51  
ASN HA   H N N 52  
ASN HB2  H N N 53  
ASN HB3  H N N 54  
ASN HD21 H N N 55  
ASN HD22 H N N 56  
ASN HXT  H N N 57  
ASP N    N N N 58  
ASP CA   C N S 59  
ASP C    C N N 60  
ASP O    O N N 61  
ASP CB   C N N 62  
ASP CG   C N N 63  
ASP OD1  O N N 64  
ASP OD2  O N N 65  
ASP OXT  O N N 66  
ASP H    H N N 67  
ASP H2   H N N 68  
ASP HA   H N N 69  
ASP HB2  H N N 70  
ASP HB3  H N N 71  
ASP HD2  H N N 72  
ASP HXT  H N N 73  
BLE CA   C N R 74  
BLE CB   C N N 75  
BLE CG   C N N 76  
BLE CD1  C N N 77  
BLE CD2  C N N 78  
BLE N    N N N 79  
BLE B    B N N 80  
BLE O1   O N N 81  
BLE O2   O N N 82  
BLE HA   H N N 83  
BLE HB2  H N N 84  
BLE HB3  H N N 85  
BLE HG   H N N 86  
BLE HD11 H N N 87  
BLE HD12 H N N 88  
BLE HD13 H N N 89  
BLE HD21 H N N 90  
BLE HD22 H N N 91  
BLE HD23 H N N 92  
BLE H    H N N 93  
BLE H2   H N N 94  
BLE HO1  H N N 95  
BLE HO2  H N N 96  
CYS N    N N N 97  
CYS CA   C N R 98  
CYS C    C N N 99  
CYS O    O N N 100 
CYS CB   C N N 101 
CYS SG   S N N 102 
CYS OXT  O N N 103 
CYS H    H N N 104 
CYS H2   H N N 105 
CYS HA   H N N 106 
CYS HB2  H N N 107 
CYS HB3  H N N 108 
CYS HG   H N N 109 
CYS HXT  H N N 110 
GLN N    N N N 111 
GLN CA   C N S 112 
GLN C    C N N 113 
GLN O    O N N 114 
GLN CB   C N N 115 
GLN CG   C N N 116 
GLN CD   C N N 117 
GLN OE1  O N N 118 
GLN NE2  N N N 119 
GLN OXT  O N N 120 
GLN H    H N N 121 
GLN H2   H N N 122 
GLN HA   H N N 123 
GLN HB2  H N N 124 
GLN HB3  H N N 125 
GLN HG2  H N N 126 
GLN HG3  H N N 127 
GLN HE21 H N N 128 
GLN HE22 H N N 129 
GLN HXT  H N N 130 
GLU N    N N N 131 
GLU CA   C N S 132 
GLU C    C N N 133 
GLU O    O N N 134 
GLU CB   C N N 135 
GLU CG   C N N 136 
GLU CD   C N N 137 
GLU OE1  O N N 138 
GLU OE2  O N N 139 
GLU OXT  O N N 140 
GLU H    H N N 141 
GLU H2   H N N 142 
GLU HA   H N N 143 
GLU HB2  H N N 144 
GLU HB3  H N N 145 
GLU HG2  H N N 146 
GLU HG3  H N N 147 
GLU HE2  H N N 148 
GLU HXT  H N N 149 
GLY N    N N N 150 
GLY CA   C N N 151 
GLY C    C N N 152 
GLY O    O N N 153 
GLY OXT  O N N 154 
GLY H    H N N 155 
GLY H2   H N N 156 
GLY HA2  H N N 157 
GLY HA3  H N N 158 
GLY HXT  H N N 159 
HIS N    N N N 160 
HIS CA   C N S 161 
HIS C    C N N 162 
HIS O    O N N 163 
HIS CB   C N N 164 
HIS CG   C Y N 165 
HIS ND1  N Y N 166 
HIS CD2  C Y N 167 
HIS CE1  C Y N 168 
HIS NE2  N Y N 169 
HIS OXT  O N N 170 
HIS H    H N N 171 
HIS H2   H N N 172 
HIS HA   H N N 173 
HIS HB2  H N N 174 
HIS HB3  H N N 175 
HIS HD1  H N N 176 
HIS HD2  H N N 177 
HIS HE1  H N N 178 
HIS HE2  H N N 179 
HIS HXT  H N N 180 
HOH O    O N N 181 
HOH H1   H N N 182 
HOH H2   H N N 183 
ILE N    N N N 184 
ILE CA   C N S 185 
ILE C    C N N 186 
ILE O    O N N 187 
ILE CB   C N S 188 
ILE CG1  C N N 189 
ILE CG2  C N N 190 
ILE CD1  C N N 191 
ILE OXT  O N N 192 
ILE H    H N N 193 
ILE H2   H N N 194 
ILE HA   H N N 195 
ILE HB   H N N 196 
ILE HG12 H N N 197 
ILE HG13 H N N 198 
ILE HG21 H N N 199 
ILE HG22 H N N 200 
ILE HG23 H N N 201 
ILE HD11 H N N 202 
ILE HD12 H N N 203 
ILE HD13 H N N 204 
ILE HXT  H N N 205 
LEU N    N N N 206 
LEU CA   C N S 207 
LEU C    C N N 208 
LEU O    O N N 209 
LEU CB   C N N 210 
LEU CG   C N N 211 
LEU CD1  C N N 212 
LEU CD2  C N N 213 
LEU OXT  O N N 214 
LEU H    H N N 215 
LEU H2   H N N 216 
LEU HA   H N N 217 
LEU HB2  H N N 218 
LEU HB3  H N N 219 
LEU HG   H N N 220 
LEU HD11 H N N 221 
LEU HD12 H N N 222 
LEU HD13 H N N 223 
LEU HD21 H N N 224 
LEU HD22 H N N 225 
LEU HD23 H N N 226 
LEU HXT  H N N 227 
LYS N    N N N 228 
LYS CA   C N S 229 
LYS C    C N N 230 
LYS O    O N N 231 
LYS CB   C N N 232 
LYS CG   C N N 233 
LYS CD   C N N 234 
LYS CE   C N N 235 
LYS NZ   N N N 236 
LYS OXT  O N N 237 
LYS H    H N N 238 
LYS H2   H N N 239 
LYS HA   H N N 240 
LYS HB2  H N N 241 
LYS HB3  H N N 242 
LYS HG2  H N N 243 
LYS HG3  H N N 244 
LYS HD2  H N N 245 
LYS HD3  H N N 246 
LYS HE2  H N N 247 
LYS HE3  H N N 248 
LYS HZ1  H N N 249 
LYS HZ2  H N N 250 
LYS HZ3  H N N 251 
LYS HXT  H N N 252 
MET N    N N N 253 
MET CA   C N S 254 
MET C    C N N 255 
MET O    O N N 256 
MET CB   C N N 257 
MET CG   C N N 258 
MET SD   S N N 259 
MET CE   C N N 260 
MET OXT  O N N 261 
MET H    H N N 262 
MET H2   H N N 263 
MET HA   H N N 264 
MET HB2  H N N 265 
MET HB3  H N N 266 
MET HG2  H N N 267 
MET HG3  H N N 268 
MET HE1  H N N 269 
MET HE2  H N N 270 
MET HE3  H N N 271 
MET HXT  H N N 272 
MSU C1   C N N 273 
MSU O1   O N N 274 
MSU C2   C N N 275 
MSU C3   C N N 276 
MSU C4   C N N 277 
MSU OT1  O N N 278 
MSU OT2  O N N 279 
MSU CT   C N N 280 
MSU OXT  O N N 281 
MSU H21  H N N 282 
MSU H22  H N N 283 
MSU H31  H N N 284 
MSU H32  H N N 285 
MSU HT1  H N N 286 
MSU HT2  H N N 287 
MSU HT3  H N N 288 
MSU HXT  H N N 289 
PHE N    N N N 290 
PHE CA   C N S 291 
PHE C    C N N 292 
PHE O    O N N 293 
PHE CB   C N N 294 
PHE CG   C Y N 295 
PHE CD1  C Y N 296 
PHE CD2  C Y N 297 
PHE CE1  C Y N 298 
PHE CE2  C Y N 299 
PHE CZ   C Y N 300 
PHE OXT  O N N 301 
PHE H    H N N 302 
PHE H2   H N N 303 
PHE HA   H N N 304 
PHE HB2  H N N 305 
PHE HB3  H N N 306 
PHE HD1  H N N 307 
PHE HD2  H N N 308 
PHE HE1  H N N 309 
PHE HE2  H N N 310 
PHE HZ   H N N 311 
PHE HXT  H N N 312 
PRO N    N N N 313 
PRO CA   C N S 314 
PRO C    C N N 315 
PRO O    O N N 316 
PRO CB   C N N 317 
PRO CG   C N N 318 
PRO CD   C N N 319 
PRO OXT  O N N 320 
PRO H    H N N 321 
PRO HA   H N N 322 
PRO HB2  H N N 323 
PRO HB3  H N N 324 
PRO HG2  H N N 325 
PRO HG3  H N N 326 
PRO HD2  H N N 327 
PRO HD3  H N N 328 
PRO HXT  H N N 329 
SER N    N N N 330 
SER CA   C N S 331 
SER C    C N N 332 
SER O    O N N 333 
SER CB   C N N 334 
SER OG   O N N 335 
SER OXT  O N N 336 
SER H    H N N 337 
SER H2   H N N 338 
SER HA   H N N 339 
SER HB2  H N N 340 
SER HB3  H N N 341 
SER HG   H N N 342 
SER HXT  H N N 343 
SO4 S    S N N 344 
SO4 O1   O N N 345 
SO4 O2   O N N 346 
SO4 O3   O N N 347 
SO4 O4   O N N 348 
THR N    N N N 349 
THR CA   C N S 350 
THR C    C N N 351 
THR O    O N N 352 
THR CB   C N R 353 
THR OG1  O N N 354 
THR CG2  C N N 355 
THR OXT  O N N 356 
THR H    H N N 357 
THR H2   H N N 358 
THR HA   H N N 359 
THR HB   H N N 360 
THR HG1  H N N 361 
THR HG21 H N N 362 
THR HG22 H N N 363 
THR HG23 H N N 364 
THR HXT  H N N 365 
TRP N    N N N 366 
TRP CA   C N S 367 
TRP C    C N N 368 
TRP O    O N N 369 
TRP CB   C N N 370 
TRP CG   C Y N 371 
TRP CD1  C Y N 372 
TRP CD2  C Y N 373 
TRP NE1  N Y N 374 
TRP CE2  C Y N 375 
TRP CE3  C Y N 376 
TRP CZ2  C Y N 377 
TRP CZ3  C Y N 378 
TRP CH2  C Y N 379 
TRP OXT  O N N 380 
TRP H    H N N 381 
TRP H2   H N N 382 
TRP HA   H N N 383 
TRP HB2  H N N 384 
TRP HB3  H N N 385 
TRP HD1  H N N 386 
TRP HE1  H N N 387 
TRP HE3  H N N 388 
TRP HZ2  H N N 389 
TRP HZ3  H N N 390 
TRP HH2  H N N 391 
TRP HXT  H N N 392 
TYR N    N N N 393 
TYR CA   C N S 394 
TYR C    C N N 395 
TYR O    O N N 396 
TYR CB   C N N 397 
TYR CG   C Y N 398 
TYR CD1  C Y N 399 
TYR CD2  C Y N 400 
TYR CE1  C Y N 401 
TYR CE2  C Y N 402 
TYR CZ   C Y N 403 
TYR OH   O N N 404 
TYR OXT  O N N 405 
TYR H    H N N 406 
TYR H2   H N N 407 
TYR HA   H N N 408 
TYR HB2  H N N 409 
TYR HB3  H N N 410 
TYR HD1  H N N 411 
TYR HD2  H N N 412 
TYR HE1  H N N 413 
TYR HE2  H N N 414 
TYR HH   H N N 415 
TYR HXT  H N N 416 
VAL N    N N N 417 
VAL CA   C N S 418 
VAL C    C N N 419 
VAL O    O N N 420 
VAL CB   C N N 421 
VAL CG1  C N N 422 
VAL CG2  C N N 423 
VAL OXT  O N N 424 
VAL H    H N N 425 
VAL H2   H N N 426 
VAL HA   H N N 427 
VAL HB   H N N 428 
VAL HG11 H N N 429 
VAL HG12 H N N 430 
VAL HG13 H N N 431 
VAL HG21 H N N 432 
VAL HG22 H N N 433 
VAL HG23 H N N 434 
VAL HXT  H N N 435 
# 
loop_
_chem_comp_bond.comp_id 
_chem_comp_bond.atom_id_1 
_chem_comp_bond.atom_id_2 
_chem_comp_bond.value_order 
_chem_comp_bond.pdbx_aromatic_flag 
_chem_comp_bond.pdbx_stereo_config 
_chem_comp_bond.pdbx_ordinal 
ALA N   CA   sing N N 1   
ALA N   H    sing N N 2   
ALA N   H2   sing N N 3   
ALA CA  C    sing N N 4   
ALA CA  CB   sing N N 5   
ALA CA  HA   sing N N 6   
ALA C   O    doub N N 7   
ALA C   OXT  sing N N 8   
ALA CB  HB1  sing N N 9   
ALA CB  HB2  sing N N 10  
ALA CB  HB3  sing N N 11  
ALA OXT HXT  sing N N 12  
ARG N   CA   sing N N 13  
ARG N   H    sing N N 14  
ARG N   H2   sing N N 15  
ARG CA  C    sing N N 16  
ARG CA  CB   sing N N 17  
ARG CA  HA   sing N N 18  
ARG C   O    doub N N 19  
ARG C   OXT  sing N N 20  
ARG CB  CG   sing N N 21  
ARG CB  HB2  sing N N 22  
ARG CB  HB3  sing N N 23  
ARG CG  CD   sing N N 24  
ARG CG  HG2  sing N N 25  
ARG CG  HG3  sing N N 26  
ARG CD  NE   sing N N 27  
ARG CD  HD2  sing N N 28  
ARG CD  HD3  sing N N 29  
ARG NE  CZ   sing N N 30  
ARG NE  HE   sing N N 31  
ARG CZ  NH1  sing N N 32  
ARG CZ  NH2  doub N N 33  
ARG NH1 HH11 sing N N 34  
ARG NH1 HH12 sing N N 35  
ARG NH2 HH21 sing N N 36  
ARG NH2 HH22 sing N N 37  
ARG OXT HXT  sing N N 38  
ASN N   CA   sing N N 39  
ASN N   H    sing N N 40  
ASN N   H2   sing N N 41  
ASN CA  C    sing N N 42  
ASN CA  CB   sing N N 43  
ASN CA  HA   sing N N 44  
ASN C   O    doub N N 45  
ASN C   OXT  sing N N 46  
ASN CB  CG   sing N N 47  
ASN CB  HB2  sing N N 48  
ASN CB  HB3  sing N N 49  
ASN CG  OD1  doub N N 50  
ASN CG  ND2  sing N N 51  
ASN ND2 HD21 sing N N 52  
ASN ND2 HD22 sing N N 53  
ASN OXT HXT  sing N N 54  
ASP N   CA   sing N N 55  
ASP N   H    sing N N 56  
ASP N   H2   sing N N 57  
ASP CA  C    sing N N 58  
ASP CA  CB   sing N N 59  
ASP CA  HA   sing N N 60  
ASP C   O    doub N N 61  
ASP C   OXT  sing N N 62  
ASP CB  CG   sing N N 63  
ASP CB  HB2  sing N N 64  
ASP CB  HB3  sing N N 65  
ASP CG  OD1  doub N N 66  
ASP CG  OD2  sing N N 67  
ASP OD2 HD2  sing N N 68  
ASP OXT HXT  sing N N 69  
BLE CA  CB   sing N N 70  
BLE CA  N    sing N N 71  
BLE CA  B    sing N N 72  
BLE CA  HA   sing N N 73  
BLE CB  CG   sing N N 74  
BLE CB  HB2  sing N N 75  
BLE CB  HB3  sing N N 76  
BLE CG  CD1  sing N N 77  
BLE CG  CD2  sing N N 78  
BLE CG  HG   sing N N 79  
BLE CD1 HD11 sing N N 80  
BLE CD1 HD12 sing N N 81  
BLE CD1 HD13 sing N N 82  
BLE CD2 HD21 sing N N 83  
BLE CD2 HD22 sing N N 84  
BLE CD2 HD23 sing N N 85  
BLE N   H    sing N N 86  
BLE N   H2   sing N N 87  
BLE B   O1   sing N N 88  
BLE B   O2   sing N N 89  
BLE O1  HO1  sing N N 90  
BLE O2  HO2  sing N N 91  
CYS N   CA   sing N N 92  
CYS N   H    sing N N 93  
CYS N   H2   sing N N 94  
CYS CA  C    sing N N 95  
CYS CA  CB   sing N N 96  
CYS CA  HA   sing N N 97  
CYS C   O    doub N N 98  
CYS C   OXT  sing N N 99  
CYS CB  SG   sing N N 100 
CYS CB  HB2  sing N N 101 
CYS CB  HB3  sing N N 102 
CYS SG  HG   sing N N 103 
CYS OXT HXT  sing N N 104 
GLN N   CA   sing N N 105 
GLN N   H    sing N N 106 
GLN N   H2   sing N N 107 
GLN CA  C    sing N N 108 
GLN CA  CB   sing N N 109 
GLN CA  HA   sing N N 110 
GLN C   O    doub N N 111 
GLN C   OXT  sing N N 112 
GLN CB  CG   sing N N 113 
GLN CB  HB2  sing N N 114 
GLN CB  HB3  sing N N 115 
GLN CG  CD   sing N N 116 
GLN CG  HG2  sing N N 117 
GLN CG  HG3  sing N N 118 
GLN CD  OE1  doub N N 119 
GLN CD  NE2  sing N N 120 
GLN NE2 HE21 sing N N 121 
GLN NE2 HE22 sing N N 122 
GLN OXT HXT  sing N N 123 
GLU N   CA   sing N N 124 
GLU N   H    sing N N 125 
GLU N   H2   sing N N 126 
GLU CA  C    sing N N 127 
GLU CA  CB   sing N N 128 
GLU CA  HA   sing N N 129 
GLU C   O    doub N N 130 
GLU C   OXT  sing N N 131 
GLU CB  CG   sing N N 132 
GLU CB  HB2  sing N N 133 
GLU CB  HB3  sing N N 134 
GLU CG  CD   sing N N 135 
GLU CG  HG2  sing N N 136 
GLU CG  HG3  sing N N 137 
GLU CD  OE1  doub N N 138 
GLU CD  OE2  sing N N 139 
GLU OE2 HE2  sing N N 140 
GLU OXT HXT  sing N N 141 
GLY N   CA   sing N N 142 
GLY N   H    sing N N 143 
GLY N   H2   sing N N 144 
GLY CA  C    sing N N 145 
GLY CA  HA2  sing N N 146 
GLY CA  HA3  sing N N 147 
GLY C   O    doub N N 148 
GLY C   OXT  sing N N 149 
GLY OXT HXT  sing N N 150 
HIS N   CA   sing N N 151 
HIS N   H    sing N N 152 
HIS N   H2   sing N N 153 
HIS CA  C    sing N N 154 
HIS CA  CB   sing N N 155 
HIS CA  HA   sing N N 156 
HIS C   O    doub N N 157 
HIS C   OXT  sing N N 158 
HIS CB  CG   sing N N 159 
HIS CB  HB2  sing N N 160 
HIS CB  HB3  sing N N 161 
HIS CG  ND1  sing Y N 162 
HIS CG  CD2  doub Y N 163 
HIS ND1 CE1  doub Y N 164 
HIS ND1 HD1  sing N N 165 
HIS CD2 NE2  sing Y N 166 
HIS CD2 HD2  sing N N 167 
HIS CE1 NE2  sing Y N 168 
HIS CE1 HE1  sing N N 169 
HIS NE2 HE2  sing N N 170 
HIS OXT HXT  sing N N 171 
HOH O   H1   sing N N 172 
HOH O   H2   sing N N 173 
ILE N   CA   sing N N 174 
ILE N   H    sing N N 175 
ILE N   H2   sing N N 176 
ILE CA  C    sing N N 177 
ILE CA  CB   sing N N 178 
ILE CA  HA   sing N N 179 
ILE C   O    doub N N 180 
ILE C   OXT  sing N N 181 
ILE CB  CG1  sing N N 182 
ILE CB  CG2  sing N N 183 
ILE CB  HB   sing N N 184 
ILE CG1 CD1  sing N N 185 
ILE CG1 HG12 sing N N 186 
ILE CG1 HG13 sing N N 187 
ILE CG2 HG21 sing N N 188 
ILE CG2 HG22 sing N N 189 
ILE CG2 HG23 sing N N 190 
ILE CD1 HD11 sing N N 191 
ILE CD1 HD12 sing N N 192 
ILE CD1 HD13 sing N N 193 
ILE OXT HXT  sing N N 194 
LEU N   CA   sing N N 195 
LEU N   H    sing N N 196 
LEU N   H2   sing N N 197 
LEU CA  C    sing N N 198 
LEU CA  CB   sing N N 199 
LEU CA  HA   sing N N 200 
LEU C   O    doub N N 201 
LEU C   OXT  sing N N 202 
LEU CB  CG   sing N N 203 
LEU CB  HB2  sing N N 204 
LEU CB  HB3  sing N N 205 
LEU CG  CD1  sing N N 206 
LEU CG  CD2  sing N N 207 
LEU CG  HG   sing N N 208 
LEU CD1 HD11 sing N N 209 
LEU CD1 HD12 sing N N 210 
LEU CD1 HD13 sing N N 211 
LEU CD2 HD21 sing N N 212 
LEU CD2 HD22 sing N N 213 
LEU CD2 HD23 sing N N 214 
LEU OXT HXT  sing N N 215 
LYS N   CA   sing N N 216 
LYS N   H    sing N N 217 
LYS N   H2   sing N N 218 
LYS CA  C    sing N N 219 
LYS CA  CB   sing N N 220 
LYS CA  HA   sing N N 221 
LYS C   O    doub N N 222 
LYS C   OXT  sing N N 223 
LYS CB  CG   sing N N 224 
LYS CB  HB2  sing N N 225 
LYS CB  HB3  sing N N 226 
LYS CG  CD   sing N N 227 
LYS CG  HG2  sing N N 228 
LYS CG  HG3  sing N N 229 
LYS CD  CE   sing N N 230 
LYS CD  HD2  sing N N 231 
LYS CD  HD3  sing N N 232 
LYS CE  NZ   sing N N 233 
LYS CE  HE2  sing N N 234 
LYS CE  HE3  sing N N 235 
LYS NZ  HZ1  sing N N 236 
LYS NZ  HZ2  sing N N 237 
LYS NZ  HZ3  sing N N 238 
LYS OXT HXT  sing N N 239 
MET N   CA   sing N N 240 
MET N   H    sing N N 241 
MET N   H2   sing N N 242 
MET CA  C    sing N N 243 
MET CA  CB   sing N N 244 
MET CA  HA   sing N N 245 
MET C   O    doub N N 246 
MET C   OXT  sing N N 247 
MET CB  CG   sing N N 248 
MET CB  HB2  sing N N 249 
MET CB  HB3  sing N N 250 
MET CG  SD   sing N N 251 
MET CG  HG2  sing N N 252 
MET CG  HG3  sing N N 253 
MET SD  CE   sing N N 254 
MET CE  HE1  sing N N 255 
MET CE  HE2  sing N N 256 
MET CE  HE3  sing N N 257 
MET OXT HXT  sing N N 258 
MSU C1  O1   doub N N 259 
MSU C1  C2   sing N N 260 
MSU C1  OXT  sing N N 261 
MSU C2  C3   sing N N 262 
MSU C2  H21  sing N N 263 
MSU C2  H22  sing N N 264 
MSU C3  C4   sing N N 265 
MSU C3  H31  sing N N 266 
MSU C3  H32  sing N N 267 
MSU C4  OT1  doub N N 268 
MSU C4  OT2  sing N N 269 
MSU OT2 CT   sing N N 270 
MSU CT  HT1  sing N N 271 
MSU CT  HT2  sing N N 272 
MSU CT  HT3  sing N N 273 
MSU OXT HXT  sing N N 274 
PHE N   CA   sing N N 275 
PHE N   H    sing N N 276 
PHE N   H2   sing N N 277 
PHE CA  C    sing N N 278 
PHE CA  CB   sing N N 279 
PHE CA  HA   sing N N 280 
PHE C   O    doub N N 281 
PHE C   OXT  sing N N 282 
PHE CB  CG   sing N N 283 
PHE CB  HB2  sing N N 284 
PHE CB  HB3  sing N N 285 
PHE CG  CD1  doub Y N 286 
PHE CG  CD2  sing Y N 287 
PHE CD1 CE1  sing Y N 288 
PHE CD1 HD1  sing N N 289 
PHE CD2 CE2  doub Y N 290 
PHE CD2 HD2  sing N N 291 
PHE CE1 CZ   doub Y N 292 
PHE CE1 HE1  sing N N 293 
PHE CE2 CZ   sing Y N 294 
PHE CE2 HE2  sing N N 295 
PHE CZ  HZ   sing N N 296 
PHE OXT HXT  sing N N 297 
PRO N   CA   sing N N 298 
PRO N   CD   sing N N 299 
PRO N   H    sing N N 300 
PRO CA  C    sing N N 301 
PRO CA  CB   sing N N 302 
PRO CA  HA   sing N N 303 
PRO C   O    doub N N 304 
PRO C   OXT  sing N N 305 
PRO CB  CG   sing N N 306 
PRO CB  HB2  sing N N 307 
PRO CB  HB3  sing N N 308 
PRO CG  CD   sing N N 309 
PRO CG  HG2  sing N N 310 
PRO CG  HG3  sing N N 311 
PRO CD  HD2  sing N N 312 
PRO CD  HD3  sing N N 313 
PRO OXT HXT  sing N N 314 
SER N   CA   sing N N 315 
SER N   H    sing N N 316 
SER N   H2   sing N N 317 
SER CA  C    sing N N 318 
SER CA  CB   sing N N 319 
SER CA  HA   sing N N 320 
SER C   O    doub N N 321 
SER C   OXT  sing N N 322 
SER CB  OG   sing N N 323 
SER CB  HB2  sing N N 324 
SER CB  HB3  sing N N 325 
SER OG  HG   sing N N 326 
SER OXT HXT  sing N N 327 
SO4 S   O1   doub N N 328 
SO4 S   O2   doub N N 329 
SO4 S   O3   sing N N 330 
SO4 S   O4   sing N N 331 
THR N   CA   sing N N 332 
THR N   H    sing N N 333 
THR N   H2   sing N N 334 
THR CA  C    sing N N 335 
THR CA  CB   sing N N 336 
THR CA  HA   sing N N 337 
THR C   O    doub N N 338 
THR C   OXT  sing N N 339 
THR CB  OG1  sing N N 340 
THR CB  CG2  sing N N 341 
THR CB  HB   sing N N 342 
THR OG1 HG1  sing N N 343 
THR CG2 HG21 sing N N 344 
THR CG2 HG22 sing N N 345 
THR CG2 HG23 sing N N 346 
THR OXT HXT  sing N N 347 
TRP N   CA   sing N N 348 
TRP N   H    sing N N 349 
TRP N   H2   sing N N 350 
TRP CA  C    sing N N 351 
TRP CA  CB   sing N N 352 
TRP CA  HA   sing N N 353 
TRP C   O    doub N N 354 
TRP C   OXT  sing N N 355 
TRP CB  CG   sing N N 356 
TRP CB  HB2  sing N N 357 
TRP CB  HB3  sing N N 358 
TRP CG  CD1  doub Y N 359 
TRP CG  CD2  sing Y N 360 
TRP CD1 NE1  sing Y N 361 
TRP CD1 HD1  sing N N 362 
TRP CD2 CE2  doub Y N 363 
TRP CD2 CE3  sing Y N 364 
TRP NE1 CE2  sing Y N 365 
TRP NE1 HE1  sing N N 366 
TRP CE2 CZ2  sing Y N 367 
TRP CE3 CZ3  doub Y N 368 
TRP CE3 HE3  sing N N 369 
TRP CZ2 CH2  doub Y N 370 
TRP CZ2 HZ2  sing N N 371 
TRP CZ3 CH2  sing Y N 372 
TRP CZ3 HZ3  sing N N 373 
TRP CH2 HH2  sing N N 374 
TRP OXT HXT  sing N N 375 
TYR N   CA   sing N N 376 
TYR N   H    sing N N 377 
TYR N   H2   sing N N 378 
TYR CA  C    sing N N 379 
TYR CA  CB   sing N N 380 
TYR CA  HA   sing N N 381 
TYR C   O    doub N N 382 
TYR C   OXT  sing N N 383 
TYR CB  CG   sing N N 384 
TYR CB  HB2  sing N N 385 
TYR CB  HB3  sing N N 386 
TYR CG  CD1  doub Y N 387 
TYR CG  CD2  sing Y N 388 
TYR CD1 CE1  sing Y N 389 
TYR CD1 HD1  sing N N 390 
TYR CD2 CE2  doub Y N 391 
TYR CD2 HD2  sing N N 392 
TYR CE1 CZ   doub Y N 393 
TYR CE1 HE1  sing N N 394 
TYR CE2 CZ   sing Y N 395 
TYR CE2 HE2  sing N N 396 
TYR CZ  OH   sing N N 397 
TYR OH  HH   sing N N 398 
TYR OXT HXT  sing N N 399 
VAL N   CA   sing N N 400 
VAL N   H    sing N N 401 
VAL N   H2   sing N N 402 
VAL CA  C    sing N N 403 
VAL CA  CB   sing N N 404 
VAL CA  HA   sing N N 405 
VAL C   O    doub N N 406 
VAL C   OXT  sing N N 407 
VAL CB  CG1  sing N N 408 
VAL CB  CG2  sing N N 409 
VAL CB  HB   sing N N 410 
VAL CG1 HG11 sing N N 411 
VAL CG1 HG12 sing N N 412 
VAL CG1 HG13 sing N N 413 
VAL CG2 HG21 sing N N 414 
VAL CG2 HG22 sing N N 415 
VAL CG2 HG23 sing N N 416 
VAL OXT HXT  sing N N 417 
# 
_atom_sites.entry_id                    7LPR 
_atom_sites.fract_transf_matrix[1][1]   0.00383648 
_atom_sites.fract_transf_matrix[1][2]   0.01689898 
_atom_sites.fract_transf_matrix[1][3]   0.00171006 
_atom_sites.fract_transf_matrix[2][1]   -0.00984161 
_atom_sites.fract_transf_matrix[2][2]   0.01018095 
_atom_sites.fract_transf_matrix[2][3]   0.01013599 
_atom_sites.fract_transf_matrix[3][1]   0.00729651 
_atom_sites.fract_transf_matrix[3][2]   -0.00264193 
_atom_sites.fract_transf_matrix[3][3]   0.00973825 
_atom_sites.fract_transf_vector[1]      0.597006 
_atom_sites.fract_transf_vector[2]      0.483581 
_atom_sites.fract_transf_vector[3]      0.183752 
# 
_atom_sites_footnote.id     1 
_atom_sites_footnote.text   ? 
# 
loop_
_atom_type.symbol 
B 
C 
N 
O 
S 
# 
loop_
_atom_site.group_PDB 
_atom_site.id 
_atom_site.type_symbol 
_atom_site.label_atom_id 
_atom_site.label_alt_id 
_atom_site.label_comp_id 
_atom_site.label_asym_id 
_atom_site.label_entity_id 
_atom_site.label_seq_id 
_atom_site.pdbx_PDB_ins_code 
_atom_site.Cartn_x 
_atom_site.Cartn_y 
_atom_site.Cartn_z 
_atom_site.occupancy 
_atom_site.B_iso_or_equiv 
_atom_site.pdbx_formal_charge 
_atom_site.auth_seq_id 
_atom_site.auth_comp_id 
_atom_site.auth_asym_id 
_atom_site.auth_atom_id 
_atom_site.pdbx_PDB_model_num 
ATOM   1    N N   . ALA A 1 1   A 4.820   -9.236  -15.910 1.00 8.87  ? 15  ALA A N   1 
ATOM   2    C CA  . ALA A 1 1   A 3.703   -8.284  -15.658 1.00 10.98 ? 15  ALA A CA  1 
ATOM   3    C C   . ALA A 1 1   A 4.402   -6.917  -15.501 1.00 11.60 ? 15  ALA A C   1 
ATOM   4    O O   . ALA A 1 1   A 5.599   -7.009  -15.161 1.00 9.40  ? 15  ALA A O   1 
ATOM   5    C CB  . ALA A 1 1   A 2.876   -8.562  -14.393 1.00 7.44  ? 15  ALA A CB  1 
ATOM   6    N N   . ASN A 1 2   B 3.620   -5.875  -15.776 1.00 10.77 ? 15  ASN A N   1 
ATOM   7    C CA  . ASN A 1 2   B 4.187   -4.527  -15.588 1.00 9.02  ? 15  ASN A CA  1 
ATOM   8    C C   . ASN A 1 2   B 3.773   -4.205  -14.125 1.00 10.65 ? 15  ASN A C   1 
ATOM   9    O O   . ASN A 1 2   B 2.548   -4.238  -13.843 1.00 6.76  ? 15  ASN A O   1 
ATOM   10   C CB  . ASN A 1 2   B 3.601   -3.522  -16.577 1.00 7.62  ? 15  ASN A CB  1 
ATOM   11   C CG  . ASN A 1 2   B 4.288   -3.598  -17.901 1.00 10.35 ? 15  ASN A CG  1 
ATOM   12   O OD1 . ASN A 1 2   B 5.086   -4.532  -18.099 1.00 10.86 ? 15  ASN A OD1 1 
ATOM   13   N ND2 . ASN A 1 2   B 3.997   -2.775  -18.887 1.00 9.30  ? 15  ASN A ND2 1 
ATOM   14   N N   . ILE A 1 3   ? 4.774   -3.872  -13.285 1.00 10.47 ? 16  ILE A N   1 
ATOM   15   C CA  . ILE A 1 3   ? 4.427   -3.565  -11.886 1.00 7.48  ? 16  ILE A CA  1 
ATOM   16   C C   . ILE A 1 3   ? 4.112   -2.102  -11.686 1.00 7.93  ? 16  ILE A C   1 
ATOM   17   O O   . ILE A 1 3   ? 5.087   -1.303  -11.814 1.00 6.83  ? 16  ILE A O   1 
ATOM   18   C CB  . ILE A 1 3   ? 5.617   -3.999  -10.982 1.00 8.56  ? 16  ILE A CB  1 
ATOM   19   C CG1 . ILE A 1 3   ? 5.997   -5.442  -11.367 1.00 7.95  ? 16  ILE A CG1 1 
ATOM   20   C CG2 . ILE A 1 3   ? 5.314   -3.789  -9.486  1.00 8.31  ? 16  ILE A CG2 1 
ATOM   21   C CD1 . ILE A 1 3   ? 4.923   -6.550  -11.188 1.00 9.68  ? 16  ILE A CD1 1 
ATOM   22   N N   . VAL A 1 4   ? 2.858   -1.807  -11.352 1.00 5.92  ? 17  VAL A N   1 
ATOM   23   C CA  . VAL A 1 4   ? 2.392   -0.430  -11.127 1.00 6.15  ? 17  VAL A CA  1 
ATOM   24   C C   . VAL A 1 4   ? 1.671   -0.313  -9.769  1.00 6.78  ? 17  VAL A C   1 
ATOM   25   O O   . VAL A 1 4   ? 0.913   -1.243  -9.437  1.00 9.29  ? 17  VAL A O   1 
ATOM   26   C CB  . VAL A 1 4   ? 1.396   -0.129  -12.298 1.00 6.72  ? 17  VAL A CB  1 
ATOM   27   C CG1 . VAL A 1 4   ? 0.511   1.087   -12.143 1.00 5.78  ? 17  VAL A CG1 1 
ATOM   28   C CG2 . VAL A 1 4   ? 2.115   -0.146  -13.634 1.00 5.39  ? 17  VAL A CG2 1 
ATOM   29   N N   . GLY A 1 5   ? 1.886   0.770   -9.047  1.00 4.78  ? 18  GLY A N   1 
ATOM   30   C CA  . GLY A 1 5   ? 1.244   0.985   -7.742  1.00 4.57  ? 18  GLY A CA  1 
ATOM   31   C C   . GLY A 1 5   ? -0.270  0.903   -7.925  1.00 5.99  ? 18  GLY A C   1 
ATOM   32   O O   . GLY A 1 5   ? -0.759  1.416   -8.966  1.00 9.28  ? 18  GLY A O   1 
ATOM   33   N N   . GLY A 1 6   ? -0.939  0.242   -6.991  1.00 3.77  ? 19  GLY A N   1 
ATOM   34   C CA  . GLY A 1 6   ? -2.419  0.196   -7.109  1.00 5.79  ? 19  GLY A CA  1 
ATOM   35   C C   . GLY A 1 6   ? -3.072  -1.032  -7.719  1.00 7.27  ? 19  GLY A C   1 
ATOM   36   O O   . GLY A 1 6   ? -4.297  -1.118  -7.470  1.00 6.87  ? 19  GLY A O   1 
ATOM   37   N N   . ILE A 1 7   ? -2.287  -1.828  -8.488  1.00 5.40  ? 29  ILE A N   1 
ATOM   38   C CA  . ILE A 1 7   ? -2.947  -2.990  -9.137  1.00 5.92  ? 29  ILE A CA  1 
ATOM   39   C C   . ILE A 1 7   ? -3.164  -4.163  -8.231  1.00 6.02  ? 29  ILE A C   1 
ATOM   40   O O   . ILE A 1 7   ? -2.547  -4.288  -7.151  1.00 7.72  ? 29  ILE A O   1 
ATOM   41   C CB  . ILE A 1 7   ? -2.183  -3.327  -10.492 1.00 7.34  ? 29  ILE A CB  1 
ATOM   42   C CG1 . ILE A 1 7   ? -0.817  -3.895  -10.129 1.00 6.39  ? 29  ILE A CG1 1 
ATOM   43   C CG2 . ILE A 1 7   ? -1.979  -1.967  -11.255 1.00 5.39  ? 29  ILE A CG2 1 
ATOM   44   C CD1 . ILE A 1 7   ? 0.072   -4.422  -11.283 1.00 8.56  ? 29  ILE A CD1 1 
ATOM   45   N N   . GLU A 1 8   ? -4.062  -5.090  -8.629  1.00 7.32  ? 30  GLU A N   1 
ATOM   46   C CA  . GLU A 1 8   ? -4.351  -6.244  -7.785  1.00 4.70  ? 30  GLU A CA  1 
ATOM   47   C C   . GLU A 1 8   ? -3.326  -7.347  -7.967  1.00 7.39  ? 30  GLU A C   1 
ATOM   48   O O   . GLU A 1 8   ? -2.724  -7.508  -9.057  1.00 7.21  ? 30  GLU A O   1 
ATOM   49   C CB  . GLU A 1 8   ? -5.580  -6.883  -8.459  1.00 5.99  ? 30  GLU A CB  1 
ATOM   50   C CG  . GLU A 1 8   ? -6.061  -8.071  -7.579  1.00 6.08  ? 30  GLU A CG  1 
ATOM   51   C CD  . GLU A 1 8   ? -7.270  -8.568  -8.308  1.00 10.47 ? 30  GLU A CD  1 
ATOM   52   O OE1 . GLU A 1 8   ? -8.267  -7.857  -8.189  1.00 11.35 ? 30  GLU A OE1 1 
ATOM   53   O OE2 . GLU A 1 8   ? -7.275  -9.545  -9.034  1.00 13.11 ? 30  GLU A OE2 1 
ATOM   54   N N   . TYR A 1 9   ? -3.149  -8.111  -6.892  1.00 6.41  ? 31  TYR A N   1 
ATOM   55   C CA  . TYR A 1 9   ? -2.258  -9.266  -6.973  1.00 6.63  ? 31  TYR A CA  1 
ATOM   56   C C   . TYR A 1 9   ? -2.927  -10.216 -5.971  1.00 7.92  ? 31  TYR A C   1 
ATOM   57   O O   . TYR A 1 9   ? -3.575  -9.642  -5.058  1.00 8.41  ? 31  TYR A O   1 
ATOM   58   C CB  . TYR A 1 9   ? -0.775  -8.953  -6.684  1.00 5.20  ? 31  TYR A CB  1 
ATOM   59   C CG  . TYR A 1 9   ? -0.476  -8.745  -5.219  1.00 3.88  ? 31  TYR A CG  1 
ATOM   60   C CD1 . TYR A 1 9   ? -0.590  -7.435  -4.699  1.00 4.79  ? 31  TYR A CD1 1 
ATOM   61   C CD2 . TYR A 1 9   ? -0.068  -9.751  -4.366  1.00 3.00  ? 31  TYR A CD2 1 
ATOM   62   C CE1 . TYR A 1 9   ? -0.291  -7.086  -3.391  1.00 3.08  ? 31  TYR A CE1 1 
ATOM   63   C CE2 . TYR A 1 9   ? 0.239   -9.450  -3.032  1.00 2.48  ? 31  TYR A CE2 1 
ATOM   64   C CZ  . TYR A 1 9   ? 0.133   -8.144  -2.563  1.00 4.84  ? 31  TYR A CZ  1 
ATOM   65   O OH  . TYR A 1 9   ? 0.332   -7.837  -1.230  1.00 4.15  ? 31  TYR A OH  1 
ATOM   66   N N   . SER A 1 10  ? -2.717  -11.526 -6.090  1.00 6.27  ? 32  SER A N   1 
ATOM   67   C CA  . SER A 1 10  ? -3.333  -12.450 -5.117  1.00 6.79  ? 32  SER A CA  1 
ATOM   68   C C   . SER A 1 10  ? -2.185  -13.118 -4.341  1.00 10.12 ? 32  SER A C   1 
ATOM   69   O O   . SER A 1 10  ? -1.027  -13.119 -4.864  1.00 9.80  ? 32  SER A O   1 
ATOM   70   C CB  . SER A 1 10  ? -4.153  -13.522 -5.851  1.00 6.35  ? 32  SER A CB  1 
ATOM   71   O OG  . SER A 1 10  ? -3.301  -14.256 -6.782  1.00 8.62  ? 32  SER A OG  1 
ATOM   72   N N   . ILE A 1 11  ? -2.598  -13.681 -3.186  1.00 8.79  ? 33  ILE A N   1 
ATOM   73   C CA  . ILE A 1 11  ? -1.560  -14.354 -2.362  1.00 7.89  ? 33  ILE A CA  1 
ATOM   74   C C   . ILE A 1 11  ? -2.024  -15.802 -2.172  1.00 10.02 ? 33  ILE A C   1 
ATOM   75   O O   . ILE A 1 11  ? -3.182  -15.980 -1.677  1.00 11.12 ? 33  ILE A O   1 
ATOM   76   C CB  . ILE A 1 11  ? -1.477  -13.615 -0.963  1.00 7.44  ? 33  ILE A CB  1 
ATOM   77   C CG1 . ILE A 1 11  ? -1.242  -12.106 -1.115  1.00 4.80  ? 33  ILE A CG1 1 
ATOM   78   C CG2 . ILE A 1 11  ? -0.379  -14.333 -0.117  1.00 5.24  ? 33  ILE A CG2 1 
ATOM   79   C CD1 . ILE A 1 11  ? -2.407  -11.150 -1.339  1.00 4.21  ? 33  ILE A CD1 1 
ATOM   80   N N   . ASN A 1 12  ? -1.199  -16.754 -2.530  1.00 9.92  ? 34  ASN A N   1 
ATOM   81   C CA  . ASN A 1 12  ? -1.520  -18.168 -2.417  1.00 9.94  ? 34  ASN A CA  1 
ATOM   82   C C   . ASN A 1 12  ? -2.882  -18.500 -2.994  1.00 10.74 ? 34  ASN A C   1 
ATOM   83   O O   . ASN A 1 12  ? -3.623  -19.339 -2.393  1.00 7.39  ? 34  ASN A O   1 
ATOM   84   C CB  . ASN A 1 12  ? -1.438  -18.477 -0.936  1.00 12.25 ? 34  ASN A CB  1 
ATOM   85   C CG  . ASN A 1 12  ? 0.032   -18.548 -0.494  1.00 15.40 ? 34  ASN A CG  1 
ATOM   86   O OD1 . ASN A 1 12  ? 1.026   -18.592 -1.269  1.00 16.07 ? 34  ASN A OD1 1 
ATOM   87   N ND2 . ASN A 1 12  ? 0.151   -18.554 0.836   1.00 15.04 ? 34  ASN A ND2 1 
ATOM   88   N N   . ASN A 1 13  ? -3.170  -17.918 -4.148  1.00 11.01 ? 35  ASN A N   1 
ATOM   89   C CA  . ASN A 1 13  ? -4.488  -18.188 -4.786  1.00 12.71 ? 35  ASN A CA  1 
ATOM   90   C C   . ASN A 1 13  ? -5.706  -17.963 -3.923  1.00 14.48 ? 35  ASN A C   1 
ATOM   91   O O   . ASN A 1 13  ? -6.780  -18.546 -4.301  1.00 12.32 ? 35  ASN A O   1 
ATOM   92   C CB  . ASN A 1 13  ? -4.460  -19.658 -5.226  1.00 14.98 ? 35  ASN A CB  1 
ATOM   93   C CG  . ASN A 1 13  ? -3.969  -19.627 -6.681  1.00 17.69 ? 35  ASN A CG  1 
ATOM   94   O OD1 . ASN A 1 13  ? -4.218  -18.621 -7.369  1.00 17.98 ? 35  ASN A OD1 1 
ATOM   95   N ND2 . ASN A 1 13  ? -3.385  -20.790 -6.988  1.00 18.99 ? 35  ASN A ND2 1 
ATOM   96   N N   . ALA A 1 14  ? -5.562  -17.123 -2.869  1.00 12.93 ? 39  ALA A N   1 
ATOM   97   C CA  . ALA A 1 14  ? -6.755  -16.913 -1.995  1.00 13.78 ? 39  ALA A CA  1 
ATOM   98   C C   . ALA A 1 14  ? -7.082  -15.445 -1.793  1.00 13.25 ? 39  ALA A C   1 
ATOM   99   O O   . ALA A 1 14  ? -8.017  -14.960 -2.447  1.00 17.99 ? 39  ALA A O   1 
ATOM   100  C CB  . ALA A 1 14  ? -6.651  -17.666 -0.648  1.00 12.20 ? 39  ALA A CB  1 
ATOM   101  N N   . SER A 1 15  ? -6.376  -14.689 -1.060  1.00 10.06 ? 40  SER A N   1 
ATOM   102  C CA  . SER A 1 15  ? -6.548  -13.300 -0.754  1.00 11.40 ? 40  SER A CA  1 
ATOM   103  C C   . SER A 1 15  ? -6.073  -12.411 -1.924  1.00 8.95  ? 40  SER A C   1 
ATOM   104  O O   . SER A 1 15  ? -5.260  -12.822 -2.702  1.00 8.24  ? 40  SER A O   1 
ATOM   105  C CB  . SER A 1 15  ? -5.612  -12.882 0.388   1.00 12.86 ? 40  SER A CB  1 
ATOM   106  O OG  . SER A 1 15  ? -6.038  -13.424 1.629   1.00 21.41 ? 40  SER A OG  1 
ATOM   107  N N   . LEU A 1 16  ? -6.622  -11.200 -1.896  1.00 7.49  ? 41  LEU A N   1 
ATOM   108  C CA  . LEU A 1 16  ? -6.279  -10.151 -2.851  1.00 7.98  ? 41  LEU A CA  1 
ATOM   109  C C   . LEU A 1 16  ? -5.685  -8.983  -2.022  1.00 7.72  ? 41  LEU A C   1 
ATOM   110  O O   . LEU A 1 16  ? -6.122  -8.743  -0.873  1.00 6.31  ? 41  LEU A O   1 
ATOM   111  C CB  . LEU A 1 16  ? -7.549  -9.740  -3.559  1.00 6.44  ? 41  LEU A CB  1 
ATOM   112  C CG  . LEU A 1 16  ? -8.230  -10.783 -4.420  1.00 8.53  ? 41  LEU A CG  1 
ATOM   113  C CD1 . LEU A 1 16  ? -9.385  -10.091 -5.113  1.00 5.85  ? 41  LEU A CD1 1 
ATOM   114  C CD2 . LEU A 1 16  ? -7.250  -11.244 -5.468  1.00 7.84  ? 41  LEU A CD2 1 
ATOM   115  N N   . CYS A 1 17  ? -4.758  -8.284  -2.596  1.00 4.32  ? 42  CYS A N   1 
ATOM   116  C CA  . CYS A 1 17  ? -4.190  -7.037  -2.004  1.00 5.71  ? 42  CYS A CA  1 
ATOM   117  C C   . CYS A 1 17  ? -3.849  -6.121  -3.211  1.00 5.43  ? 42  CYS A C   1 
ATOM   118  O O   . CYS A 1 17  ? -3.993  -6.554  -4.368  1.00 7.28  ? 42  CYS A O   1 
ATOM   119  C CB  . CYS A 1 17  ? -2.983  -7.206  -1.061  1.00 2.62  ? 42  CYS A CB  1 
ATOM   120  S SG  . CYS A 1 17  ? -3.665  -7.628  0.605   1.00 7.48  ? 42  CYS A SG  1 
ATOM   121  N N   . SER A 1 18  ? -3.317  -4.986  -2.926  1.00 2.91  ? 43  SER A N   1 
ATOM   122  C CA  . SER A 1 18  ? -2.884  -4.039  -3.952  1.00 3.24  ? 43  SER A CA  1 
ATOM   123  C C   . SER A 1 18  ? -1.369  -3.810  -3.876  1.00 3.56  ? 43  SER A C   1 
ATOM   124  O O   . SER A 1 18  ? -0.864  -3.805  -2.751  1.00 3.58  ? 43  SER A O   1 
ATOM   125  C CB  . SER A 1 18  ? -3.630  -2.717  -3.852  1.00 2.00  ? 43  SER A CB  1 
ATOM   126  O OG  . SER A 1 18  ? -5.017  -2.962  -4.002  1.00 4.31  ? 43  SER A OG  1 
ATOM   127  N N   . VAL A 1 19  ? -0.727  -3.557  -5.041  1.00 4.50  ? 44  VAL A N   1 
ATOM   128  C CA  . VAL A 1 19  ? 0.712   -3.262  -5.066  1.00 4.19  ? 44  VAL A CA  1 
ATOM   129  C C   . VAL A 1 19  ? 0.894   -1.826  -4.536  1.00 2.98  ? 44  VAL A C   1 
ATOM   130  O O   . VAL A 1 19  ? 0.122   -0.920  -4.893  1.00 4.10  ? 44  VAL A O   1 
ATOM   131  C CB  . VAL A 1 19  ? 1.265   -3.314  -6.520  1.00 6.64  ? 44  VAL A CB  1 
ATOM   132  C CG1 . VAL A 1 19  ? 2.676   -2.805  -6.576  1.00 5.73  ? 44  VAL A CG1 1 
ATOM   133  C CG2 . VAL A 1 19  ? 1.149   -4.742  -7.131  1.00 6.17  ? 44  VAL A CG2 1 
ATOM   134  N N   . GLY A 1 20  ? 1.866   -1.653  -3.694  1.00 2.00  ? 45  GLY A N   1 
ATOM   135  C CA  . GLY A 1 20  ? 2.224   -0.336  -3.167  1.00 2.38  ? 45  GLY A CA  1 
ATOM   136  C C   . GLY A 1 20  ? 3.164   0.361   -4.131  1.00 2.63  ? 45  GLY A C   1 
ATOM   137  O O   . GLY A 1 20  ? 2.683   1.201   -4.877  1.00 4.73  ? 45  GLY A O   1 
ATOM   138  N N   . PHE A 1 21  ? 4.448   0.120   -4.154  1.00 2.99  ? 46  PHE A N   1 
ATOM   139  C CA  . PHE A 1 21  ? 5.474   0.741   -4.979  1.00 2.48  ? 46  PHE A CA  1 
ATOM   140  C C   . PHE A 1 21  ? 6.561   -0.226  -5.473  1.00 5.10  ? 46  PHE A C   1 
ATOM   141  O O   . PHE A 1 21  ? 6.964   -1.147  -4.722  1.00 5.89  ? 46  PHE A O   1 
ATOM   142  C CB  . PHE A 1 21  ? 6.276   1.880   -4.276  1.00 3.88  ? 46  PHE A CB  1 
ATOM   143  C CG  . PHE A 1 21  ? 5.307   2.912   -3.716  1.00 5.87  ? 46  PHE A CG  1 
ATOM   144  C CD1 . PHE A 1 21  ? 4.732   3.870   -4.592  1.00 6.40  ? 46  PHE A CD1 1 
ATOM   145  C CD2 . PHE A 1 21  ? 4.927   2.881   -2.351  1.00 5.39  ? 46  PHE A CD2 1 
ATOM   146  C CE1 . PHE A 1 21  ? 3.791   4.783   -4.090  1.00 5.35  ? 46  PHE A CE1 1 
ATOM   147  C CE2 . PHE A 1 21  ? 3.999   3.795   -1.877  1.00 4.78  ? 46  PHE A CE2 1 
ATOM   148  C CZ  . PHE A 1 21  ? 3.427   4.733   -2.759  1.00 3.91  ? 46  PHE A CZ  1 
ATOM   149  N N   . SER A 1 22  ? 7.013   -0.029  -6.718  1.00 5.98  ? 47  SER A N   1 
ATOM   150  C CA  . SER A 1 22  ? 8.097   -0.754  -7.332  1.00 5.14  ? 47  SER A CA  1 
ATOM   151  C C   . SER A 1 22  ? 9.396   -0.319  -6.573  1.00 6.54  ? 47  SER A C   1 
ATOM   152  O O   . SER A 1 22  ? 9.598   0.907   -6.373  1.00 6.42  ? 47  SER A O   1 
ATOM   153  C CB  . SER A 1 22  ? 8.324   -0.220  -8.741  1.00 6.21  ? 47  SER A CB  1 
ATOM   154  O OG  . SER A 1 22  ? 7.291   -0.725  -9.603  1.00 8.24  ? 47  SER A OG  1 
ATOM   155  N N   . VAL A 1 23  ? 10.254  -1.299  -6.256  1.00 4.37  ? 48  VAL A N   1 
ATOM   156  C CA  . VAL A 1 23  ? 11.495  -0.934  -5.540  1.00 5.82  ? 48  VAL A CA  1 
ATOM   157  C C   . VAL A 1 23  ? 12.581  -1.938  -5.996  1.00 6.97  ? 48  VAL A C   1 
ATOM   158  O O   . VAL A 1 23  ? 12.185  -2.920  -6.630  1.00 8.45  ? 48  VAL A O   1 
ATOM   159  C CB  . VAL A 1 23  ? 11.398  -1.174  -4.013  1.00 5.04  ? 48  VAL A CB  1 
ATOM   160  C CG1 . VAL A 1 23  ? 10.446  -0.200  -3.319  1.00 6.11  ? 48  VAL A CG1 1 
ATOM   161  C CG2 . VAL A 1 23  ? 11.074  -2.633  -3.639  1.00 3.74  ? 48  VAL A CG2 1 
ATOM   162  N N   . THR A 1 24  A 13.819  -1.590  -5.635  1.00 7.03  ? 48  THR A N   1 
ATOM   163  C CA  . THR A 1 24  A 14.886  -2.572  -5.937  1.00 8.06  ? 48  THR A CA  1 
ATOM   164  C C   . THR A 1 24  A 15.642  -2.755  -4.596  1.00 9.34  ? 48  THR A C   1 
ATOM   165  O O   . THR A 1 24  A 15.657  -1.816  -3.761  1.00 8.79  ? 48  THR A O   1 
ATOM   166  C CB  . THR A 1 24  A 15.910  -2.094  -7.029  1.00 9.47  ? 48  THR A CB  1 
ATOM   167  O OG1 . THR A 1 24  A 16.517  -0.818  -6.617  1.00 7.10  ? 48  THR A OG1 1 
ATOM   168  C CG2 . THR A 1 24  A 15.245  -2.001  -8.427  1.00 9.67  ? 48  THR A CG2 1 
ATOM   169  N N   . ARG A 1 25  B 16.298  -3.914  -4.555  1.00 10.37 ? 48  ARG A N   1 
ATOM   170  C CA  . ARG A 1 25  B 17.225  -4.250  -3.447  1.00 11.19 ? 48  ARG A CA  1 
ATOM   171  C C   . ARG A 1 25  B 18.472  -4.837  -4.147  1.00 11.03 ? 48  ARG A C   1 
ATOM   172  O O   . ARG A 1 25  B 18.511  -6.075  -4.433  1.00 11.47 ? 48  ARG A O   1 
ATOM   173  C CB  . ARG A 1 25  B 16.505  -5.405  -2.727  1.00 16.73 ? 48  ARG A CB  1 
ATOM   174  C CG  . ARG A 1 25  B 16.606  -5.101  -1.227  1.00 21.91 ? 48  ARG A CG  1 
ATOM   175  C CD  . ARG A 1 25  B 17.848  -5.638  -0.682  1.00 24.42 ? 48  ARG A CD  1 
ATOM   176  N NE  . ARG A 1 25  B 17.744  -7.056  -0.547  1.00 27.67 ? 48  ARG A NE  1 
ATOM   177  C CZ  . ARG A 1 25  B 17.555  -8.101  0.211   1.00 28.64 ? 48  ARG A CZ  1 
ATOM   178  N NH1 . ARG A 1 25  B 17.309  -7.783  1.485   1.00 29.86 ? 48  ARG A NH1 1 
ATOM   179  N NH2 . ARG A 1 25  B 17.623  -9.305  -0.349  1.00 27.21 ? 48  ARG A NH2 1 
ATOM   180  N N   . GLY A 1 26  C 19.401  -3.974  -4.532  1.00 9.59  ? 48  GLY A N   1 
ATOM   181  C CA  . GLY A 1 26  C 20.565  -4.457  -5.304  1.00 8.98  ? 48  GLY A CA  1 
ATOM   182  C C   . GLY A 1 26  C 19.928  -4.879  -6.638  1.00 9.95  ? 48  GLY A C   1 
ATOM   183  O O   . GLY A 1 26  C 18.960  -4.260  -7.118  1.00 11.51 ? 48  GLY A O   1 
ATOM   184  N N   . ALA A 1 27  D 20.378  -5.936  -7.268  1.00 9.39  ? 48  ALA A N   1 
ATOM   185  C CA  . ALA A 1 27  D 19.849  -6.405  -8.551  1.00 9.31  ? 48  ALA A CA  1 
ATOM   186  C C   . ALA A 1 27  D 18.461  -7.011  -8.383  1.00 10.65 ? 48  ALA A C   1 
ATOM   187  O O   . ALA A 1 27  D 17.898  -7.394  -9.430  1.00 12.94 ? 48  ALA A O   1 
ATOM   188  C CB  . ALA A 1 27  D 20.904  -7.429  -9.011  1.00 8.68  ? 48  ALA A CB  1 
ATOM   189  N N   . THR A 1 28  ? 17.931  -7.183  -7.170  1.00 9.08  ? 49  THR A N   1 
ATOM   190  C CA  . THR A 1 28  ? 16.607  -7.806  -7.055  1.00 9.27  ? 49  THR A CA  1 
ATOM   191  C C   . THR A 1 28  ? 15.483  -6.781  -7.212  1.00 8.93  ? 49  THR A C   1 
ATOM   192  O O   . THR A 1 28  ? 15.575  -5.688  -6.659  1.00 9.48  ? 49  THR A O   1 
ATOM   193  C CB  . THR A 1 28  ? 16.391  -8.439  -5.623  1.00 11.00 ? 49  THR A CB  1 
ATOM   194  O OG1 . THR A 1 28  ? 17.601  -9.228  -5.380  1.00 12.81 ? 49  THR A OG1 1 
ATOM   195  C CG2 . THR A 1 28  ? 15.109  -9.243  -5.533  1.00 9.00  ? 49  THR A CG2 1 
ATOM   196  N N   . LYS A 1 29  ? 14.461  -7.181  -7.935  1.00 8.05  ? 50  LYS A N   1 
ATOM   197  C CA  . LYS A 1 29  ? 13.256  -6.393  -8.190  1.00 7.98  ? 50  LYS A CA  1 
ATOM   198  C C   . LYS A 1 29  ? 12.205  -6.790  -7.122  1.00 8.15  ? 50  LYS A C   1 
ATOM   199  O O   . LYS A 1 29  ? 12.216  -7.933  -6.614  1.00 8.01  ? 50  LYS A O   1 
ATOM   200  C CB  . LYS A 1 29  ? 12.711  -6.801  -9.569  1.00 9.23  ? 50  LYS A CB  1 
ATOM   201  C CG  . LYS A 1 29  ? 13.550  -6.291  -10.732 1.00 9.81  ? 50  LYS A CG  1 
ATOM   202  C CD  . LYS A 1 29  ? 12.889  -6.863  -11.996 1.00 11.95 ? 50  LYS A CD  1 
ATOM   203  C CE  . LYS A 1 29  ? 13.894  -6.738  -13.146 1.00 13.55 ? 50  LYS A CE  1 
ATOM   204  N NZ  . LYS A 1 29  ? 13.272  -6.974  -14.508 1.00 12.56 ? 50  LYS A NZ  1 
ATOM   205  N N   . GLY A 1 30  ? 11.379  -5.842  -6.727  1.00 7.25  ? 51  GLY A N   1 
ATOM   206  C CA  . GLY A 1 30  ? 10.336  -6.113  -5.723  1.00 7.60  ? 51  GLY A CA  1 
ATOM   207  C C   . GLY A 1 30  ? 9.252   -5.017  -5.696  1.00 7.43  ? 51  GLY A C   1 
ATOM   208  O O   . GLY A 1 30  ? 9.356   -4.036  -6.452  1.00 6.88  ? 51  GLY A O   1 
ATOM   209  N N   . PHE A 1 31  ? 8.284   -5.200  -4.803  1.00 5.34  ? 52  PHE A N   1 
ATOM   210  C CA  . PHE A 1 31  ? 7.291   -4.179  -4.564  1.00 6.38  ? 52  PHE A CA  1 
ATOM   211  C C   . PHE A 1 31  ? 7.033   -4.171  -3.065  1.00 4.15  ? 52  PHE A C   1 
ATOM   212  O O   . PHE A 1 31  ? 7.112   -5.272  -2.481  1.00 4.66  ? 52  PHE A O   1 
ATOM   213  C CB  . PHE A 1 31  ? 6.100   -4.260  -5.505  1.00 6.09  ? 52  PHE A CB  1 
ATOM   214  C CG  . PHE A 1 31  ? 5.208   -5.462  -5.296  1.00 6.93  ? 52  PHE A CG  1 
ATOM   215  C CD1 . PHE A 1 31  ? 4.310   -5.466  -4.218  1.00 7.59  ? 52  PHE A CD1 1 
ATOM   216  C CD2 . PHE A 1 31  ? 5.180   -6.479  -6.254  1.00 7.41  ? 52  PHE A CD2 1 
ATOM   217  C CE1 . PHE A 1 31  ? 3.389   -6.529  -4.056  1.00 6.23  ? 52  PHE A CE1 1 
ATOM   218  C CE2 . PHE A 1 31  ? 4.265   -7.538  -6.125  1.00 8.49  ? 52  PHE A CE2 1 
ATOM   219  C CZ  . PHE A 1 31  ? 3.391   -7.580  -4.999  1.00 6.97  ? 52  PHE A CZ  1 
ATOM   220  N N   . VAL A 1 32  ? 6.732   -3.033  -2.498  1.00 4.56  ? 53  VAL A N   1 
ATOM   221  C CA  . VAL A 1 32  ? 6.403   -2.991  -1.044  1.00 2.65  ? 53  VAL A CA  1 
ATOM   222  C C   . VAL A 1 32  ? 4.868   -3.077  -1.021  1.00 4.53  ? 53  VAL A C   1 
ATOM   223  O O   . VAL A 1 32  ? 4.244   -2.636  -2.019  1.00 2.51  ? 53  VAL A O   1 
ATOM   224  C CB  . VAL A 1 32  ? 6.940   -1.756  -0.331  1.00 3.60  ? 53  VAL A CB  1 
ATOM   225  C CG1 . VAL A 1 32  ? 8.467   -1.850  -0.297  1.00 3.98  ? 53  VAL A CG1 1 
ATOM   226  C CG2 . VAL A 1 32  ? 6.560   -0.555  -1.131  1.00 6.73  ? 53  VAL A CG2 1 
ATOM   227  N N   . THR A 1 33  ? 4.372   -3.585  0.124   1.00 4.04  ? 54  THR A N   1 
ATOM   228  C CA  . THR A 1 33  ? 2.924   -3.823  0.277   1.00 5.74  ? 54  THR A CA  1 
ATOM   229  C C   . THR A 1 33  ? 2.652   -3.955  1.772   1.00 6.62  ? 54  THR A C   1 
ATOM   230  O O   . THR A 1 33  ? 3.602   -3.774  2.545   1.00 7.36  ? 54  THR A O   1 
ATOM   231  C CB  . THR A 1 33  ? 2.531   -5.146  -0.492  1.00 4.84  ? 54  THR A CB  1 
ATOM   232  O OG1 . THR A 1 33  ? 1.070   -5.160  -0.653  1.00 4.67  ? 54  THR A OG1 1 
ATOM   233  C CG2 . THR A 1 33  ? 2.963   -6.533  0.013   1.00 4.13  ? 54  THR A CG2 1 
ATOM   234  N N   . ALA A 1 34  ? 1.425   -4.320  2.130   1.00 7.58  ? 55  ALA A N   1 
ATOM   235  C CA  . ALA A 1 34  ? 1.076   -4.468  3.551   1.00 6.91  ? 55  ALA A CA  1 
ATOM   236  C C   . ALA A 1 34  ? 1.507   -5.853  4.104   1.00 6.86  ? 55  ALA A C   1 
ATOM   237  O O   . ALA A 1 34  ? 1.390   -6.861  3.437   1.00 5.43  ? 55  ALA A O   1 
ATOM   238  C CB  . ALA A 1 34  ? -0.399  -4.183  3.739   1.00 5.05  ? 55  ALA A CB  1 
ATOM   239  N N   . GLY A 1 35  ? 1.981   -5.820  5.360   1.00 7.46  ? 56  GLY A N   1 
ATOM   240  C CA  . GLY A 1 35  ? 2.399   -7.046  6.031   1.00 7.39  ? 56  GLY A CA  1 
ATOM   241  C C   . GLY A 1 35  ? 1.268   -8.039  6.215   1.00 8.39  ? 56  GLY A C   1 
ATOM   242  O O   . GLY A 1 35  ? 1.522   -9.250  6.041   1.00 7.67  ? 56  GLY A O   1 
ATOM   243  N N   . HIS A 1 36  ? 0.077   -7.499  6.535   1.00 8.03  ? 57  HIS A N   1 
ATOM   244  C CA  . HIS A 1 36  ? -1.009  -8.477  6.755   1.00 6.51  ? 57  HIS A CA  1 
ATOM   245  C C   . HIS A 1 36  ? -1.317  -9.099  5.408   1.00 7.65  ? 57  HIS A C   1 
ATOM   246  O O   . HIS A 1 36  ? -2.129  -10.052 5.595   1.00 10.26 ? 57  HIS A O   1 
ATOM   247  C CB  . HIS A 1 36  ? -2.253  -7.893  7.464   1.00 4.83  ? 57  HIS A CB  1 
ATOM   248  C CG  . HIS A 1 36  ? -3.009  -6.932  6.596   1.00 5.52  ? 57  HIS A CG  1 
ATOM   249  N ND1 . HIS A 1 36  ? -2.829  -5.569  6.532   1.00 5.98  ? 57  HIS A ND1 1 
ATOM   250  C CD2 . HIS A 1 36  ? -4.016  -7.232  5.707   1.00 4.11  ? 57  HIS A CD2 1 
ATOM   251  C CE1 . HIS A 1 36  ? -3.748  -5.048  5.663   1.00 5.08  ? 57  HIS A CE1 1 
ATOM   252  N NE2 . HIS A 1 36  ? -4.429  -6.029  5.147   1.00 3.80  ? 57  HIS A NE2 1 
ATOM   253  N N   . CYS A 1 37  ? -0.963  -8.702  4.216   1.00 5.04  ? 58  CYS A N   1 
ATOM   254  C CA  . CYS A 1 37  ? -1.375  -9.424  3.020   1.00 7.11  ? 58  CYS A CA  1 
ATOM   255  C C   . CYS A 1 37  ? -0.834  -10.851 2.884   1.00 8.20  ? 58  CYS A C   1 
ATOM   256  O O   . CYS A 1 37  ? -1.531  -11.633 2.175   1.00 8.71  ? 58  CYS A O   1 
ATOM   257  C CB  . CYS A 1 37  ? -0.948  -8.619  1.716   1.00 8.18  ? 58  CYS A CB  1 
ATOM   258  S SG  . CYS A 1 37  ? -2.012  -7.100  1.744   1.00 9.23  ? 58  CYS A SG  1 
ATOM   259  N N   . GLY A 1 38  ? 0.365   -11.157 3.398   1.00 8.09  ? 59  GLY A N   1 
ATOM   260  C CA  . GLY A 1 38  ? 0.890   -12.509 3.233   1.00 10.38 ? 59  GLY A CA  1 
ATOM   261  C C   . GLY A 1 38  ? 1.934   -12.908 4.289   1.00 10.93 ? 59  GLY A C   1 
ATOM   262  O O   . GLY A 1 38  ? 2.441   -12.051 4.997   1.00 13.23 ? 59  GLY A O   1 
ATOM   263  N N   . THR A 1 39  ? 2.330   -14.164 4.286   1.00 10.88 ? 62  THR A N   1 
ATOM   264  C CA  . THR A 1 39  ? 3.427   -14.572 5.227   1.00 11.55 ? 62  THR A CA  1 
ATOM   265  C C   . THR A 1 39  ? 4.637   -14.745 4.333   1.00 11.95 ? 62  THR A C   1 
ATOM   266  O O   . THR A 1 39  ? 4.545   -14.870 3.081   1.00 13.17 ? 62  THR A O   1 
ATOM   267  C CB  . THR A 1 39  ? 2.899   -15.900 5.892   1.00 13.30 ? 62  THR A CB  1 
ATOM   268  O OG1 . THR A 1 39  ? 2.383   -16.705 4.770   1.00 13.61 ? 62  THR A OG1 1 
ATOM   269  C CG2 . THR A 1 39  ? 1.792   -15.576 6.903   1.00 15.56 ? 62  THR A CG2 1 
ATOM   270  N N   . VAL A 1 40  ? 5.801   -14.809 4.935   1.00 11.98 ? 63  VAL A N   1 
ATOM   271  C CA  . VAL A 1 40  ? 7.069   -14.995 4.235   1.00 12.37 ? 63  VAL A CA  1 
ATOM   272  C C   . VAL A 1 40  ? 6.851   -16.205 3.351   1.00 13.18 ? 63  VAL A C   1 
ATOM   273  O O   . VAL A 1 40  ? 6.199   -17.088 3.877   1.00 15.03 ? 63  VAL A O   1 
ATOM   274  C CB  . VAL A 1 40  ? 8.174   -15.227 5.288   1.00 14.11 ? 63  VAL A CB  1 
ATOM   275  C CG1 . VAL A 1 40  ? 9.448   -15.685 4.598   1.00 13.39 ? 63  VAL A CG1 1 
ATOM   276  C CG2 . VAL A 1 40  ? 8.415   -13.842 5.908   1.00 13.74 ? 63  VAL A CG2 1 
ATOM   277  N N   . ASN A 1 41  ? 7.341   -16.279 2.164   1.00 12.07 ? 64  ASN A N   1 
ATOM   278  C CA  . ASN A 1 41  ? 7.255   -17.303 1.186   1.00 13.97 ? 64  ASN A CA  1 
ATOM   279  C C   . ASN A 1 41  ? 5.877   -17.435 0.581   1.00 12.31 ? 64  ASN A C   1 
ATOM   280  O O   . ASN A 1 41  ? 5.917   -18.295 -0.329  1.00 13.88 ? 64  ASN A O   1 
ATOM   281  C CB  . ASN A 1 41  ? 7.975   -18.645 1.403   1.00 18.46 ? 64  ASN A CB  1 
ATOM   282  C CG  . ASN A 1 41  ? 9.331   -18.413 2.052   1.00 22.49 ? 64  ASN A CG  1 
ATOM   283  O OD1 . ASN A 1 41  ? 9.499   -18.864 3.212   1.00 25.94 ? 64  ASN A OD1 1 
ATOM   284  N ND2 . ASN A 1 41  ? 10.259  -17.698 1.442   1.00 24.02 ? 64  ASN A ND2 1 
ATOM   285  N N   . ALA A 1 42  ? 4.858   -16.717 0.943   1.00 11.26 ? 65  ALA A N   1 
ATOM   286  C CA  . ALA A 1 42  ? 3.563   -16.837 0.223   1.00 10.34 ? 65  ALA A CA  1 
ATOM   287  C C   . ALA A 1 42  ? 3.807   -16.416 -1.238  1.00 10.72 ? 65  ALA A C   1 
ATOM   288  O O   . ALA A 1 42  ? 4.652   -15.530 -1.510  1.00 12.87 ? 65  ALA A O   1 
ATOM   289  C CB  . ALA A 1 42  ? 2.568   -15.856 0.825   1.00 8.49  ? 65  ALA A CB  1 
ATOM   290  N N   . THR A 1 43  A 3.110   -17.024 -2.188  1.00 11.24 ? 65  THR A N   1 
ATOM   291  C CA  . THR A 1 43  A 3.232   -16.762 -3.619  1.00 11.97 ? 65  THR A CA  1 
ATOM   292  C C   . THR A 1 43  A 2.313   -15.653 -4.100  1.00 12.37 ? 65  THR A C   1 
ATOM   293  O O   . THR A 1 43  A 1.088   -15.711 -3.841  1.00 10.92 ? 65  THR A O   1 
ATOM   294  C CB  . THR A 1 43  A 2.818   -18.081 -4.422  1.00 13.65 ? 65  THR A CB  1 
ATOM   295  O OG1 . THR A 1 43  A 3.712   -19.083 -3.890  1.00 14.82 ? 65  THR A OG1 1 
ATOM   296  C CG2 . THR A 1 43  A 3.126   -17.921 -5.920  1.00 13.90 ? 65  THR A CG2 1 
ATOM   297  N N   . ALA A 1 44  ? 2.905   -14.703 -4.803  1.00 11.33 ? 66  ALA A N   1 
ATOM   298  C CA  . ALA A 1 44  ? 2.109   -13.545 -5.317  1.00 10.46 ? 66  ALA A CA  1 
ATOM   299  C C   . ALA A 1 44  ? 1.851   -13.796 -6.807  1.00 10.96 ? 66  ALA A C   1 
ATOM   300  O O   . ALA A 1 44  ? 2.810   -14.217 -7.499  1.00 11.83 ? 66  ALA A O   1 
ATOM   301  C CB  . ALA A 1 44  ? 2.967   -12.281 -5.167  1.00 9.13  ? 66  ALA A CB  1 
ATOM   302  N N   . ARG A 1 45  ? 0.647   -13.487 -7.269  1.00 10.10 ? 67  ARG A N   1 
ATOM   303  C CA  . ARG A 1 45  ? 0.285   -13.683 -8.666  1.00 9.99  ? 67  ARG A CA  1 
ATOM   304  C C   . ARG A 1 45  ? -0.343  -12.418 -9.208  1.00 9.92  ? 67  ARG A C   1 
ATOM   305  O O   . ARG A 1 45  ? -1.127  -11.836 -8.439  1.00 10.08 ? 67  ARG A O   1 
ATOM   306  C CB  . ARG A 1 45  ? -0.829  -14.775 -8.872  1.00 8.50  ? 67  ARG A CB  1 
ATOM   307  C CG  . ARG A 1 45  ? -0.210  -16.173 -8.696  1.00 9.67  ? 67  ARG A CG  1 
ATOM   308  C CD  . ARG A 1 45  ? -1.236  -17.226 -8.853  1.00 9.42  ? 67  ARG A CD  1 
ATOM   309  N NE  . ARG A 1 45  ? -0.686  -18.576 -8.788  1.00 11.05 ? 67  ARG A NE  1 
ATOM   310  C CZ  . ARG A 1 45  ? -0.353  -19.195 -7.660  1.00 14.11 ? 67  ARG A CZ  1 
ATOM   311  N NH1 . ARG A 1 45  ? -0.514  -18.840 -6.397  1.00 14.32 ? 67  ARG A NH1 1 
ATOM   312  N NH2 . ARG A 1 45  ? 0.370   -20.310 -7.793  1.00 17.14 ? 67  ARG A NH2 1 
ATOM   313  N N   . ILE A 1 46  ? -0.007  -12.105 -10.426 1.00 10.01 ? 80  ILE A N   1 
ATOM   314  C CA  . ILE A 1 46  ? -0.609  -10.940 -11.091 1.00 10.86 ? 80  ILE A CA  1 
ATOM   315  C C   . ILE A 1 46  ? -1.153  -11.549 -12.407 1.00 14.65 ? 80  ILE A C   1 
ATOM   316  O O   . ILE A 1 46  ? -0.428  -12.165 -13.194 1.00 13.89 ? 80  ILE A O   1 
ATOM   317  C CB  . ILE A 1 46  ? 0.281   -9.714  -11.322 1.00 9.88  ? 80  ILE A CB  1 
ATOM   318  C CG1 . ILE A 1 46  ? 0.753   -9.217  -9.950  1.00 9.27  ? 80  ILE A CG1 1 
ATOM   319  C CG2 . ILE A 1 46  ? -0.441  -8.657  -12.215 1.00 9.48  ? 80  ILE A CG2 1 
ATOM   320  C CD1 . ILE A 1 46  ? 1.735   -8.028  -9.964  1.00 10.89 ? 80  ILE A CD1 1 
ATOM   321  N N   . GLY A 1 47  ? -2.451  -11.342 -12.521 1.00 17.76 ? 81  GLY A N   1 
ATOM   322  C CA  . GLY A 1 47  ? -3.287  -11.780 -13.640 1.00 20.17 ? 81  GLY A CA  1 
ATOM   323  C C   . GLY A 1 47  ? -3.080  -13.257 -13.971 1.00 20.43 ? 81  GLY A C   1 
ATOM   324  O O   . GLY A 1 47  ? -2.835  -13.602 -15.125 1.00 22.99 ? 81  GLY A O   1 
ATOM   325  N N   . GLY A 1 48  ? -3.165  -14.017 -12.911 1.00 20.73 ? 82  GLY A N   1 
ATOM   326  C CA  . GLY A 1 48  ? -2.980  -15.443 -12.949 1.00 20.83 ? 82  GLY A CA  1 
ATOM   327  C C   . GLY A 1 48  ? -1.562  -15.932 -13.107 1.00 20.03 ? 82  GLY A C   1 
ATOM   328  O O   . GLY A 1 48  ? -1.470  -17.168 -13.134 1.00 22.89 ? 82  GLY A O   1 
ATOM   329  N N   . ALA A 1 49  ? -0.559  -15.119 -13.191 1.00 18.47 ? 83  ALA A N   1 
ATOM   330  C CA  . ALA A 1 49  ? 0.827   -15.593 -13.326 1.00 16.43 ? 83  ALA A CA  1 
ATOM   331  C C   . ALA A 1 49  ? 1.667   -15.330 -12.066 1.00 14.77 ? 83  ALA A C   1 
ATOM   332  O O   . ALA A 1 49  ? 1.487   -14.271 -11.429 1.00 13.61 ? 83  ALA A O   1 
ATOM   333  C CB  . ALA A 1 49  ? 1.413   -14.784 -14.477 1.00 16.78 ? 83  ALA A CB  1 
ATOM   334  N N   . VAL A 1 50  ? 2.492   -16.291 -11.727 1.00 12.32 ? 84  VAL A N   1 
ATOM   335  C CA  . VAL A 1 50  ? 3.370   -16.132 -10.558 1.00 13.59 ? 84  VAL A CA  1 
ATOM   336  C C   . VAL A 1 50  ? 4.382   -15.004 -10.843 1.00 12.90 ? 84  VAL A C   1 
ATOM   337  O O   . VAL A 1 50  ? 5.034   -15.094 -11.885 1.00 12.29 ? 84  VAL A O   1 
ATOM   338  C CB  . VAL A 1 50  ? 4.110   -17.448 -10.226 1.00 13.21 ? 84  VAL A CB  1 
ATOM   339  C CG1 . VAL A 1 50  ? 5.250   -17.220 -9.243  1.00 9.48  ? 84  VAL A CG1 1 
ATOM   340  C CG2 . VAL A 1 50  ? 3.036   -18.409 -9.745  1.00 11.93 ? 84  VAL A CG2 1 
ATOM   341  N N   . VAL A 1 51  ? 4.471   -14.050 -9.936  1.00 12.00 ? 85  VAL A N   1 
ATOM   342  C CA  . VAL A 1 51  ? 5.454   -12.952 -10.178 1.00 9.76  ? 85  VAL A CA  1 
ATOM   343  C C   . VAL A 1 51  ? 6.499   -12.926 -9.060  1.00 11.35 ? 85  VAL A C   1 
ATOM   344  O O   . VAL A 1 51  ? 7.494   -12.268 -9.375  1.00 11.86 ? 85  VAL A O   1 
ATOM   345  C CB  . VAL A 1 51  ? 4.724   -11.606 -10.258 1.00 8.67  ? 85  VAL A CB  1 
ATOM   346  C CG1 . VAL A 1 51  ? 3.768   -11.521 -11.430 1.00 9.25  ? 85  VAL A CG1 1 
ATOM   347  C CG2 . VAL A 1 51  ? 3.980   -11.238 -8.979  1.00 4.99  ? 85  VAL A CG2 1 
ATOM   348  N N   . GLY A 1 52  ? 6.306   -13.491 -7.883  1.00 11.16 ? 86  GLY A N   1 
ATOM   349  C CA  . GLY A 1 52  ? 7.338   -13.482 -6.849  1.00 10.71 ? 86  GLY A CA  1 
ATOM   350  C C   . GLY A 1 52  ? 6.820   -14.040 -5.533  1.00 11.04 ? 86  GLY A C   1 
ATOM   351  O O   . GLY A 1 52  ? 5.720   -14.668 -5.514  1.00 11.95 ? 86  GLY A O   1 
ATOM   352  N N   . THR A 1 53  ? 7.567   -13.870 -4.433  1.00 9.16  ? 87  THR A N   1 
ATOM   353  C CA  . THR A 1 53  ? 7.089   -14.351 -3.147  1.00 9.35  ? 87  THR A CA  1 
ATOM   354  C C   . THR A 1 53  ? 7.429   -13.295 -2.093  1.00 9.09  ? 87  THR A C   1 
ATOM   355  O O   . THR A 1 53  ? 8.329   -12.414 -2.286  1.00 8.95  ? 87  THR A O   1 
ATOM   356  C CB  . THR A 1 53  ? 7.728   -15.748 -2.890  1.00 12.55 ? 87  THR A CB  1 
ATOM   357  O OG1 . THR A 1 53  ? 9.168   -15.434 -2.921  1.00 16.45 ? 87  THR A OG1 1 
ATOM   358  C CG2 . THR A 1 53  ? 7.530   -16.790 -3.985  1.00 14.07 ? 87  THR A CG2 1 
ATOM   359  N N   . PHE A 1 54  ? 6.722   -13.439 -0.976  1.00 6.26  ? 88  PHE A N   1 
ATOM   360  C CA  . PHE A 1 54  ? 6.887   -12.506 0.148   1.00 5.65  ? 88  PHE A CA  1 
ATOM   361  C C   . PHE A 1 54  ? 8.311   -12.649 0.650   1.00 8.48  ? 88  PHE A C   1 
ATOM   362  O O   . PHE A 1 54  ? 8.467   -13.851 0.994   1.00 9.60  ? 88  PHE A O   1 
ATOM   363  C CB  . PHE A 1 54  ? 5.806   -12.804 1.198   1.00 6.10  ? 88  PHE A CB  1 
ATOM   364  C CG  . PHE A 1 54  ? 4.565   -11.946 0.889   1.00 5.66  ? 88  PHE A CG  1 
ATOM   365  C CD1 . PHE A 1 54  ? 3.802   -12.292 -0.216  1.00 6.89  ? 88  PHE A CD1 1 
ATOM   366  C CD2 . PHE A 1 54  ? 4.248   -10.839 1.672   1.00 5.66  ? 88  PHE A CD2 1 
ATOM   367  C CE1 . PHE A 1 54  ? 2.686   -11.554 -0.551  1.00 6.46  ? 88  PHE A CE1 1 
ATOM   368  C CE2 . PHE A 1 54  ? 3.129   -10.072 1.339   1.00 8.16  ? 88  PHE A CE2 1 
ATOM   369  C CZ  . PHE A 1 54  ? 2.331   -10.427 0.233   1.00 6.51  ? 88  PHE A CZ  1 
ATOM   370  N N   . ALA A 1 55  ? 9.157   -11.653 0.731   1.00 5.54  ? 89  ALA A N   1 
ATOM   371  C CA  . ALA A 1 55  ? 10.505  -11.920 1.215   1.00 7.02  ? 89  ALA A CA  1 
ATOM   372  C C   . ALA A 1 55  ? 10.605  -11.599 2.682   1.00 7.68  ? 89  ALA A C   1 
ATOM   373  O O   . ALA A 1 55  ? 11.418  -12.232 3.379   1.00 10.28 ? 89  ALA A O   1 
ATOM   374  C CB  . ALA A 1 55  ? 11.395  -10.978 0.481   1.00 8.23  ? 89  ALA A CB  1 
ATOM   375  N N   . ALA A 1 56  ? 9.752   -10.719 3.167   1.00 7.84  ? 90  ALA A N   1 
ATOM   376  C CA  . ALA A 1 56  ? 9.775   -10.420 4.619   1.00 7.93  ? 90  ALA A CA  1 
ATOM   377  C C   . ALA A 1 56  ? 8.516   -9.632  4.918   1.00 9.13  ? 90  ALA A C   1 
ATOM   378  O O   . ALA A 1 56  ? 7.946   -9.083  3.936   1.00 8.27  ? 90  ALA A O   1 
ATOM   379  C CB  . ALA A 1 56  ? 10.958  -9.490  4.935   1.00 7.67  ? 90  ALA A CB  1 
ATOM   380  N N   . ARG A 1 57  ? 8.175   -9.629  6.183   1.00 8.08  ? 91  ARG A N   1 
ATOM   381  C CA  . ARG A 1 57  ? 6.979   -8.793  6.520   1.00 10.21 ? 91  ARG A CA  1 
ATOM   382  C C   . ARG A 1 57  ? 6.985   -8.648  8.033   1.00 9.79  ? 91  ARG A C   1 
ATOM   383  O O   . ARG A 1 57  ? 7.656   -9.456  8.682   1.00 10.29 ? 91  ARG A O   1 
ATOM   384  C CB  . ARG A 1 57  ? 5.666   -9.452  6.129   1.00 11.34 ? 91  ARG A CB  1 
ATOM   385  C CG  . ARG A 1 57  ? 5.478   -10.846 6.680   1.00 15.05 ? 91  ARG A CG  1 
ATOM   386  C CD  . ARG A 1 57  ? 4.811   -10.884 8.008   1.00 17.73 ? 91  ARG A CD  1 
ATOM   387  N NE  . ARG A 1 57  ? 3.447   -11.240 7.835   1.00 17.72 ? 91  ARG A NE  1 
ATOM   388  C CZ  . ARG A 1 57  ? 2.490   -11.874 8.436   1.00 17.17 ? 91  ARG A CZ  1 
ATOM   389  N NH1 . ARG A 1 57  ? 2.548   -12.592 9.519   1.00 18.45 ? 91  ARG A NH1 1 
ATOM   390  N NH2 . ARG A 1 57  ? 1.291   -11.868 7.908   1.00 15.34 ? 91  ARG A NH2 1 
ATOM   391  N N   . VAL A 1 58  ? 6.254   -7.692  8.510   1.00 8.21  ? 93  VAL A N   1 
ATOM   392  C CA  . VAL A 1 58  ? 6.082   -7.497  9.938   1.00 8.43  ? 93  VAL A CA  1 
ATOM   393  C C   . VAL A 1 58  ? 4.589   -7.183  10.062  1.00 9.44  ? 93  VAL A C   1 
ATOM   394  O O   . VAL A 1 58  ? 4.175   -6.193  9.428   1.00 10.06 ? 93  VAL A O   1 
ATOM   395  C CB  . VAL A 1 58  ? 6.884   -6.343  10.588  1.00 8.80  ? 93  VAL A CB  1 
ATOM   396  C CG1 . VAL A 1 58  ? 6.538   -6.329  12.101  1.00 6.53  ? 93  VAL A CG1 1 
ATOM   397  C CG2 . VAL A 1 58  ? 8.350   -6.436  10.232  1.00 7.98  ? 93  VAL A CG2 1 
ATOM   398  N N   . PHE A 1 59  ? 3.896   -7.941  10.888  1.00 10.46 ? 94  PHE A N   1 
ATOM   399  C CA  . PHE A 1 59  ? 2.475   -7.618  11.196  1.00 9.85  ? 94  PHE A CA  1 
ATOM   400  C C   . PHE A 1 59  ? 2.028   -8.560  12.334  1.00 9.64  ? 94  PHE A C   1 
ATOM   401  O O   . PHE A 1 59  ? 2.381   -9.717  12.130  1.00 9.41  ? 94  PHE A O   1 
ATOM   402  C CB  . PHE A 1 59  ? 1.601   -7.914  9.958   1.00 8.18  ? 94  PHE A CB  1 
ATOM   403  C CG  . PHE A 1 59  ? 0.147   -7.763  10.300  1.00 8.77  ? 94  PHE A CG  1 
ATOM   404  C CD1 . PHE A 1 59  ? -0.462  -6.512  10.426  1.00 7.47  ? 94  PHE A CD1 1 
ATOM   405  C CD2 . PHE A 1 59  ? -0.573  -8.933  10.596  1.00 7.92  ? 94  PHE A CD2 1 
ATOM   406  C CE1 . PHE A 1 59  ? -1.844  -6.473  10.759  1.00 9.22  ? 94  PHE A CE1 1 
ATOM   407  C CE2 . PHE A 1 59  ? -1.921  -8.837  10.963  1.00 8.19  ? 94  PHE A CE2 1 
ATOM   408  C CZ  . PHE A 1 59  ? -2.579  -7.624  11.023  1.00 7.05  ? 94  PHE A CZ  1 
ATOM   409  N N   . PRO A 1 60  A 1.356   -8.134  13.344  1.00 9.71  ? 99  PRO A N   1 
ATOM   410  C CA  . PRO A 1 60  A 0.957   -6.776  13.656  1.00 9.51  ? 99  PRO A CA  1 
ATOM   411  C C   . PRO A 1 60  A 2.157   -6.051  14.275  1.00 9.53  ? 99  PRO A C   1 
ATOM   412  O O   . PRO A 1 60  A 3.257   -6.511  13.972  1.00 10.11 ? 99  PRO A O   1 
ATOM   413  C CB  . PRO A 1 60  A -0.309  -7.003  14.528  1.00 9.19  ? 99  PRO A CB  1 
ATOM   414  C CG  . PRO A 1 60  A 0.159   -8.155  15.380  1.00 8.81  ? 99  PRO A CG  1 
ATOM   415  C CD  . PRO A 1 60  A 0.899   -9.068  14.404  1.00 9.92  ? 99  PRO A CD  1 
ATOM   416  N N   . GLY A 1 61  ? 2.022   -5.024  15.064  1.00 7.88  ? 100 GLY A N   1 
ATOM   417  C CA  . GLY A 1 61  ? 3.141   -4.195  15.553  1.00 9.68  ? 100 GLY A CA  1 
ATOM   418  C C   . GLY A 1 61  ? 3.290   -3.015  14.538  1.00 8.72  ? 100 GLY A C   1 
ATOM   419  O O   . GLY A 1 61  ? 2.993   -1.822  14.672  1.00 8.99  ? 100 GLY A O   1 
ATOM   420  N N   . ASN A 1 62  ? 3.725   -3.506  13.348  1.00 12.43 ? 101 ASN A N   1 
ATOM   421  C CA  . ASN A 1 62  ? 3.842   -2.647  12.101  1.00 10.75 ? 101 ASN A CA  1 
ATOM   422  C C   . ASN A 1 62  ? 2.927   -3.383  11.088  1.00 9.23  ? 101 ASN A C   1 
ATOM   423  O O   . ASN A 1 62  ? 2.337   -4.394  11.464  1.00 9.12  ? 101 ASN A O   1 
ATOM   424  C CB  . ASN A 1 62  ? 5.248   -2.603  11.519  1.00 9.40  ? 101 ASN A CB  1 
ATOM   425  C CG  . ASN A 1 62  ? 6.281   -2.148  12.559  1.00 12.51 ? 101 ASN A CG  1 
ATOM   426  O OD1 . ASN A 1 62  ? 6.142   -1.066  13.192  1.00 14.69 ? 101 ASN A OD1 1 
ATOM   427  N ND2 . ASN A 1 62  ? 7.320   -2.906  12.798  1.00 9.04  ? 101 ASN A ND2 1 
ATOM   428  N N   . ASP A 1 63  ? 2.848   -2.898  9.880   1.00 8.75  ? 102 ASP A N   1 
ATOM   429  C CA  . ASP A 1 63  ? 2.072   -3.581  8.820   1.00 6.51  ? 102 ASP A CA  1 
ATOM   430  C C   . ASP A 1 63  ? 2.874   -3.352  7.520   1.00 6.70  ? 102 ASP A C   1 
ATOM   431  O O   . ASP A 1 63  ? 2.467   -2.445  6.759   1.00 4.94  ? 102 ASP A O   1 
ATOM   432  C CB  . ASP A 1 63  ? 0.682   -2.989  8.795   1.00 6.18  ? 102 ASP A CB  1 
ATOM   433  C CG  . ASP A 1 63  ? -0.299  -3.887  8.012   1.00 7.26  ? 102 ASP A CG  1 
ATOM   434  O OD1 . ASP A 1 63  ? 0.176   -4.880  7.453   1.00 6.93  ? 102 ASP A OD1 1 
ATOM   435  O OD2 . ASP A 1 63  ? -1.497  -3.681  7.826   1.00 8.42  ? 102 ASP A OD2 1 
ATOM   436  N N   . ARG A 1 64  ? 3.898   -4.153  7.280   1.00 5.86  ? 103 ARG A N   1 
ATOM   437  C CA  . ARG A 1 64  ? 4.749   -3.945  6.077   1.00 5.84  ? 103 ARG A CA  1 
ATOM   438  C C   . ARG A 1 64  ? 5.275   -5.277  5.527   1.00 5.81  ? 103 ARG A C   1 
ATOM   439  O O   . ARG A 1 64  ? 5.423   -6.283  6.236   1.00 4.61  ? 103 ARG A O   1 
ATOM   440  C CB  . ARG A 1 64  ? 5.991   -3.041  6.443   1.00 4.43  ? 103 ARG A CB  1 
ATOM   441  C CG  . ARG A 1 64  ? 6.956   -3.563  7.548   1.00 6.76  ? 103 ARG A CG  1 
ATOM   442  C CD  . ARG A 1 64  ? 7.960   -2.646  8.212   1.00 5.85  ? 103 ARG A CD  1 
ATOM   443  N NE  . ARG A 1 64  ? 7.273   -1.518  8.822   1.00 6.55  ? 103 ARG A NE  1 
ATOM   444  C CZ  . ARG A 1 64  ? 7.903   -0.658  9.615   1.00 6.40  ? 103 ARG A CZ  1 
ATOM   445  N NH1 . ARG A 1 64  ? 9.182   -0.801  9.923   1.00 6.41  ? 103 ARG A NH1 1 
ATOM   446  N NH2 . ARG A 1 64  ? 7.330   0.403   10.080  1.00 5.14  ? 103 ARG A NH2 1 
ATOM   447  N N   . ALA A 1 65  ? 5.612   -5.204  4.241   1.00 5.98  ? 104 ALA A N   1 
ATOM   448  C CA  . ALA A 1 65  ? 6.175   -6.349  3.560   1.00 5.34  ? 104 ALA A CA  1 
ATOM   449  C C   . ALA A 1 65  ? 6.779   -5.911  2.239   1.00 6.06  ? 104 ALA A C   1 
ATOM   450  O O   . ALA A 1 65  ? 6.406   -4.842  1.705   1.00 7.62  ? 104 ALA A O   1 
ATOM   451  C CB  . ALA A 1 65  ? 5.142   -7.451  3.398   1.00 3.37  ? 104 ALA A CB  1 
ATOM   452  N N   . TRP A 1 66  ? 7.621   -6.775  1.706   1.00 4.68  ? 105 TRP A N   1 
ATOM   453  C CA  . TRP A 1 66  ? 8.191   -6.576  0.348   1.00 4.84  ? 105 TRP A CA  1 
ATOM   454  C C   . TRP A 1 66  ? 8.128   -7.929  -0.339  1.00 6.50  ? 105 TRP A C   1 
ATOM   455  O O   . TRP A 1 66  ? 8.369   -9.004  0.326   1.00 8.31  ? 105 TRP A O   1 
ATOM   456  C CB  . TRP A 1 66  ? 9.464   -5.792  0.281   1.00 3.96  ? 105 TRP A CB  1 
ATOM   457  C CG  . TRP A 1 66  ? 10.735  -6.568  0.547   1.00 7.21  ? 105 TRP A CG  1 
ATOM   458  C CD1 . TRP A 1 66  ? 11.294  -6.875  1.767   1.00 5.30  ? 105 TRP A CD1 1 
ATOM   459  C CD2 . TRP A 1 66  ? 11.651  -7.036  -0.447  1.00 6.61  ? 105 TRP A CD2 1 
ATOM   460  N NE1 . TRP A 1 66  ? 12.452  -7.529  1.566   1.00 6.93  ? 105 TRP A NE1 1 
ATOM   461  C CE2 . TRP A 1 66  ? 12.713  -7.637  0.232   1.00 7.64  ? 105 TRP A CE2 1 
ATOM   462  C CE3 . TRP A 1 66  ? 11.637  -6.979  -1.841  1.00 7.17  ? 105 TRP A CE3 1 
ATOM   463  C CZ2 . TRP A 1 66  ? 13.779  -8.269  -0.422  1.00 7.74  ? 105 TRP A CZ2 1 
ATOM   464  C CZ3 . TRP A 1 66  ? 12.674  -7.622  -2.510  1.00 8.75  ? 105 TRP A CZ3 1 
ATOM   465  C CH2 . TRP A 1 66  ? 13.742  -8.220  -1.805  1.00 9.17  ? 105 TRP A CH2 1 
ATOM   466  N N   . VAL A 1 67  ? 7.839   -7.934  -1.630  1.00 7.18  ? 106 VAL A N   1 
ATOM   467  C CA  . VAL A 1 67  ? 7.766   -9.223  -2.412  1.00 6.51  ? 106 VAL A CA  1 
ATOM   468  C C   . VAL A 1 67  ? 8.928   -9.258  -3.376  1.00 7.36  ? 106 VAL A C   1 
ATOM   469  O O   . VAL A 1 67  ? 9.000   -8.155  -4.035  1.00 5.50  ? 106 VAL A O   1 
ATOM   470  C CB  . VAL A 1 67  ? 6.453   -9.133  -3.250  1.00 5.54  ? 106 VAL A CB  1 
ATOM   471  C CG1 . VAL A 1 67  ? 6.250   -10.350 -4.117  1.00 5.81  ? 106 VAL A CG1 1 
ATOM   472  C CG2 . VAL A 1 67  ? 5.323   -9.183  -2.224  1.00 6.91  ? 106 VAL A CG2 1 
ATOM   473  N N   . SER A 1 68  ? 9.782   -10.275 -3.431  1.00 7.09  ? 107 SER A N   1 
ATOM   474  C CA  . SER A 1 68  ? 10.903  -10.158 -4.375  1.00 7.88  ? 107 SER A CA  1 
ATOM   475  C C   . SER A 1 68  ? 10.340  -10.805 -5.645  1.00 9.92  ? 107 SER A C   1 
ATOM   476  O O   . SER A 1 68  ? 9.700   -11.873 -5.484  1.00 9.09  ? 107 SER A O   1 
ATOM   477  C CB  . SER A 1 68  ? 12.198  -10.894 -4.022  1.00 11.89 ? 107 SER A CB  1 
ATOM   478  O OG  . SER A 1 68  ? 11.564  -11.854 -3.226  1.00 14.22 ? 107 SER A OG  1 
ATOM   479  N N   . LEU A 1 69  ? 10.543  -10.091 -6.759  1.00 9.05  ? 108 LEU A N   1 
ATOM   480  C CA  . LEU A 1 69  ? 9.942   -10.640 -8.005  1.00 8.83  ? 108 LEU A CA  1 
ATOM   481  C C   . LEU A 1 69  ? 10.945  -11.369 -8.861  1.00 11.51 ? 108 LEU A C   1 
ATOM   482  O O   . LEU A 1 69  ? 12.198  -11.202 -8.658  1.00 13.93 ? 108 LEU A O   1 
ATOM   483  C CB  . LEU A 1 69  ? 9.450   -9.374  -8.695  1.00 8.36  ? 108 LEU A CB  1 
ATOM   484  C CG  . LEU A 1 69  ? 8.358   -8.556  -7.985  1.00 9.75  ? 108 LEU A CG  1 
ATOM   485  C CD1 . LEU A 1 69  ? 8.372   -7.216  -8.689  1.00 7.26  ? 108 LEU A CD1 1 
ATOM   486  C CD2 . LEU A 1 69  ? 6.950   -9.158  -8.162  1.00 7.02  ? 108 LEU A CD2 1 
ATOM   487  N N   . THR A 1 70  ? 10.404  -12.122 -9.790  1.00 12.18 ? 109 THR A N   1 
ATOM   488  C CA  . THR A 1 70  ? 11.366  -12.766 -10.768 1.00 14.66 ? 109 THR A CA  1 
ATOM   489  C C   . THR A 1 70  ? 11.841  -11.649 -11.709 1.00 14.87 ? 109 THR A C   1 
ATOM   490  O O   . THR A 1 70  ? 11.277  -10.540 -11.871 1.00 13.93 ? 109 THR A O   1 
ATOM   491  C CB  . THR A 1 70  ? 10.665  -13.968 -11.445 1.00 15.62 ? 109 THR A CB  1 
ATOM   492  O OG1 . THR A 1 70  ? 9.694   -13.377 -12.337 1.00 18.49 ? 109 THR A OG1 1 
ATOM   493  C CG2 . THR A 1 70  ? 10.013  -14.848 -10.362 1.00 17.30 ? 109 THR A CG2 1 
ATOM   494  N N   . SER A 1 71  ? 12.927  -11.838 -12.391 1.00 16.19 ? 110 SER A N   1 
ATOM   495  C CA  . SER A 1 71  ? 13.609  -10.995 -13.319 1.00 17.87 ? 110 SER A CA  1 
ATOM   496  C C   . SER A 1 71  ? 12.704  -10.602 -14.493 1.00 17.31 ? 110 SER A C   1 
ATOM   497  O O   . SER A 1 71  ? 13.108  -9.563  -15.003 1.00 19.80 ? 110 SER A O   1 
ATOM   498  C CB  . SER A 1 71  ? 14.341  -12.095 -14.213 1.00 22.33 ? 110 SER A CB  1 
ATOM   499  O OG  . SER A 1 71  ? 15.501  -11.961 -13.424 1.00 29.79 ? 110 SER A OG  1 
ATOM   500  N N   . ALA A 1 72  ? 11.749  -11.429 -14.776 1.00 14.43 ? 111 ALA A N   1 
ATOM   501  C CA  . ALA A 1 72  ? 10.948  -11.084 -15.933 1.00 16.10 ? 111 ALA A CA  1 
ATOM   502  C C   . ALA A 1 72  ? 9.980   -9.919  -15.705 1.00 16.88 ? 111 ALA A C   1 
ATOM   503  O O   . ALA A 1 72  ? 9.379   -9.516  -16.713 1.00 16.51 ? 111 ALA A O   1 
ATOM   504  C CB  . ALA A 1 72  ? 10.162  -12.317 -16.386 1.00 15.91 ? 111 ALA A CB  1 
ATOM   505  N N   . GLN A 1 73  ? 9.792   -9.505  -14.474 1.00 15.05 ? 112 GLN A N   1 
ATOM   506  C CA  . GLN A 1 73  ? 8.830   -8.437  -14.146 1.00 11.61 ? 112 GLN A CA  1 
ATOM   507  C C   . GLN A 1 73  ? 9.427   -7.116  -14.522 1.00 10.65 ? 112 GLN A C   1 
ATOM   508  O O   . GLN A 1 73  ? 10.643  -6.907  -14.546 1.00 11.20 ? 112 GLN A O   1 
ATOM   509  C CB  . GLN A 1 73  ? 8.363   -8.505  -12.678 1.00 12.43 ? 112 GLN A CB  1 
ATOM   510  C CG  . GLN A 1 73  ? 8.017   -9.909  -12.142 1.00 10.05 ? 112 GLN A CG  1 
ATOM   511  C CD  . GLN A 1 73  ? 7.022   -10.558 -13.041 1.00 11.88 ? 112 GLN A CD  1 
ATOM   512  O OE1 . GLN A 1 73  ? 6.118   -10.031 -13.706 1.00 11.33 ? 112 GLN A OE1 1 
ATOM   513  N NE2 . GLN A 1 73  ? 7.211   -11.856 -13.223 1.00 9.59  ? 112 GLN A NE2 1 
ATOM   514  N N   . THR A 1 74  ? 8.576   -6.205  -14.933 1.00 12.05 ? 113 THR A N   1 
ATOM   515  C CA  . THR A 1 74  ? 8.947   -4.822  -15.344 1.00 9.81  ? 113 THR A CA  1 
ATOM   516  C C   . THR A 1 74  ? 8.498   -3.864  -14.264 1.00 8.58  ? 113 THR A C   1 
ATOM   517  O O   . THR A 1 74  ? 7.255   -3.711  -14.110 1.00 6.21  ? 113 THR A O   1 
ATOM   518  C CB  . THR A 1 74  ? 8.246   -4.344  -16.686 1.00 12.30 ? 113 THR A CB  1 
ATOM   519  O OG1 . THR A 1 74  ? 8.703   -5.446  -17.556 1.00 14.93 ? 113 THR A OG1 1 
ATOM   520  C CG2 . THR A 1 74  ? 8.779   -3.058  -17.257 1.00 11.81 ? 113 THR A CG2 1 
ATOM   521  N N   . LEU A 1 75  ? 9.513   -3.321  -13.605 1.00 6.26  ? 114 LEU A N   1 
ATOM   522  C CA  . LEU A 1 75  ? 9.217   -2.334  -12.559 1.00 7.70  ? 114 LEU A CA  1 
ATOM   523  C C   . LEU A 1 75  ? 8.938   -0.975  -13.168 1.00 7.60  ? 114 LEU A C   1 
ATOM   524  O O   . LEU A 1 75  ? 9.755   -0.505  -13.994 1.00 11.49 ? 114 LEU A O   1 
ATOM   525  C CB  . LEU A 1 75  ? 10.415  -2.190  -11.574 1.00 7.78  ? 114 LEU A CB  1 
ATOM   526  C CG  . LEU A 1 75  ? 10.778  -3.485  -10.857 1.00 7.40  ? 114 LEU A CG  1 
ATOM   527  C CD1 . LEU A 1 75  ? 11.839  -3.108  -9.809  1.00 10.80 ? 114 LEU A CD1 1 
ATOM   528  C CD2 . LEU A 1 75  ? 9.604   -4.077  -10.162 1.00 7.40  ? 114 LEU A CD2 1 
ATOM   529  N N   . LEU A 1 76  ? 7.948   -0.279  -12.760 1.00 6.82  ? 115 LEU A N   1 
ATOM   530  C CA  . LEU A 1 76  ? 7.662   1.084   -13.296 1.00 7.01  ? 115 LEU A CA  1 
ATOM   531  C C   . LEU A 1 76  ? 7.508   2.038   -12.126 1.00 4.54  ? 115 LEU A C   1 
ATOM   532  O O   . LEU A 1 76  ? 6.956   1.642   -11.116 1.00 6.56  ? 115 LEU A O   1 
ATOM   533  C CB  . LEU A 1 76  ? 6.399   0.958   -14.161 1.00 5.99  ? 115 LEU A CB  1 
ATOM   534  C CG  . LEU A 1 76  ? 6.533   -0.030  -15.321 1.00 5.16  ? 115 LEU A CG  1 
ATOM   535  C CD1 . LEU A 1 76  ? 5.184   -0.177  -16.033 1.00 7.34  ? 115 LEU A CD1 1 
ATOM   536  C CD2 . LEU A 1 76  ? 7.503   0.562   -16.349 1.00 5.13  ? 115 LEU A CD2 1 
ATOM   537  N N   . PRO A 1 77  ? 7.940   3.237   -12.318 1.00 5.23  ? 116 PRO A N   1 
ATOM   538  C CA  . PRO A 1 77  ? 7.842   4.313   -11.335 1.00 4.77  ? 116 PRO A CA  1 
ATOM   539  C C   . PRO A 1 77  ? 6.468   4.976   -11.455 1.00 7.34  ? 116 PRO A C   1 
ATOM   540  O O   . PRO A 1 77  ? 6.445   6.244   -11.578 1.00 7.73  ? 116 PRO A O   1 
ATOM   541  C CB  . PRO A 1 77  ? 8.938   5.269   -11.844 1.00 3.38  ? 116 PRO A CB  1 
ATOM   542  C CG  . PRO A 1 77  ? 8.788   5.205   -13.363 1.00 4.77  ? 116 PRO A CG  1 
ATOM   543  C CD  . PRO A 1 77  ? 8.604   3.696   -13.605 1.00 5.72  ? 116 PRO A CD  1 
ATOM   544  N N   . ARG A 1 78  ? 5.405   4.190   -11.406 1.00 5.23  ? 117 ARG A N   1 
ATOM   545  C CA  . ARG A 1 78  ? 4.049   4.809   -11.600 1.00 4.78  ? 117 ARG A CA  1 
ATOM   546  C C   . ARG A 1 78  ? 3.004   4.189   -10.681 1.00 5.50  ? 117 ARG A C   1 
ATOM   547  O O   . ARG A 1 78  ? 3.156   3.060   -10.143 1.00 4.57  ? 117 ARG A O   1 
ATOM   548  C CB  . ARG A 1 78  ? 3.642   4.429   -13.057 1.00 5.87  ? 117 ARG A CB  1 
ATOM   549  C CG  . ARG A 1 78  ? 4.471   5.094   -14.114 1.00 9.12  ? 117 ARG A CG  1 
ATOM   550  C CD  . ARG A 1 78  ? 3.902   4.892   -15.542 1.00 9.15  ? 117 ARG A CD  1 
ATOM   551  N NE  . ARG A 1 78  ? 5.065   4.625   -16.439 1.00 12.32 ? 117 ARG A NE  1 
ATOM   552  C CZ  . ARG A 1 78  ? 6.056   5.518   -16.720 1.00 12.08 ? 117 ARG A CZ  1 
ATOM   553  N NH1 . ARG A 1 78  ? 6.138   6.767   -16.258 1.00 11.75 ? 117 ARG A NH1 1 
ATOM   554  N NH2 . ARG A 1 78  ? 7.096   5.193   -17.462 1.00 12.60 ? 117 ARG A NH2 1 
ATOM   555  N N   . VAL A 1 79  ? 1.915   4.925   -10.470 1.00 3.73  ? 118 VAL A N   1 
ATOM   556  C CA  . VAL A 1 79  ? 0.760   4.536   -9.638  1.00 4.13  ? 118 VAL A CA  1 
ATOM   557  C C   . VAL A 1 79  ? -0.502  4.676   -10.539 1.00 6.20  ? 118 VAL A C   1 
ATOM   558  O O   . VAL A 1 79  ? -0.590  5.752   -11.157 1.00 5.77  ? 118 VAL A O   1 
ATOM   559  C CB  . VAL A 1 79  ? 0.690   5.353   -8.352  1.00 3.37  ? 118 VAL A CB  1 
ATOM   560  C CG1 . VAL A 1 79  ? -0.606  5.227   -7.615  1.00 4.55  ? 118 VAL A CG1 1 
ATOM   561  C CG2 . VAL A 1 79  ? 1.857   4.970   -7.430  1.00 2.00  ? 118 VAL A CG2 1 
ATOM   562  N N   . ALA A 1 80  ? -1.353  3.686   -10.476 1.00 4.58  ? 119 ALA A N   1 
ATOM   563  C CA  . ALA A 1 80  ? -2.559  3.769   -11.341 1.00 7.28  ? 119 ALA A CA  1 
ATOM   564  C C   . ALA A 1 80  ? -3.546  4.825   -10.878 1.00 8.50  ? 119 ALA A C   1 
ATOM   565  O O   . ALA A 1 80  ? -3.796  4.959   -9.664  1.00 6.98  ? 119 ALA A O   1 
ATOM   566  C CB  . ALA A 1 80  ? -3.184  2.354   -11.333 1.00 6.58  ? 119 ALA A CB  1 
ATOM   567  N N   . ASN A 1 81  ? -4.146  5.543   -11.829 1.00 8.65  ? 120 ASN A N   1 
ATOM   568  C CA  . ASN A 1 81  ? -5.179  6.539   -11.564 1.00 8.21  ? 120 ASN A CA  1 
ATOM   569  C C   . ASN A 1 81  ? -6.146  6.276   -12.747 1.00 8.88  ? 120 ASN A C   1 
ATOM   570  O O   . ASN A 1 81  ? -5.970  6.906   -13.821 1.00 7.14  ? 120 ASN A O   1 
ATOM   571  C CB  . ASN A 1 81  ? -4.618  7.946   -11.499 1.00 8.34  ? 120 ASN A CB  1 
ATOM   572  C CG  . ASN A 1 81  ? -5.771  8.946   -11.592 1.00 10.00 ? 120 ASN A CG  1 
ATOM   573  O OD1 . ASN A 1 81  ? -6.969  8.655   -11.358 1.00 11.37 ? 120 ASN A OD1 1 
ATOM   574  N ND2 . ASN A 1 81  ? -5.486  10.212  -11.888 1.00 11.05 ? 120 ASN A ND2 1 
ATOM   575  N N   . GLY A 1 82  B -7.052  5.350   -12.560 1.00 6.69  ? 120 GLY A N   1 
ATOM   576  C CA  . GLY A 1 82  B -7.981  5.042   -13.685 1.00 10.49 ? 120 GLY A CA  1 
ATOM   577  C C   . GLY A 1 82  B -6.996  4.464   -14.737 1.00 14.07 ? 120 GLY A C   1 
ATOM   578  O O   . GLY A 1 82  B -6.129  3.562   -14.547 1.00 15.00 ? 120 GLY A O   1 
ATOM   579  N N   . SER A 1 83  C -7.161  5.005   -15.910 1.00 13.75 ? 120 SER A N   1 
ATOM   580  C CA  . SER A 1 83  C -6.435  4.719   -17.147 1.00 16.37 ? 120 SER A CA  1 
ATOM   581  C C   . SER A 1 83  C -5.152  5.497   -17.251 1.00 16.45 ? 120 SER A C   1 
ATOM   582  O O   . SER A 1 83  C -4.404  5.365   -18.260 1.00 20.97 ? 120 SER A O   1 
ATOM   583  C CB  . SER A 1 83  C -7.269  5.240   -18.419 1.00 16.66 ? 120 SER A CB  1 
ATOM   584  O OG  . SER A 1 83  C -8.249  4.160   -18.453 1.00 21.17 ? 120 SER A OG  1 
ATOM   585  N N   . SER A 1 84  D -4.924  6.376   -16.295 1.00 14.66 ? 120 SER A N   1 
ATOM   586  C CA  . SER A 1 84  D -3.712  7.239   -16.368 1.00 12.55 ? 120 SER A CA  1 
ATOM   587  C C   . SER A 1 84  D -2.745  6.787   -15.311 1.00 10.93 ? 120 SER A C   1 
ATOM   588  O O   . SER A 1 84  D -3.042  5.731   -14.735 1.00 10.24 ? 120 SER A O   1 
ATOM   589  C CB  . SER A 1 84  D -4.424  8.547   -16.117 1.00 15.78 ? 120 SER A CB  1 
ATOM   590  O OG  . SER A 1 84  D -3.702  9.416   -16.927 1.00 22.40 ? 120 SER A OG  1 
ATOM   591  N N   . PHE A 1 85  ? -1.718  7.550   -15.090 1.00 10.11 ? 121 PHE A N   1 
ATOM   592  C CA  . PHE A 1 85  ? -0.682  7.169   -14.091 1.00 11.50 ? 121 PHE A CA  1 
ATOM   593  C C   . PHE A 1 85  ? -0.169  8.375   -13.302 1.00 13.44 ? 121 PHE A C   1 
ATOM   594  O O   . PHE A 1 85  ? -0.210  9.446   -13.954 1.00 16.19 ? 121 PHE A O   1 
ATOM   595  C CB  . PHE A 1 85  ? 0.566   6.633   -14.828 1.00 9.46  ? 121 PHE A CB  1 
ATOM   596  C CG  . PHE A 1 85  ? 0.157   5.456   -15.687 1.00 11.90 ? 121 PHE A CG  1 
ATOM   597  C CD1 . PHE A 1 85  ? -0.047  4.186   -15.129 1.00 9.39  ? 121 PHE A CD1 1 
ATOM   598  C CD2 . PHE A 1 85  ? -0.022  5.653   -17.072 1.00 12.09 ? 121 PHE A CD2 1 
ATOM   599  C CE1 . PHE A 1 85  ? -0.436  3.111   -15.909 1.00 10.04 ? 121 PHE A CE1 1 
ATOM   600  C CE2 . PHE A 1 85  ? -0.449  4.590   -17.885 1.00 10.34 ? 121 PHE A CE2 1 
ATOM   601  C CZ  . PHE A 1 85  ? -0.648  3.345   -17.284 1.00 9.51  ? 121 PHE A CZ  1 
ATOM   602  N N   . VAL A 1 86  ? 0.277   8.226   -12.072 1.00 10.08 ? 122 VAL A N   1 
ATOM   603  C CA  . VAL A 1 86  ? 0.873   9.309   -11.300 1.00 8.54  ? 122 VAL A CA  1 
ATOM   604  C C   . VAL A 1 86  ? 2.357   8.803   -11.218 1.00 9.46  ? 122 VAL A C   1 
ATOM   605  O O   . VAL A 1 86  ? 2.649   7.632   -10.913 1.00 6.92  ? 122 VAL A O   1 
ATOM   606  C CB  . VAL A 1 86  ? 0.251   9.479   -9.903  1.00 9.79  ? 122 VAL A CB  1 
ATOM   607  C CG1 . VAL A 1 86  ? 1.026   10.601  -9.179  1.00 9.80  ? 122 VAL A CG1 1 
ATOM   608  C CG2 . VAL A 1 86  ? -1.222  9.830   -9.818  1.00 10.39 ? 122 VAL A CG2 1 
ATOM   609  N N   . THR A 1 87  ? 3.283   9.668   -11.584 1.00 7.77  ? 123 THR A N   1 
ATOM   610  C CA  . THR A 1 87  ? 4.690   9.319   -11.573 1.00 8.03  ? 123 THR A CA  1 
ATOM   611  C C   . THR A 1 87  ? 5.306   9.377   -10.185 1.00 8.53  ? 123 THR A C   1 
ATOM   612  O O   . THR A 1 87  ? 5.019   10.415  -9.584  1.00 8.95  ? 123 THR A O   1 
ATOM   613  C CB  . THR A 1 87  ? 5.566   10.239  -12.522 1.00 7.94  ? 123 THR A CB  1 
ATOM   614  O OG1 . THR A 1 87  ? 4.877   10.156  -13.794 1.00 7.95  ? 123 THR A OG1 1 
ATOM   615  C CG2 . THR A 1 87  ? 6.977   9.613   -12.660 1.00 5.12  ? 123 THR A CG2 1 
ATOM   616  N N   . VAL A 1 88  ? 6.101   8.355   -9.821  1.00 7.42  ? 124 VAL A N   1 
ATOM   617  C CA  . VAL A 1 88  ? 6.728   8.444   -8.490  1.00 6.65  ? 124 VAL A CA  1 
ATOM   618  C C   . VAL A 1 88  ? 8.027   9.277   -8.616  1.00 9.35  ? 124 VAL A C   1 
ATOM   619  O O   . VAL A 1 88  ? 8.905   8.847   -9.374  1.00 10.39 ? 124 VAL A O   1 
ATOM   620  C CB  . VAL A 1 88  ? 6.994   7.046   -7.962  1.00 6.06  ? 124 VAL A CB  1 
ATOM   621  C CG1 . VAL A 1 88  ? 7.683   7.089   -6.565  1.00 2.67  ? 124 VAL A CG1 1 
ATOM   622  C CG2 . VAL A 1 88  ? 5.650   6.234   -8.013  1.00 5.70  ? 124 VAL A CG2 1 
ATOM   623  N N   . ARG A 1 89  ? 8.101   10.334  -7.859  1.00 8.62  ? 125 ARG A N   1 
ATOM   624  C CA  . ARG A 1 89  ? 9.245   11.238  -7.872  1.00 10.92 ? 125 ARG A CA  1 
ATOM   625  C C   . ARG A 1 89  ? 10.102  11.098  -6.625  1.00 11.64 ? 125 ARG A C   1 
ATOM   626  O O   . ARG A 1 89  ? 11.267  11.534  -6.734  1.00 12.61 ? 125 ARG A O   1 
ATOM   627  C CB  . ARG A 1 89  ? 8.806   12.717  -7.958  1.00 11.43 ? 125 ARG A CB  1 
ATOM   628  C CG  . ARG A 1 89  ? 8.261   13.007  -9.378  1.00 13.29 ? 125 ARG A CG  1 
ATOM   629  C CD  . ARG A 1 89  ? 9.384   13.399  -10.275 1.00 15.14 ? 125 ARG A CD  1 
ATOM   630  N NE  . ARG A 1 89  ? 9.157   13.054  -11.687 1.00 16.38 ? 125 ARG A NE  1 
ATOM   631  C CZ  . ARG A 1 89  ? 8.445   13.901  -12.466 1.00 16.32 ? 125 ARG A CZ  1 
ATOM   632  N NH1 . ARG A 1 89  ? 7.834   14.904  -11.810 1.00 13.89 ? 125 ARG A NH1 1 
ATOM   633  N NH2 . ARG A 1 89  ? 8.439   13.820  -13.787 1.00 14.94 ? 125 ARG A NH2 1 
ATOM   634  N N   . GLY A 1 90  ? 9.613   10.526  -5.553  1.00 8.83  ? 126 GLY A N   1 
ATOM   635  C CA  . GLY A 1 90  ? 10.448  10.378  -4.355  1.00 9.15  ? 126 GLY A CA  1 
ATOM   636  C C   . GLY A 1 90  ? 9.550   10.037  -3.172  1.00 9.20  ? 126 GLY A C   1 
ATOM   637  O O   . GLY A 1 90  ? 8.390   9.742   -3.391  1.00 10.63 ? 126 GLY A O   1 
ATOM   638  N N   . SER A 1 91  ? 10.088  10.172  -1.975  1.00 9.42  ? 127 SER A N   1 
ATOM   639  C CA  . SER A 1 91  ? 9.392   9.896   -0.715  1.00 7.96  ? 127 SER A CA  1 
ATOM   640  C C   . SER A 1 91  ? 9.471   10.948  0.352   1.00 7.67  ? 127 SER A C   1 
ATOM   641  O O   . SER A 1 91  ? 9.561   10.558  1.524   1.00 7.83  ? 127 SER A O   1 
ATOM   642  C CB  . SER A 1 91  ? 9.804   8.511   -0.255  1.00 10.21 ? 127 SER A CB  1 
ATOM   643  O OG  . SER A 1 91  ? 11.229  8.565   -0.035  1.00 13.84 ? 127 SER A OG  1 
ATOM   644  N N   . THR A 1 92  ? 9.332   12.253  -0.009  1.00 7.59  ? 128 THR A N   1 
ATOM   645  C CA  . THR A 1 92  ? 9.239   13.281  1.014   1.00 7.87  ? 128 THR A CA  1 
ATOM   646  C C   . THR A 1 92  ? 7.915   13.019  1.756   1.00 8.47  ? 128 THR A C   1 
ATOM   647  O O   . THR A 1 92  ? 6.835   12.900  1.141   1.00 5.53  ? 128 THR A O   1 
ATOM   648  C CB  . THR A 1 92  ? 9.102   14.732  0.473   1.00 10.87 ? 128 THR A CB  1 
ATOM   649  O OG1 . THR A 1 92  ? 10.341  14.817  -0.327  1.00 14.15 ? 128 THR A OG1 1 
ATOM   650  C CG2 . THR A 1 92  ? 9.202   15.891  1.463   1.00 11.02 ? 128 THR A CG2 1 
ATOM   651  N N   . GLU A 1 93  ? 8.079   12.982  3.055   1.00 8.10  ? 129 GLU A N   1 
ATOM   652  C CA  . GLU A 1 93  ? 6.847   12.763  3.862   1.00 9.07  ? 129 GLU A CA  1 
ATOM   653  C C   . GLU A 1 93  ? 6.030   14.024  3.991   1.00 10.88 ? 129 GLU A C   1 
ATOM   654  O O   . GLU A 1 93  ? 6.636   15.039  4.431   1.00 12.10 ? 129 GLU A O   1 
ATOM   655  C CB  . GLU A 1 93  ? 7.296   12.216  5.218   1.00 9.80  ? 129 GLU A CB  1 
ATOM   656  C CG  . GLU A 1 93  ? 6.151   11.715  6.023   1.00 13.21 ? 129 GLU A CG  1 
ATOM   657  C CD  . GLU A 1 93  ? 6.524   10.905  7.273   1.00 16.80 ? 129 GLU A CD  1 
ATOM   658  O OE1 . GLU A 1 93  ? 7.512   10.179  7.265   1.00 17.19 ? 129 GLU A OE1 1 
ATOM   659  O OE2 . GLU A 1 93  ? 5.643   11.198  8.164   1.00 17.60 ? 129 GLU A OE2 1 
ATOM   660  N N   . ALA A 1 94  ? 4.719   14.006  3.704   1.00 9.94  ? 130 ALA A N   1 
ATOM   661  C CA  . ALA A 1 94  ? 3.876   15.199  3.805   1.00 10.43 ? 130 ALA A CA  1 
ATOM   662  C C   . ALA A 1 94  ? 3.415   15.294  5.255   1.00 10.60 ? 130 ALA A C   1 
ATOM   663  O O   . ALA A 1 94  ? 3.381   14.340  6.064   1.00 11.80 ? 130 ALA A O   1 
ATOM   664  C CB  . ALA A 1 94  ? 2.659   15.079  2.926   1.00 9.21  ? 130 ALA A CB  1 
ATOM   665  N N   . ALA A 1 95  ? 3.043   16.511  5.560   1.00 11.75 ? 131 ALA A N   1 
ATOM   666  C CA  . ALA A 1 95  ? 2.566   16.890  6.905   1.00 13.09 ? 131 ALA A CA  1 
ATOM   667  C C   . ALA A 1 95  ? 1.081   16.791  7.146   1.00 12.42 ? 131 ALA A C   1 
ATOM   668  O O   . ALA A 1 95  ? 0.349   16.709  6.131   1.00 12.22 ? 131 ALA A O   1 
ATOM   669  C CB  . ALA A 1 95  ? 2.987   18.359  7.176   1.00 12.03 ? 131 ALA A CB  1 
ATOM   670  N N   . VAL A 1 96  ? 0.693   16.902  8.407   1.00 11.56 ? 132 VAL A N   1 
ATOM   671  C CA  . VAL A 1 96  ? -0.765  16.866  8.691   1.00 12.97 ? 132 VAL A CA  1 
ATOM   672  C C   . VAL A 1 96  ? -1.388  18.030  7.892   1.00 13.31 ? 132 VAL A C   1 
ATOM   673  O O   . VAL A 1 96  ? -0.777  19.137  7.912   1.00 12.60 ? 132 VAL A O   1 
ATOM   674  C CB  . VAL A 1 96  ? -1.074  16.845  10.201  1.00 13.56 ? 132 VAL A CB  1 
ATOM   675  C CG1 . VAL A 1 96  ? -2.532  17.056  10.464  1.00 15.61 ? 132 VAL A CG1 1 
ATOM   676  C CG2 . VAL A 1 96  ? -0.632  15.548  10.864  1.00 13.88 ? 132 VAL A CG2 1 
ATOM   677  N N   . GLY A 1 97  ? -2.538  17.763  7.293   1.00 10.65 ? 133 GLY A N   1 
ATOM   678  C CA  . GLY A 1 97  ? -3.169  18.802  6.499   1.00 9.25  ? 133 GLY A CA  1 
ATOM   679  C C   . GLY A 1 97  ? -2.833  18.658  5.029   1.00 12.16 ? 133 GLY A C   1 
ATOM   680  O O   . GLY A 1 97  ? -3.641  19.230  4.240   1.00 12.81 ? 133 GLY A O   1 
ATOM   681  N N   . ALA A 1 98  ? -1.771  17.965  4.614   1.00 10.18 ? 134 ALA A N   1 
ATOM   682  C CA  . ALA A 1 98  ? -1.475  17.860  3.190   1.00 7.31  ? 134 ALA A CA  1 
ATOM   683  C C   . ALA A 1 98  ? -2.532  17.029  2.483   1.00 8.09  ? 134 ALA A C   1 
ATOM   684  O O   . ALA A 1 98  ? -3.141  16.146  3.051   1.00 9.16  ? 134 ALA A O   1 
ATOM   685  C CB  . ALA A 1 98  ? -0.135  17.180  2.903   1.00 8.88  ? 134 ALA A CB  1 
ATOM   686  N N   . ALA A 1 99  ? -2.722  17.254  1.211   1.00 5.84  ? 135 ALA A N   1 
ATOM   687  C CA  . ALA A 1 99  ? -3.653  16.545  0.375   1.00 8.52  ? 135 ALA A CA  1 
ATOM   688  C C   . ALA A 1 99  ? -2.914  15.269  0.009   1.00 9.12  ? 135 ALA A C   1 
ATOM   689  O O   . ALA A 1 99  ? -1.690  15.371  -0.201  1.00 10.65 ? 135 ALA A O   1 
ATOM   690  C CB  . ALA A 1 99  ? -3.929  17.250  -0.961  1.00 6.86  ? 135 ALA A CB  1 
ATOM   691  N N   . VAL A 1 100 ? -3.628  14.188  -0.124  1.00 9.40  ? 136 VAL A N   1 
ATOM   692  C CA  . VAL A 1 100 ? -2.968  12.896  -0.534  1.00 7.15  ? 136 VAL A CA  1 
ATOM   693  C C   . VAL A 1 100 ? -3.974  12.028  -1.265  1.00 9.22  ? 136 VAL A C   1 
ATOM   694  O O   . VAL A 1 100 ? -5.192  12.267  -1.038  1.00 9.22  ? 136 VAL A O   1 
ATOM   695  C CB  . VAL A 1 100 ? -2.469  12.402  0.822   1.00 7.22  ? 136 VAL A CB  1 
ATOM   696  C CG1 . VAL A 1 100 ? -3.588  11.791  1.708   1.00 7.36  ? 136 VAL A CG1 1 
ATOM   697  C CG2 . VAL A 1 100 ? -1.437  11.394  0.527   1.00 8.28  ? 136 VAL A CG2 1 
ATOM   698  N N   . CYS A 1 101 ? -3.530  11.097  -2.089  1.00 7.60  ? 137 CYS A N   1 
ATOM   699  C CA  . CYS A 1 101 ? -4.484  10.206  -2.796  1.00 9.44  ? 137 CYS A CA  1 
ATOM   700  C C   . CYS A 1 101 ? -3.916  8.785   -2.527  1.00 10.17 ? 137 CYS A C   1 
ATOM   701  O O   . CYS A 1 101 ? -2.709  8.705   -2.161  1.00 9.81  ? 137 CYS A O   1 
ATOM   702  C CB  . CYS A 1 101 ? -4.475  10.435  -4.319  1.00 7.76  ? 137 CYS A CB  1 
ATOM   703  S SG  . CYS A 1 101 ? -4.957  12.175  -4.647  1.00 9.92  ? 137 CYS A SG  1 
ATOM   704  N N   . ARG A 1 102 ? -4.768  7.811   -2.802  1.00 6.69  ? 138 ARG A N   1 
ATOM   705  C CA  . ARG A 1 102 ? -4.315  6.408   -2.598  1.00 6.09  ? 138 ARG A CA  1 
ATOM   706  C C   . ARG A 1 102 ? -4.910  5.669   -3.829  1.00 7.17  ? 138 ARG A C   1 
ATOM   707  O O   . ARG A 1 102 ? -5.965  6.082   -4.406  1.00 5.53  ? 138 ARG A O   1 
ATOM   708  C CB  . ARG A 1 102 ? -4.794  5.785   -1.269  1.00 4.63  ? 138 ARG A CB  1 
ATOM   709  C CG  . ARG A 1 102 ? -6.295  5.958   -1.066  1.00 3.51  ? 138 ARG A CG  1 
ATOM   710  C CD  . ARG A 1 102 ? -6.835  4.863   -0.135  1.00 3.24  ? 138 ARG A CD  1 
ATOM   711  N NE  . ARG A 1 102 ? -6.909  3.704   -1.016  1.00 2.80  ? 138 ARG A NE  1 
ATOM   712  C CZ  . ARG A 1 102 ? -7.792  3.499   -2.000  1.00 2.47  ? 138 ARG A CZ  1 
ATOM   713  N NH1 . ARG A 1 102 ? -8.905  4.234   -2.150  1.00 2.00  ? 138 ARG A NH1 1 
ATOM   714  N NH2 . ARG A 1 102 ? -7.515  2.469   -2.832  1.00 2.54  ? 138 ARG A NH2 1 
ATOM   715  N N   . SER A 1 103 ? -4.277  4.517   -4.124  1.00 3.80  ? 139 SER A N   1 
ATOM   716  C CA  . SER A 1 103 ? -4.750  3.751   -5.282  1.00 3.19  ? 139 SER A CA  1 
ATOM   717  C C   . SER A 1 103 ? -4.871  2.262   -4.908  1.00 4.66  ? 139 SER A C   1 
ATOM   718  O O   . SER A 1 103 ? -3.894  1.823   -4.198  1.00 6.27  ? 139 SER A O   1 
ATOM   719  C CB  . SER A 1 103 ? -3.576  3.974   -6.293  1.00 2.26  ? 139 SER A CB  1 
ATOM   720  O OG  . SER A 1 103 ? -4.085  3.353   -7.485  1.00 4.18  ? 139 SER A OG  1 
ATOM   721  N N   . GLY A 1 104 ? -5.933  1.608   -5.298  1.00 2.67  ? 140 GLY A N   1 
ATOM   722  C CA  . GLY A 1 104 ? -5.990  0.139   -4.916  1.00 6.07  ? 140 GLY A CA  1 
ATOM   723  C C   . GLY A 1 104 ? -7.068  -0.510  -5.835  1.00 5.64  ? 140 GLY A C   1 
ATOM   724  O O   . GLY A 1 104 ? -7.890  0.168   -6.467  1.00 5.92  ? 140 GLY A O   1 
ATOM   725  N N   . ARG A 1 105 ? -7.087  -1.801  -5.846  1.00 6.87  ? 141 ARG A N   1 
ATOM   726  C CA  . ARG A 1 105 ? -7.985  -2.585  -6.701  1.00 7.64  ? 141 ARG A CA  1 
ATOM   727  C C   . ARG A 1 105 ? -9.470  -2.519  -6.384  1.00 7.71  ? 141 ARG A C   1 
ATOM   728  O O   . ARG A 1 105 ? -10.237 -3.007  -7.252  1.00 8.25  ? 141 ARG A O   1 
ATOM   729  C CB  . ARG A 1 105 ? -7.478  -4.050  -6.876  1.00 5.27  ? 141 ARG A CB  1 
ATOM   730  C CG  . ARG A 1 105 ? -7.284  -4.811  -5.579  1.00 5.27  ? 141 ARG A CG  1 
ATOM   731  C CD  . ARG A 1 105 ? -8.594  -5.368  -5.091  1.00 9.16  ? 141 ARG A CD  1 
ATOM   732  N NE  . ARG A 1 105 ? -9.224  -6.136  -6.175  1.00 10.57 ? 141 ARG A NE  1 
ATOM   733  C CZ  . ARG A 1 105 ? -10.540 -6.373  -6.254  1.00 13.26 ? 141 ARG A CZ  1 
ATOM   734  N NH1 . ARG A 1 105 ? -11.309 -5.829  -5.310  1.00 12.55 ? 141 ARG A NH1 1 
ATOM   735  N NH2 . ARG A 1 105 ? -11.024 -7.167  -7.231  1.00 12.67 ? 141 ARG A NH2 1 
ATOM   736  N N   . THR A 1 106 ? -9.882  -2.019  -5.255  1.00 5.84  ? 142 THR A N   1 
ATOM   737  C CA  . THR A 1 106 ? -11.318 -2.054  -4.883  1.00 6.74  ? 142 THR A CA  1 
ATOM   738  C C   . THR A 1 106 ? -11.883 -0.673  -5.100  1.00 8.58  ? 142 THR A C   1 
ATOM   739  O O   . THR A 1 106 ? -12.817 -0.705  -5.931  1.00 8.89  ? 142 THR A O   1 
ATOM   740  C CB  . THR A 1 106 ? -11.531 -2.615  -3.430  1.00 7.43  ? 142 THR A CB  1 
ATOM   741  O OG1 . THR A 1 106 ? -10.940 -3.970  -3.433  1.00 7.49  ? 142 THR A OG1 1 
ATOM   742  C CG2 . THR A 1 106 ? -12.985 -2.493  -2.978  1.00 8.21  ? 142 THR A CG2 1 
ATOM   743  N N   . THR A 1 107 ? -11.387 0.368   -4.471  1.00 7.62  ? 143 THR A N   1 
ATOM   744  C CA  . THR A 1 107 ? -12.048 1.660   -4.805  1.00 6.82  ? 143 THR A CA  1 
ATOM   745  C C   . THR A 1 107 ? -11.293 2.450   -5.842  1.00 6.73  ? 143 THR A C   1 
ATOM   746  O O   . THR A 1 107 ? -11.747 3.611   -5.972  1.00 7.24  ? 143 THR A O   1 
ATOM   747  C CB  . THR A 1 107 ? -12.256 2.416   -3.446  1.00 8.60  ? 143 THR A CB  1 
ATOM   748  O OG1 . THR A 1 107 ? -10.886 2.699   -2.982  1.00 8.96  ? 143 THR A OG1 1 
ATOM   749  C CG2 . THR A 1 107 ? -12.985 1.608   -2.360  1.00 7.58  ? 143 THR A CG2 1 
ATOM   750  N N   . GLY A 1 108 ? -10.253 2.044   -6.506  1.00 5.33  ? 156 GLY A N   1 
ATOM   751  C CA  . GLY A 1 108 ? -9.601  2.907   -7.491  1.00 5.56  ? 156 GLY A CA  1 
ATOM   752  C C   . GLY A 1 108 ? -8.804  3.991   -6.793  1.00 7.15  ? 156 GLY A C   1 
ATOM   753  O O   . GLY A 1 108 ? -8.287  3.785   -5.694  1.00 7.78  ? 156 GLY A O   1 
ATOM   754  N N   . TYR A 1 109 ? -8.735  5.161   -7.383  1.00 8.22  ? 157 TYR A N   1 
ATOM   755  C CA  . TYR A 1 109 ? -7.900  6.292   -6.895  1.00 7.59  ? 157 TYR A CA  1 
ATOM   756  C C   . TYR A 1 109 ? -8.672  7.238   -6.084  1.00 6.93  ? 157 TYR A C   1 
ATOM   757  O O   . TYR A 1 109 ? -9.586  7.754   -6.751  1.00 9.61  ? 157 TYR A O   1 
ATOM   758  C CB  . TYR A 1 109 ? -7.354  6.864   -8.222  1.00 8.70  ? 157 TYR A CB  1 
ATOM   759  C CG  . TYR A 1 109 ? -6.253  7.902   -7.981  1.00 9.72  ? 157 TYR A CG  1 
ATOM   760  C CD1 . TYR A 1 109 ? -4.956  7.485   -7.706  1.00 9.81  ? 157 TYR A CD1 1 
ATOM   761  C CD2 . TYR A 1 109 ? -6.526  9.259   -8.061  1.00 8.87  ? 157 TYR A CD2 1 
ATOM   762  C CE1 . TYR A 1 109 ? -3.918  8.408   -7.491  1.00 10.11 ? 157 TYR A CE1 1 
ATOM   763  C CE2 . TYR A 1 109 ? -5.507  10.189  -7.823  1.00 9.78  ? 157 TYR A CE2 1 
ATOM   764  C CZ  . TYR A 1 109 ? -4.216  9.754   -7.573  1.00 9.63  ? 157 TYR A CZ  1 
ATOM   765  O OH  . TYR A 1 109 ? -3.204  10.623  -7.357  1.00 11.26 ? 157 TYR A OH  1 
ATOM   766  N N   . GLN A 1 110 ? -8.487  7.449   -4.825  1.00 6.19  ? 158 GLN A N   1 
ATOM   767  C CA  . GLN A 1 110 ? -9.310  8.345   -3.979  1.00 7.22  ? 158 GLN A CA  1 
ATOM   768  C C   . GLN A 1 110 ? -8.388  9.384   -3.334  1.00 7.83  ? 158 GLN A C   1 
ATOM   769  O O   . GLN A 1 110 ? -7.280  8.893   -3.048  1.00 7.24  ? 158 GLN A O   1 
ATOM   770  C CB  . GLN A 1 110 ? -10.089 7.642   -2.858  1.00 6.82  ? 158 GLN A CB  1 
ATOM   771  C CG  . GLN A 1 110 ? -10.938 6.542   -3.471  1.00 9.06  ? 158 GLN A CG  1 
ATOM   772  C CD  . GLN A 1 110 ? -12.127 7.080   -4.205  1.00 13.58 ? 158 GLN A CD  1 
ATOM   773  O OE1 . GLN A 1 110 ? -12.614 8.159   -3.879  1.00 13.98 ? 158 GLN A OE1 1 
ATOM   774  N NE2 . GLN A 1 110 ? -12.596 6.322   -5.209  1.00 13.43 ? 158 GLN A NE2 1 
ATOM   775  N N   . CYS A 1 111 ? -8.863  10.591  -3.110  1.00 4.58  ? 159 CYS A N   1 
ATOM   776  C CA  . CYS A 1 111 ? -7.923  11.590  -2.520  1.00 6.53  ? 159 CYS A CA  1 
ATOM   777  C C   . CYS A 1 111 ? -8.520  12.192  -1.273  1.00 7.97  ? 159 CYS A C   1 
ATOM   778  O O   . CYS A 1 111 ? -9.759  12.048  -1.135  1.00 8.66  ? 159 CYS A O   1 
ATOM   779  C CB  . CYS A 1 111 ? -7.687  12.732  -3.547  1.00 8.35  ? 159 CYS A CB  1 
ATOM   780  S SG  . CYS A 1 111 ? -6.959  12.073  -5.110  1.00 11.34 ? 159 CYS A SG  1 
ATOM   781  N N   . GLY A 1 112 ? -7.781  12.878  -0.433  1.00 7.13  ? 160 GLY A N   1 
ATOM   782  C CA  . GLY A 1 112 ? -8.406  13.420  0.830   1.00 6.14  ? 160 GLY A CA  1 
ATOM   783  C C   . GLY A 1 112 ? -7.143  14.110  1.432   1.00 6.49  ? 160 GLY A C   1 
ATOM   784  O O   . GLY A 1 112 ? -6.301  14.599  0.652   1.00 7.45  ? 160 GLY A O   1 
ATOM   785  N N   . THR A 1 113 ? -7.122  14.184  2.717   1.00 8.56  ? 161 THR A N   1 
ATOM   786  C CA  . THR A 1 113 ? -5.970  14.878  3.358   1.00 9.94  ? 161 THR A CA  1 
ATOM   787  C C   . THR A 1 113 ? -5.557  14.049  4.561   1.00 9.82  ? 161 THR A C   1 
ATOM   788  O O   . THR A 1 113 ? -6.367  13.227  5.027   1.00 8.60  ? 161 THR A O   1 
ATOM   789  C CB  . THR A 1 113 ? -6.467  16.336  3.762   1.00 14.27 ? 161 THR A CB  1 
ATOM   790  O OG1 . THR A 1 113 ? -7.414  16.066  4.812   1.00 17.43 ? 161 THR A OG1 1 
ATOM   791  C CG2 . THR A 1 113 ? -7.352  17.081  2.765   1.00 12.47 ? 161 THR A CG2 1 
ATOM   792  N N   . ILE A 1 114 ? -4.326  14.290  4.934   1.00 7.52  ? 162 ILE A N   1 
ATOM   793  C CA  . ILE A 1 114 ? -3.788  13.589  6.125   1.00 9.78  ? 162 ILE A CA  1 
ATOM   794  C C   . ILE A 1 114 ? -4.368  14.264  7.357   1.00 9.77  ? 162 ILE A C   1 
ATOM   795  O O   . ILE A 1 114 ? -4.335  15.501  7.313   1.00 10.52 ? 162 ILE A O   1 
ATOM   796  C CB  . ILE A 1 114 ? -2.216  13.750  6.118   1.00 10.00 ? 162 ILE A CB  1 
ATOM   797  C CG1 . ILE A 1 114 ? -1.730  12.948  4.878   1.00 10.28 ? 162 ILE A CG1 1 
ATOM   798  C CG2 . ILE A 1 114 ? -1.655  13.223  7.471   1.00 8.13  ? 162 ILE A CG2 1 
ATOM   799  C CD1 . ILE A 1 114 ? -0.235  13.155  4.511   1.00 11.82 ? 162 ILE A CD1 1 
ATOM   800  N N   . THR A 1 115 ? -4.874  13.539  8.287   1.00 9.89  ? 163 THR A N   1 
ATOM   801  C CA  . THR A 1 115 ? -5.490  14.158  9.462   1.00 13.15 ? 163 THR A CA  1 
ATOM   802  C C   . THR A 1 115 ? -4.785  13.884  10.781  1.00 13.35 ? 163 THR A C   1 
ATOM   803  O O   . THR A 1 115 ? -5.149  14.615  11.733  1.00 16.56 ? 163 THR A O   1 
ATOM   804  C CB  . THR A 1 115 ? -7.022  13.692  9.481   1.00 14.57 ? 163 THR A CB  1 
ATOM   805  O OG1 . THR A 1 115 ? -7.050  12.238  9.518   1.00 12.36 ? 163 THR A OG1 1 
ATOM   806  C CG2 . THR A 1 115 ? -7.799  14.150  8.206   1.00 14.18 ? 163 THR A CG2 1 
ATOM   807  N N   . ALA A 1 116 ? -3.915  12.940  10.850  1.00 10.31 ? 164 ALA A N   1 
ATOM   808  C CA  . ALA A 1 116 ? -3.210  12.607  12.120  1.00 11.15 ? 164 ALA A CA  1 
ATOM   809  C C   . ALA A 1 116 ? -2.092  11.606  11.843  1.00 11.02 ? 164 ALA A C   1 
ATOM   810  O O   . ALA A 1 116 ? -2.172  10.867  10.848  1.00 10.11 ? 164 ALA A O   1 
ATOM   811  C CB  . ALA A 1 116 ? -4.201  11.989  13.083  1.00 10.52 ? 164 ALA A CB  1 
ATOM   812  N N   . LYS A 1 117 ? -1.060  11.579  12.663  1.00 9.76  ? 165 LYS A N   1 
ATOM   813  C CA  . LYS A 1 117 ? 0.049   10.649  12.490  1.00 9.22  ? 165 LYS A CA  1 
ATOM   814  C C   . LYS A 1 117 ? 0.218   9.939   13.845  1.00 12.36 ? 165 LYS A C   1 
ATOM   815  O O   . LYS A 1 117 ? -0.353  10.410  14.873  1.00 8.82  ? 165 LYS A O   1 
ATOM   816  C CB  . LYS A 1 117 ? 1.354   11.412  12.219  1.00 10.82 ? 165 LYS A CB  1 
ATOM   817  C CG  . LYS A 1 117 ? 1.351   12.194  10.940  1.00 11.89 ? 165 LYS A CG  1 
ATOM   818  C CD  . LYS A 1 117 ? 2.666   12.592  10.324  1.00 11.75 ? 165 LYS A CD  1 
ATOM   819  C CE  . LYS A 1 117 ? 2.440   13.235  8.938   1.00 11.42 ? 165 LYS A CE  1 
ATOM   820  N NZ  . LYS A 1 117 ? 3.846   13.608  8.550   1.00 14.07 ? 165 LYS A NZ  1 
ATOM   821  N N   . ASN A 1 118 ? 0.965   8.825   13.775  1.00 13.41 ? 166 ASN A N   1 
ATOM   822  C CA  . ASN A 1 118 ? 1.225   8.025   14.967  1.00 16.26 ? 166 ASN A CA  1 
ATOM   823  C C   . ASN A 1 118 ? -0.063  7.499   15.616  1.00 15.84 ? 166 ASN A C   1 
ATOM   824  O O   . ASN A 1 118 ? -0.202  7.540   16.864  1.00 14.57 ? 166 ASN A O   1 
ATOM   825  C CB  . ASN A 1 118 ? 2.062   8.879   15.892  1.00 19.97 ? 166 ASN A CB  1 
ATOM   826  C CG  . ASN A 1 118 ? 2.882   7.912   16.720  1.00 26.79 ? 166 ASN A CG  1 
ATOM   827  O OD1 . ASN A 1 118 ? 2.929   8.164   17.961  1.00 31.55 ? 166 ASN A OD1 1 
ATOM   828  N ND2 . ASN A 1 118 ? 3.565   6.905   16.208  1.00 29.04 ? 166 ASN A ND2 1 
ATOM   829  N N   . VAL A 1 119 ? -0.936  6.996   14.743  1.00 13.49 ? 167 VAL A N   1 
ATOM   830  C CA  . VAL A 1 119 ? -2.189  6.422   15.238  1.00 13.58 ? 167 VAL A CA  1 
ATOM   831  C C   . VAL A 1 119 ? -1.976  4.922   15.485  1.00 14.46 ? 167 VAL A C   1 
ATOM   832  O O   . VAL A 1 119 ? -1.184  4.297   14.739  1.00 12.80 ? 167 VAL A O   1 
ATOM   833  C CB  . VAL A 1 119 ? -3.243  6.707   14.146  1.00 13.75 ? 167 VAL A CB  1 
ATOM   834  C CG1 . VAL A 1 119 ? -4.479  5.837   14.238  1.00 13.20 ? 167 VAL A CG1 1 
ATOM   835  C CG2 . VAL A 1 119 ? -3.482  8.220   14.061  1.00 13.24 ? 167 VAL A CG2 1 
ATOM   836  N N   . THR A 1 120 ? -2.690  4.406   16.481  1.00 14.41 ? 168 THR A N   1 
ATOM   837  C CA  . THR A 1 120 ? -2.706  2.968   16.806  1.00 16.16 ? 168 THR A CA  1 
ATOM   838  C C   . THR A 1 120 ? -4.009  2.347   16.296  1.00 16.35 ? 168 THR A C   1 
ATOM   839  O O   . THR A 1 120 ? -5.072  2.899   16.521  1.00 16.09 ? 168 THR A O   1 
ATOM   840  C CB  . THR A 1 120 ? -2.626  2.563   18.328  1.00 17.22 ? 168 THR A CB  1 
ATOM   841  O OG1 . THR A 1 120 ? -1.312  3.031   18.695  1.00 17.86 ? 168 THR A OG1 1 
ATOM   842  C CG2 . THR A 1 120 ? -2.638  1.012   18.534  1.00 18.03 ? 168 THR A CG2 1 
ATOM   843  N N   . ALA A 1 121 ? -3.933  1.235   15.567  1.00 18.03 ? 169 ALA A N   1 
ATOM   844  C CA  . ALA A 1 121 ? -5.171  0.537   15.089  1.00 15.49 ? 169 ALA A CA  1 
ATOM   845  C C   . ALA A 1 121 ? -5.119  -0.691  16.021  1.00 15.87 ? 169 ALA A C   1 
ATOM   846  O O   . ALA A 1 121 ? -4.049  -1.301  16.285  1.00 15.33 ? 169 ALA A O   1 
ATOM   847  C CB  . ALA A 1 121 ? -5.090  0.219   13.604  1.00 15.40 ? 169 ALA A CB  1 
ATOM   848  N N   . ASN A 1 122 ? -6.247  -1.070  16.575  1.00 16.74 ? 170 ASN A N   1 
ATOM   849  C CA  . ASN A 1 122 ? -6.382  -2.278  17.430  1.00 16.77 ? 170 ASN A CA  1 
ATOM   850  C C   . ASN A 1 122 ? -6.973  -3.328  16.521  1.00 16.26 ? 170 ASN A C   1 
ATOM   851  O O   . ASN A 1 122 ? -8.217  -3.344  16.463  1.00 18.71 ? 170 ASN A O   1 
ATOM   852  C CB  . ASN A 1 122 ? -7.251  -1.962  18.636  1.00 18.32 ? 170 ASN A CB  1 
ATOM   853  C CG  . ASN A 1 122 ? -6.306  -1.164  19.554  1.00 21.46 ? 170 ASN A CG  1 
ATOM   854  O OD1 . ASN A 1 122 ? -5.189  -1.507  20.021  1.00 24.08 ? 170 ASN A OD1 1 
ATOM   855  N ND2 . ASN A 1 122 ? -6.695  0.066   19.863  1.00 22.76 ? 170 ASN A ND2 1 
ATOM   856  N N   . TYR A 1 123 ? -6.170  -4.065  15.792  1.00 14.54 ? 171 TYR A N   1 
ATOM   857  C CA  . TYR A 1 123 ? -6.743  -5.069  14.853  1.00 14.01 ? 171 TYR A CA  1 
ATOM   858  C C   . TYR A 1 123 ? -6.962  -6.348  15.683  1.00 15.76 ? 171 TYR A C   1 
ATOM   859  O O   . TYR A 1 123 ? -6.368  -6.411  16.778  1.00 14.69 ? 171 TYR A O   1 
ATOM   860  C CB  . TYR A 1 123 ? -5.829  -5.223  13.647  1.00 11.93 ? 171 TYR A CB  1 
ATOM   861  C CG  . TYR A 1 123 ? -5.676  -4.110  12.649  1.00 9.92  ? 171 TYR A CG  1 
ATOM   862  C CD1 . TYR A 1 123 ? -6.705  -3.228  12.278  1.00 9.92  ? 171 TYR A CD1 1 
ATOM   863  C CD2 . TYR A 1 123 ? -4.430  -3.978  12.035  1.00 10.81 ? 171 TYR A CD2 1 
ATOM   864  C CE1 . TYR A 1 123 ? -6.471  -2.208  11.358  1.00 10.87 ? 171 TYR A CE1 1 
ATOM   865  C CE2 . TYR A 1 123 ? -4.207  -2.948  11.087  1.00 11.00 ? 171 TYR A CE2 1 
ATOM   866  C CZ  . TYR A 1 123 ? -5.227  -2.096  10.739  1.00 10.91 ? 171 TYR A CZ  1 
ATOM   867  O OH  . TYR A 1 123 ? -5.014  -1.161  9.765   1.00 12.07 ? 171 TYR A OH  1 
ATOM   868  N N   . ALA A 1 124 ? -7.745  -7.275  15.166  1.00 15.32 ? 172 ALA A N   1 
ATOM   869  C CA  . ALA A 1 124 ? -8.038  -8.497  15.929  1.00 15.74 ? 172 ALA A CA  1 
ATOM   870  C C   . ALA A 1 124 ? -6.742  -9.219  16.261  1.00 15.26 ? 172 ALA A C   1 
ATOM   871  O O   . ALA A 1 124 ? -6.682  -9.799  17.368  1.00 15.84 ? 172 ALA A O   1 
ATOM   872  C CB  . ALA A 1 124 ? -8.975  -9.304  15.054  1.00 17.30 ? 172 ALA A CB  1 
ATOM   873  N N   . GLU A 1 125 ? -5.775  -9.157  15.333  1.00 12.01 ? 174 GLU A N   1 
ATOM   874  C CA  . GLU A 1 125 ? -4.517  -9.841  15.583  1.00 11.25 ? 174 GLU A CA  1 
ATOM   875  C C   . GLU A 1 125 ? -3.546  -9.228  16.583  1.00 9.31  ? 174 GLU A C   1 
ATOM   876  O O   . GLU A 1 125 ? -2.653  -9.931  17.065  1.00 9.79  ? 174 GLU A O   1 
ATOM   877  C CB  . GLU A 1 125 ? -3.727  -9.701  14.254  1.00 14.72 ? 174 GLU A CB  1 
ATOM   878  C CG  . GLU A 1 125 ? -4.384  -10.550 13.182  1.00 15.83 ? 174 GLU A CG  1 
ATOM   879  C CD  . GLU A 1 125 ? -5.349  -9.747  12.368  1.00 15.82 ? 174 GLU A CD  1 
ATOM   880  O OE1 . GLU A 1 125 ? -5.821  -8.694  12.673  1.00 16.05 ? 174 GLU A OE1 1 
ATOM   881  O OE2 . GLU A 1 125 ? -5.577  -10.418 11.333  1.00 18.90 ? 174 GLU A OE2 1 
ATOM   882  N N   . GLY A 1 126 ? -3.735  -7.975  16.817  1.00 7.88  ? 175 GLY A N   1 
ATOM   883  C CA  . GLY A 1 126 ? -2.834  -7.198  17.727  1.00 9.37  ? 175 GLY A CA  1 
ATOM   884  C C   . GLY A 1 126 ? -2.822  -5.768  17.216  1.00 10.48 ? 175 GLY A C   1 
ATOM   885  O O   . GLY A 1 126 ? -3.298  -5.444  16.092  1.00 11.10 ? 175 GLY A O   1 
ATOM   886  N N   . ALA A 1 127 ? -2.262  -4.890  18.056  1.00 9.95  ? 176 ALA A N   1 
ATOM   887  C CA  . ALA A 1 127 ? -2.173  -3.464  17.694  1.00 9.72  ? 176 ALA A CA  1 
ATOM   888  C C   . ALA A 1 127 ? -1.076  -3.266  16.650  1.00 8.34  ? 176 ALA A C   1 
ATOM   889  O O   . ALA A 1 127 ? -0.097  -4.014  16.559  1.00 7.23  ? 176 ALA A O   1 
ATOM   890  C CB  . ALA A 1 127 ? -1.748  -2.728  18.980  1.00 11.66 ? 176 ALA A CB  1 
ATOM   891  N N   . VAL A 1 128 ? -1.230  -2.262  15.831  1.00 9.39  ? 177 VAL A N   1 
ATOM   892  C CA  . VAL A 1 128 ? -0.328  -1.755  14.809  1.00 8.37  ? 177 VAL A CA  1 
ATOM   893  C C   . VAL A 1 128 ? -0.183  -0.274  15.246  1.00 9.65  ? 177 VAL A C   1 
ATOM   894  O O   . VAL A 1 128 ? -1.165  0.504   15.335  1.00 11.15 ? 177 VAL A O   1 
ATOM   895  C CB  . VAL A 1 128 ? -0.696  -1.870  13.339  1.00 9.12  ? 177 VAL A CB  1 
ATOM   896  C CG1 . VAL A 1 128 ? 0.292   -1.126  12.421  1.00 6.40  ? 177 VAL A CG1 1 
ATOM   897  C CG2 . VAL A 1 128 ? -0.895  -3.343  13.016  1.00 7.92  ? 177 VAL A CG2 1 
ATOM   898  N N   . ARG A 1 129 ? 1.057   0.071   15.533  1.00 10.28 ? 178 ARG A N   1 
ATOM   899  C CA  . ARG A 1 129 ? 1.250   1.465   15.994  1.00 10.58 ? 178 ARG A CA  1 
ATOM   900  C C   . ARG A 1 129 ? 1.896   2.327   14.948  1.00 9.77  ? 178 ARG A C   1 
ATOM   901  O O   . ARG A 1 129 ? 2.397   1.739   13.988  1.00 9.29  ? 178 ARG A O   1 
ATOM   902  C CB  . ARG A 1 129 ? 2.231   1.279   17.198  1.00 17.82 ? 178 ARG A CB  1 
ATOM   903  C CG  . ARG A 1 129 ? 1.435   0.715   18.373  1.00 25.24 ? 178 ARG A CG  1 
ATOM   904  C CD  . ARG A 1 129 ? 1.821   1.373   19.665  1.00 33.32 ? 178 ARG A CD  1 
ATOM   905  N NE  . ARG A 1 129 ? 0.708   1.492   20.636  1.00 39.69 ? 178 ARG A NE  1 
ATOM   906  C CZ  . ARG A 1 129 ? 0.306   0.322   21.242  1.00 44.11 ? 178 ARG A CZ  1 
ATOM   907  N NH1 . ARG A 1 129 ? 0.915   -0.892  21.148  1.00 45.80 ? 178 ARG A NH1 1 
ATOM   908  N NH2 . ARG A 1 129 ? -0.853  0.336   21.937  1.00 46.07 ? 178 ARG A NH2 1 
ATOM   909  N N   . GLY A 1 130 ? 1.930   3.656   15.151  1.00 9.58  ? 179 GLY A N   1 
ATOM   910  C CA  . GLY A 1 130 ? 2.589   4.580   14.230  1.00 8.80  ? 179 GLY A CA  1 
ATOM   911  C C   . GLY A 1 130 ? 1.972   4.796   12.849  1.00 9.44  ? 179 GLY A C   1 
ATOM   912  O O   . GLY A 1 130 ? 2.716   5.292   11.982  1.00 9.15  ? 179 GLY A O   1 
ATOM   913  N N   . LEU A 1 131 ? 0.699   4.502   12.658  1.00 8.60  ? 180 LEU A N   1 
ATOM   914  C CA  . LEU A 1 131 ? 0.081   4.748   11.334  1.00 8.64  ? 180 LEU A CA  1 
ATOM   915  C C   . LEU A 1 131 ? -0.315  6.223   11.207  1.00 9.20  ? 180 LEU A C   1 
ATOM   916  O O   . LEU A 1 131 ? -0.594  6.893   12.202  1.00 8.11  ? 180 LEU A O   1 
ATOM   917  C CB  . LEU A 1 131 ? -1.131  3.828   11.283  1.00 8.04  ? 180 LEU A CB  1 
ATOM   918  C CG  . LEU A 1 131 ? -0.800  2.336   11.389  1.00 10.16 ? 180 LEU A CG  1 
ATOM   919  C CD1 . LEU A 1 131 ? -2.075  1.497   11.551  1.00 9.70  ? 180 LEU A CD1 1 
ATOM   920  C CD2 . LEU A 1 131 ? -0.060  1.888   10.122  1.00 10.31 ? 180 LEU A CD2 1 
ATOM   921  N N   . THR A 1 132 ? -0.357  6.657   9.965   1.00 8.70  ? 181 THR A N   1 
ATOM   922  C CA  . THR A 1 132 ? -0.770  8.010   9.616   1.00 8.35  ? 181 THR A CA  1 
ATOM   923  C C   . THR A 1 132 ? -2.238  7.787   9.110   1.00 9.50  ? 181 THR A C   1 
ATOM   924  O O   . THR A 1 132 ? -2.548  6.766   8.401   1.00 7.87  ? 181 THR A O   1 
ATOM   925  C CB  . THR A 1 132 ? 0.068   8.615   8.425   1.00 7.66  ? 181 THR A CB  1 
ATOM   926  O OG1 . THR A 1 132 ? 1.374   8.535   8.963   1.00 8.62  ? 181 THR A OG1 1 
ATOM   927  C CG2 . THR A 1 132 ? -0.464  9.984   7.973   1.00 7.21  ? 181 THR A CG2 1 
ATOM   928  N N   . GLN A 1 133 ? -3.061  8.744   9.479   1.00 8.01  ? 182 GLN A N   1 
ATOM   929  C CA  . GLN A 1 133 ? -4.477  8.691   9.088   1.00 9.23  ? 182 GLN A CA  1 
ATOM   930  C C   . GLN A 1 133 ? -4.826  9.763   8.035   1.00 10.06 ? 182 GLN A C   1 
ATOM   931  O O   . GLN A 1 133 ? -4.399  10.918  8.184   1.00 9.69  ? 182 GLN A O   1 
ATOM   932  C CB  . GLN A 1 133 ? -5.342  8.754   10.367  1.00 10.29 ? 182 GLN A CB  1 
ATOM   933  C CG  . GLN A 1 133 ? -6.813  8.879   10.004  1.00 11.29 ? 182 GLN A CG  1 
ATOM   934  C CD  . GLN A 1 133 ? -7.459  9.239   11.352  1.00 16.58 ? 182 GLN A CD  1 
ATOM   935  O OE1 . GLN A 1 133 ? -7.816  8.353   12.126  1.00 17.36 ? 182 GLN A OE1 1 
ATOM   936  N NE2 . GLN A 1 133 ? -7.551  10.517  11.706  1.00 16.44 ? 182 GLN A NE2 1 
ATOM   937  N N   . GLY A 1 134 ? -5.570  9.361   7.026   1.00 9.16  ? 183 GLY A N   1 
ATOM   938  C CA  . GLY A 1 134 ? -6.070  10.250  5.995   1.00 6.86  ? 183 GLY A CA  1 
ATOM   939  C C   . GLY A 1 134 ? -7.586  10.003  5.949   1.00 8.94  ? 183 GLY A C   1 
ATOM   940  O O   . GLY A 1 134 ? -8.130  9.077   6.614   1.00 8.14  ? 183 GLY A O   1 
ATOM   941  N N   . ASN A 1 135 ? -8.230  10.825  5.145   1.00 8.02  ? 184 ASN A N   1 
ATOM   942  C CA  . ASN A 1 135 ? -9.720  10.701  5.040   1.00 8.50  ? 184 ASN A CA  1 
ATOM   943  C C   . ASN A 1 135 ? -10.124 10.390  3.606   1.00 7.99  ? 184 ASN A C   1 
ATOM   944  O O   . ASN A 1 135 ? -11.286 10.634  3.342   1.00 8.93  ? 184 ASN A O   1 
ATOM   945  C CB  . ASN A 1 135 ? -10.413 11.912  5.687   1.00 7.93  ? 184 ASN A CB  1 
ATOM   946  C CG  . ASN A 1 135 ? -10.067 13.167  4.930   1.00 9.67  ? 184 ASN A CG  1 
ATOM   947  O OD1 . ASN A 1 135 ? -9.522  13.369  3.843   1.00 9.10  ? 184 ASN A OD1 1 
ATOM   948  N ND2 . ASN A 1 135 ? -10.403 14.330  5.488   1.00 11.05 ? 184 ASN A ND2 1 
ATOM   949  N N   . ALA A 1 136 ? -9.188  9.884   2.802   1.00 6.43  ? 190 ALA A N   1 
ATOM   950  C CA  . ALA A 1 136 ? -9.522  9.396   1.474   1.00 5.78  ? 190 ALA A CA  1 
ATOM   951  C C   . ALA A 1 136 ? -10.208 8.064   1.878   1.00 8.20  ? 190 ALA A C   1 
ATOM   952  O O   . ALA A 1 136 ? -9.821  7.445   2.923   1.00 9.23  ? 190 ALA A O   1 
ATOM   953  C CB  . ALA A 1 136 ? -8.221  9.143   0.764   1.00 3.04  ? 190 ALA A CB  1 
ATOM   954  N N   . CYS A 1 137 ? -11.228 7.618   1.134   1.00 6.86  ? 191 CYS A N   1 
ATOM   955  C CA  . CYS A 1 137 ? -11.927 6.397   1.422   1.00 6.23  ? 191 CYS A CA  1 
ATOM   956  C C   . CYS A 1 137 ? -11.137 5.228   0.825   1.00 7.92  ? 191 CYS A C   1 
ATOM   957  O O   . CYS A 1 137 ? -10.289 5.411   -0.067  1.00 8.34  ? 191 CYS A O   1 
ATOM   958  C CB  . CYS A 1 137 ? -13.350 6.407   0.986   1.00 6.75  ? 191 CYS A CB  1 
ATOM   959  S SG  . CYS A 1 137 ? -13.733 6.293   -0.787  1.00 8.47  ? 191 CYS A SG  1 
ATOM   960  N N   . MET A 1 138 ? -11.463 4.072   1.346   1.00 8.82  ? 192 MET A N   1 
ATOM   961  C CA  . MET A 1 138 ? -10.813 2.802   0.919   1.00 10.95 ? 192 MET A CA  1 
ATOM   962  C C   . MET A 1 138 ? -11.748 1.627   1.214   1.00 8.61  ? 192 MET A C   1 
ATOM   963  O O   . MET A 1 138 ? -12.709 1.785   2.003   1.00 4.85  ? 192 MET A O   1 
ATOM   964  C CB  . MET A 1 138 ? -9.414  2.609   1.475   1.00 12.95 ? 192 MET A CB  1 
ATOM   965  C CG  . MET A 1 138 ? -9.217  2.349   2.911   1.00 19.31 ? 192 MET A CG  1 
ATOM   966  S SD  . MET A 1 138 ? -7.453  1.858   3.345   1.00 25.75 ? 192 MET A SD  1 
ATOM   967  C CE  . MET A 1 138 ? -6.585  2.758   2.158   1.00 19.93 ? 192 MET A CE  1 
ATOM   968  N N   . GLY A 1 139 A -11.481 0.484   0.612   1.00 9.06  ? 192 GLY A N   1 
ATOM   969  C CA  . GLY A 1 139 A -12.324 -0.710  0.782   1.00 6.42  ? 192 GLY A CA  1 
ATOM   970  C C   . GLY A 1 139 A -11.501 -1.954  0.962   1.00 8.59  ? 192 GLY A C   1 
ATOM   971  O O   . GLY A 1 139 A -10.257 -1.989  0.743   1.00 9.58  ? 192 GLY A O   1 
ATOM   972  N N   . ARG A 1 140 B -12.116 -3.075  1.277   1.00 7.62  ? 192 ARG A N   1 
ATOM   973  C CA  . ARG A 1 140 B -11.511 -4.364  1.462   1.00 9.16  ? 192 ARG A CA  1 
ATOM   974  C C   . ARG A 1 140 B -10.846 -4.655  0.097   1.00 9.25  ? 192 ARG A C   1 
ATOM   975  O O   . ARG A 1 140 B -11.534 -4.627  -0.940  1.00 8.75  ? 192 ARG A O   1 
ATOM   976  C CB  . ARG A 1 140 B -12.552 -5.474  1.723   1.00 8.77  ? 192 ARG A CB  1 
ATOM   977  C CG  . ARG A 1 140 B -13.061 -5.542  3.166   1.00 13.17 ? 192 ARG A CG  1 
ATOM   978  C CD  . ARG A 1 140 B -14.129 -6.646  3.094   1.00 16.39 ? 192 ARG A CD  1 
ATOM   979  N NE  . ARG A 1 140 B -14.896 -6.276  4.257   1.00 20.91 ? 192 ARG A NE  1 
ATOM   980  C CZ  . ARG A 1 140 B -16.246 -6.350  4.186   1.00 23.98 ? 192 ARG A CZ  1 
ATOM   981  N NH1 . ARG A 1 140 B -16.938 -6.858  3.161   1.00 23.41 ? 192 ARG A NH1 1 
ATOM   982  N NH2 . ARG A 1 140 B -16.845 -5.839  5.275   1.00 25.44 ? 192 ARG A NH2 1 
ATOM   983  N N   . GLY A 1 141 ? -9.526  -4.918  0.192   1.00 9.35  ? 193 GLY A N   1 
ATOM   984  C CA  . GLY A 1 141 ? -8.788  -5.222  -1.043  1.00 6.86  ? 193 GLY A CA  1 
ATOM   985  C C   . GLY A 1 141 ? -7.826  -4.101  -1.412  1.00 7.45  ? 193 GLY A C   1 
ATOM   986  O O   . GLY A 1 141 ? -6.904  -4.379  -2.226  1.00 9.14  ? 193 GLY A O   1 
ATOM   987  N N   . ASP A 1 142 ? -8.063  -2.927  -0.920  1.00 4.60  ? 194 ASP A N   1 
ATOM   988  C CA  . ASP A 1 142 ? -7.183  -1.768  -1.182  1.00 6.41  ? 194 ASP A CA  1 
ATOM   989  C C   . ASP A 1 142 ? -5.863  -1.880  -0.365  1.00 5.77  ? 194 ASP A C   1 
ATOM   990  O O   . ASP A 1 142 ? -4.934  -1.134  -0.705  1.00 7.25  ? 194 ASP A O   1 
ATOM   991  C CB  . ASP A 1 142 ? -7.956  -0.485  -0.832  1.00 5.58  ? 194 ASP A CB  1 
ATOM   992  C CG  . ASP A 1 142 ? -8.992  -0.119  -1.894  1.00 9.51  ? 194 ASP A CG  1 
ATOM   993  O OD1 . ASP A 1 142 ? -8.895  -0.455  -3.123  1.00 6.88  ? 194 ASP A OD1 1 
ATOM   994  O OD2 . ASP A 1 142 ? -9.975  0.550   -1.525  1.00 9.75  ? 194 ASP A OD2 1 
ATOM   995  N N   . SER A 1 143 ? -5.873  -2.717  0.630   1.00 5.07  ? 195 SER A N   1 
ATOM   996  C CA  . SER A 1 143 ? -4.683  -2.859  1.521   1.00 5.81  ? 195 SER A CA  1 
ATOM   997  C C   . SER A 1 143 ? -3.442  -3.116  0.692   1.00 3.67  ? 195 SER A C   1 
ATOM   998  O O   . SER A 1 143 ? -3.480  -3.848  -0.319  1.00 4.61  ? 195 SER A O   1 
ATOM   999  C CB  . SER A 1 143 ? -4.819  -4.081  2.423   1.00 7.68  ? 195 SER A CB  1 
ATOM   1000 O OG  . SER A 1 143 ? -5.930  -3.839  3.306   1.00 9.59  ? 195 SER A OG  1 
ATOM   1001 N N   . GLY A 1 144 ? -2.358  -2.531  1.136   1.00 3.35  ? 196 GLY A N   1 
ATOM   1002 C CA  . GLY A 1 144 ? -1.074  -2.589  0.521   1.00 2.41  ? 196 GLY A CA  1 
ATOM   1003 C C   . GLY A 1 144 ? -0.903  -1.532  -0.571  1.00 4.41  ? 196 GLY A C   1 
ATOM   1004 O O   . GLY A 1 144 ? 0.290   -1.372  -0.975  1.00 6.39  ? 196 GLY A O   1 
ATOM   1005 N N   . GLY A 1 145 ? -1.958  -0.941  -1.064  1.00 3.29  ? 197 GLY A N   1 
ATOM   1006 C CA  . GLY A 1 145 ? -1.807  -0.006  -2.169  1.00 3.62  ? 197 GLY A CA  1 
ATOM   1007 C C   . GLY A 1 145 ? -1.145  1.320   -1.772  1.00 6.45  ? 197 GLY A C   1 
ATOM   1008 O O   . GLY A 1 145 ? -1.018  1.725   -0.594  1.00 5.68  ? 197 GLY A O   1 
ATOM   1009 N N   . SER A 1 146 ? -0.802  1.981   -2.874  1.00 5.93  ? 198 SER A N   1 
ATOM   1010 C CA  . SER A 1 146 ? -0.067  3.259   -2.696  1.00 5.80  ? 198 SER A CA  1 
ATOM   1011 C C   . SER A 1 146 ? -0.825  4.405   -2.104  1.00 6.57  ? 198 SER A C   1 
ATOM   1012 O O   . SER A 1 146 ? -1.982  4.686   -2.492  1.00 8.28  ? 198 SER A O   1 
ATOM   1013 C CB  . SER A 1 146 ? 0.347   3.696   -4.139  1.00 5.16  ? 198 SER A CB  1 
ATOM   1014 O OG  . SER A 1 146 ? 0.497   2.596   -5.028  1.00 4.14  ? 198 SER A OG  1 
ATOM   1015 N N   . TRP A 1 147 ? -0.097  5.190   -1.324  1.00 6.88  ? 199 TRP A N   1 
ATOM   1016 C CA  . TRP A 1 147 ? -0.596  6.515   -0.798  1.00 6.52  ? 199 TRP A CA  1 
ATOM   1017 C C   . TRP A 1 147 ? 0.450   7.499   -1.402  1.00 5.72  ? 199 TRP A C   1 
ATOM   1018 O O   . TRP A 1 147 ? 1.675   7.255   -1.174  1.00 5.10  ? 199 TRP A O   1 
ATOM   1019 C CB  . TRP A 1 147 ? -0.731  6.581   0.680   1.00 8.42  ? 199 TRP A CB  1 
ATOM   1020 C CG  . TRP A 1 147 ? -2.004  5.996   1.222   1.00 6.98  ? 199 TRP A CG  1 
ATOM   1021 C CD1 . TRP A 1 147 ? -2.284  4.667   1.346   1.00 8.19  ? 199 TRP A CD1 1 
ATOM   1022 C CD2 . TRP A 1 147 ? -3.080  6.705   1.798   1.00 7.49  ? 199 TRP A CD2 1 
ATOM   1023 N NE1 . TRP A 1 147 ? -3.515  4.495   1.955   1.00 7.09  ? 199 TRP A NE1 1 
ATOM   1024 C CE2 . TRP A 1 147 ? -4.016  5.735   2.234   1.00 7.60  ? 199 TRP A CE2 1 
ATOM   1025 C CE3 . TRP A 1 147 ? -3.371  8.054   1.985   1.00 8.80  ? 199 TRP A CE3 1 
ATOM   1026 C CZ2 . TRP A 1 147 ? -5.234  6.083   2.822   1.00 7.63  ? 199 TRP A CZ2 1 
ATOM   1027 C CZ3 . TRP A 1 147 ? -4.610  8.420   2.560   1.00 7.11  ? 199 TRP A CZ3 1 
ATOM   1028 C CH2 . TRP A 1 147 ? -5.500  7.450   2.992   1.00 5.69  ? 199 TRP A CH2 1 
ATOM   1029 N N   . ILE A 1 148 ? -0.006  8.447   -2.173  1.00 3.11  ? 200 ILE A N   1 
ATOM   1030 C CA  . ILE A 1 148 ? 0.947   9.335   -2.869  1.00 5.07  ? 200 ILE A CA  1 
ATOM   1031 C C   . ILE A 1 148 ? 0.413   10.756  -2.996  1.00 7.68  ? 200 ILE A C   1 
ATOM   1032 O O   . ILE A 1 148 ? -0.821  10.746  -2.986  1.00 6.79  ? 200 ILE A O   1 
ATOM   1033 C CB  . ILE A 1 148 ? 1.197   8.685   -4.261  1.00 4.66  ? 200 ILE A CB  1 
ATOM   1034 C CG1 . ILE A 1 148 ? 2.364   9.440   -4.968  1.00 8.44  ? 200 ILE A CG1 1 
ATOM   1035 C CG2 . ILE A 1 148 ? -0.075  8.630   -5.158  1.00 4.23  ? 200 ILE A CG2 1 
ATOM   1036 C CD1 . ILE A 1 148 ? 3.045   8.644   -6.134  1.00 7.69  ? 200 ILE A CD1 1 
ATOM   1037 N N   . THR A 1 149 ? 1.283   11.770  -3.125  1.00 7.43  ? 201 THR A N   1 
ATOM   1038 C CA  . THR A 1 149 ? 0.678   13.136  -3.295  1.00 8.20  ? 201 THR A CA  1 
ATOM   1039 C C   . THR A 1 149 ? 0.567   13.261  -4.796  1.00 10.59 ? 201 THR A C   1 
ATOM   1040 O O   . THR A 1 149 ? 1.214   12.470  -5.470  1.00 8.50  ? 201 THR A O   1 
ATOM   1041 C CB  . THR A 1 149 ? 1.561   14.256  -2.603  1.00 6.44  ? 201 THR A CB  1 
ATOM   1042 O OG1 . THR A 1 149 ? 2.785   14.139  -3.360  1.00 5.63  ? 201 THR A OG1 1 
ATOM   1043 C CG2 . THR A 1 149 ? 1.953   13.916  -1.122  1.00 6.68  ? 201 THR A CG2 1 
ATOM   1044 N N   . SER A 1 150 ? -0.233  14.188  -5.311  1.00 13.94 ? 202 SER A N   1 
ATOM   1045 C CA  . SER A 1 150 ? -0.385  14.411  -6.748  1.00 17.36 ? 202 SER A CA  1 
ATOM   1046 C C   . SER A 1 150 ? 0.971   14.868  -7.279  1.00 16.22 ? 202 SER A C   1 
ATOM   1047 O O   . SER A 1 150 ? 1.170   14.605  -8.468  1.00 19.59 ? 202 SER A O   1 
ATOM   1048 C CB  . SER A 1 150 ? -1.489  15.387  -7.037  1.00 21.41 ? 202 SER A CB  1 
ATOM   1049 O OG  . SER A 1 150 ? -0.980  16.589  -6.417  1.00 28.47 ? 202 SER A OG  1 
ATOM   1050 N N   . ALA A 1 151 ? 1.824   15.392  -6.424  1.00 14.59 ? 203 ALA A N   1 
ATOM   1051 C CA  . ALA A 1 151 ? 3.175   15.737  -6.906  1.00 13.90 ? 203 ALA A CA  1 
ATOM   1052 C C   . ALA A 1 151 ? 4.064   14.505  -6.975  1.00 13.00 ? 203 ALA A C   1 
ATOM   1053 O O   . ALA A 1 151 ? 5.254   14.763  -7.201  1.00 14.56 ? 203 ALA A O   1 
ATOM   1054 C CB  . ALA A 1 151 ? 3.934   16.757  -6.049  1.00 15.24 ? 203 ALA A CB  1 
ATOM   1055 N N   . GLY A 1 152 ? 3.604   13.287  -6.720  1.00 9.32  ? 207 GLY A N   1 
ATOM   1056 C CA  . GLY A 1 152 ? 4.498   12.161  -6.807  1.00 6.80  ? 207 GLY A CA  1 
ATOM   1057 C C   . GLY A 1 152 ? 5.373   11.754  -5.638  1.00 5.90  ? 207 GLY A C   1 
ATOM   1058 O O   . GLY A 1 152 ? 6.279   10.908  -5.858  1.00 7.49  ? 207 GLY A O   1 
ATOM   1059 N N   . GLN A 1 153 ? 5.070   12.319  -4.497  1.00 4.27  ? 208 GLN A N   1 
ATOM   1060 C CA  . GLN A 1 153 ? 5.847   11.913  -3.294  1.00 6.93  ? 208 GLN A CA  1 
ATOM   1061 C C   . GLN A 1 153 ? 5.059   10.754  -2.645  1.00 6.91  ? 208 GLN A C   1 
ATOM   1062 O O   . GLN A 1 153 ? 3.949   10.955  -2.176  1.00 5.79  ? 208 GLN A O   1 
ATOM   1063 C CB  . GLN A 1 153 ? 6.063   13.082  -2.363  1.00 7.20  ? 208 GLN A CB  1 
ATOM   1064 C CG  . GLN A 1 153 ? 6.800   14.255  -3.014  1.00 7.87  ? 208 GLN A CG  1 
ATOM   1065 C CD  . GLN A 1 153 ? 8.200   13.843  -3.429  1.00 10.84 ? 208 GLN A CD  1 
ATOM   1066 O OE1 . GLN A 1 153 ? 8.859   13.151  -2.664  1.00 9.97  ? 208 GLN A OE1 1 
ATOM   1067 N NE2 . GLN A 1 153 ? 8.517   14.364  -4.646  1.00 10.31 ? 208 GLN A NE2 1 
ATOM   1068 N N   . ALA A 1 154 ? 5.702   9.581   -2.676  1.00 6.67  ? 209 ALA A N   1 
ATOM   1069 C CA  . ALA A 1 154 ? 5.143   8.338   -2.097  1.00 6.64  ? 209 ALA A CA  1 
ATOM   1070 C C   . ALA A 1 154 ? 5.155   8.433   -0.575  1.00 8.22  ? 209 ALA A C   1 
ATOM   1071 O O   . ALA A 1 154 ? 6.209   8.686   0.081   1.00 10.00 ? 209 ALA A O   1 
ATOM   1072 C CB  . ALA A 1 154 ? 6.141   7.276   -2.579  1.00 5.45  ? 209 ALA A CB  1 
ATOM   1073 N N   . GLN A 1 155 ? 4.001   8.288   0.053   1.00 7.53  ? 210 GLN A N   1 
ATOM   1074 C CA  . GLN A 1 155 ? 3.815   8.405   1.516   1.00 6.77  ? 210 GLN A CA  1 
ATOM   1075 C C   . GLN A 1 155 ? 3.767   7.067   2.281   1.00 7.94  ? 210 GLN A C   1 
ATOM   1076 O O   . GLN A 1 155 ? 4.265   7.081   3.417   1.00 4.89  ? 210 GLN A O   1 
ATOM   1077 C CB  . GLN A 1 155 ? 2.410   9.001   1.775   1.00 5.30  ? 210 GLN A CB  1 
ATOM   1078 C CG  . GLN A 1 155 ? 2.357   10.367  1.153   1.00 7.80  ? 210 GLN A CG  1 
ATOM   1079 C CD  . GLN A 1 155 ? 3.460   11.280  1.656   1.00 9.08  ? 210 GLN A CD  1 
ATOM   1080 O OE1 . GLN A 1 155 ? 3.534   11.562  2.830   1.00 9.33  ? 210 GLN A OE1 1 
ATOM   1081 N NE2 . GLN A 1 155 ? 4.326   11.765  0.743   1.00 9.28  ? 210 GLN A NE2 1 
ATOM   1082 N N   . GLY A 1 156 ? 3.174   6.039   1.631   1.00 7.04  ? 211 GLY A N   1 
ATOM   1083 C CA  . GLY A 1 156 ? 3.131   4.760   2.385   1.00 7.27  ? 211 GLY A CA  1 
ATOM   1084 C C   . GLY A 1 156 ? 2.185   3.742   1.699   1.00 6.61  ? 211 GLY A C   1 
ATOM   1085 O O   . GLY A 1 156 ? 1.842   3.949   0.508   1.00 7.33  ? 211 GLY A O   1 
ATOM   1086 N N   . VAL A 1 157 ? 1.923   2.684   2.453   1.00 4.10  ? 212 VAL A N   1 
ATOM   1087 C CA  . VAL A 1 157 ? 1.061   1.600   1.884   1.00 3.51  ? 212 VAL A CA  1 
ATOM   1088 C C   . VAL A 1 157 ? -0.110  1.443   2.835   1.00 4.30  ? 212 VAL A C   1 
ATOM   1089 O O   . VAL A 1 157 ? 0.024   1.456   4.081   1.00 4.66  ? 212 VAL A O   1 
ATOM   1090 C CB  . VAL A 1 157 ? 1.878   0.308   1.802   1.00 5.73  ? 212 VAL A CB  1 
ATOM   1091 C CG1 . VAL A 1 157 ? 2.938   0.305   0.715   1.00 4.47  ? 212 VAL A CG1 1 
ATOM   1092 C CG2 . VAL A 1 157 ? 2.394   -0.153  3.184   1.00 3.80  ? 212 VAL A CG2 1 
ATOM   1093 N N   . ALA A 1 158 ? -1.287  1.298   2.221   1.00 6.60  ? 213 ALA A N   1 
ATOM   1094 C CA  . ALA A 1 158 ? -2.556  1.135   2.955   1.00 5.39  ? 213 ALA A CA  1 
ATOM   1095 C C   . ALA A 1 158 ? -2.568  -0.050  3.924   1.00 6.01  ? 213 ALA A C   1 
ATOM   1096 O O   . ALA A 1 158 ? -2.204  -1.197  3.580   1.00 5.44  ? 213 ALA A O   1 
ATOM   1097 C CB  . ALA A 1 158 ? -3.683  0.871   1.920   1.00 5.65  ? 213 ALA A CB  1 
ATOM   1098 N N   . SER A 1 159 ? -3.049  0.229   5.147   1.00 5.73  ? 214 SER A N   1 
ATOM   1099 C CA  . SER A 1 159 ? -3.115  -0.831  6.164   1.00 6.30  ? 214 SER A CA  1 
ATOM   1100 C C   . SER A 1 159 ? -4.588  -1.161  6.483   1.00 4.36  ? 214 SER A C   1 
ATOM   1101 O O   . SER A 1 159 ? -4.844  -2.355  6.413   1.00 6.54  ? 214 SER A O   1 
ATOM   1102 C CB  . SER A 1 159 ? -2.520  -0.356  7.520   1.00 6.61  ? 214 SER A CB  1 
ATOM   1103 O OG  . SER A 1 159 ? -2.638  -1.490  8.443   1.00 7.08  ? 214 SER A OG  1 
ATOM   1104 N N   . GLY A 1 160 ? -5.389  -0.178  6.819   1.00 5.35  ? 215 GLY A N   1 
ATOM   1105 C CA  . GLY A 1 160 ? -6.784  -0.570  7.243   1.00 4.33  ? 215 GLY A CA  1 
ATOM   1106 C C   . GLY A 1 160 ? -7.590  0.686   7.513   1.00 6.05  ? 215 GLY A C   1 
ATOM   1107 O O   . GLY A 1 160 ? -7.102  1.771   7.199   1.00 6.56  ? 215 GLY A O   1 
ATOM   1108 N N   . GLY A 1 161 ? -8.797  0.526   8.003   1.00 6.12  ? 216 GLY A N   1 
ATOM   1109 C CA  . GLY A 1 161 ? -9.716  1.610   8.290   1.00 11.09 ? 216 GLY A CA  1 
ATOM   1110 C C   . GLY A 1 161 ? -11.090 1.163   8.819   1.00 8.98  ? 216 GLY A C   1 
ATOM   1111 O O   . GLY A 1 161 ? -11.226 -0.056  8.964   1.00 11.50 ? 216 GLY A O   1 
ATOM   1112 N N   . ASN A 1 162 ? -11.920 2.145   9.067   1.00 8.13  ? 217 ASN A N   1 
ATOM   1113 C CA  . ASN A 1 162 ? -13.283 1.857   9.614   1.00 9.79  ? 217 ASN A CA  1 
ATOM   1114 C C   . ASN A 1 162 ? -14.299 1.643   8.490   1.00 11.03 ? 217 ASN A C   1 
ATOM   1115 O O   . ASN A 1 162 ? -15.145 2.459   8.061   1.00 13.57 ? 217 ASN A O   1 
ATOM   1116 C CB  . ASN A 1 162 ? -13.572 3.065   10.518  1.00 10.10 ? 217 ASN A CB  1 
ATOM   1117 C CG  . ASN A 1 162 ? -13.778 4.393   9.795   1.00 12.95 ? 217 ASN A CG  1 
ATOM   1118 O OD1 . ASN A 1 162 ? -13.251 4.765   8.719   1.00 11.16 ? 217 ASN A OD1 1 
ATOM   1119 N ND2 . ASN A 1 162 ? -14.695 5.205   10.413  1.00 11.50 ? 217 ASN A ND2 1 
ATOM   1120 N N   . VAL A 1 163 A -14.214 0.485   7.938   1.00 12.71 ? 217 VAL A N   1 
ATOM   1121 C CA  . VAL A 1 163 A -15.048 0.002   6.812   1.00 17.03 ? 217 VAL A CA  1 
ATOM   1122 C C   . VAL A 1 163 A -16.459 -0.152  7.344   1.00 15.94 ? 217 VAL A C   1 
ATOM   1123 O O   . VAL A 1 163 A -16.528 -0.579  8.510   1.00 14.48 ? 217 VAL A O   1 
ATOM   1124 C CB  . VAL A 1 163 A -14.316 -1.332  6.510   1.00 18.60 ? 217 VAL A CB  1 
ATOM   1125 C CG1 . VAL A 1 163 A -14.740 -2.596  7.181   1.00 20.45 ? 217 VAL A CG1 1 
ATOM   1126 C CG2 . VAL A 1 163 A -14.185 -1.528  5.027   1.00 23.44 ? 217 VAL A CG2 1 
ATOM   1127 N N   . GLN A 1 164 B -17.473 0.061   6.570   1.00 14.49 ? 217 GLN A N   1 
ATOM   1128 C CA  . GLN A 1 164 B -18.877 -0.168  6.980   1.00 13.88 ? 217 GLN A CA  1 
ATOM   1129 C C   . GLN A 1 164 B -19.255 -1.547  6.408   1.00 13.21 ? 217 GLN A C   1 
ATOM   1130 O O   . GLN A 1 164 B -18.489 -2.373  5.888   1.00 10.45 ? 217 GLN A O   1 
ATOM   1131 C CB  . GLN A 1 164 B -19.688 1.010   6.432   1.00 15.73 ? 217 GLN A CB  1 
ATOM   1132 C CG  . GLN A 1 164 B -18.930 2.299   6.789   1.00 19.30 ? 217 GLN A CG  1 
ATOM   1133 C CD  . GLN A 1 164 B -18.921 2.449   8.314   1.00 23.39 ? 217 GLN A CD  1 
ATOM   1134 O OE1 . GLN A 1 164 B -20.062 2.489   8.839   1.00 27.16 ? 217 GLN A OE1 1 
ATOM   1135 N NE2 . GLN A 1 164 B -17.854 2.526   9.139   1.00 22.12 ? 217 GLN A NE2 1 
ATOM   1136 N N   . SER A 1 165 C -20.539 -1.864  6.445   1.00 13.35 ? 217 SER A N   1 
ATOM   1137 C CA  . SER A 1 165 C -21.088 -3.156  5.949   1.00 15.87 ? 217 SER A CA  1 
ATOM   1138 C C   . SER A 1 165 C -20.966 -3.288  4.434   1.00 13.04 ? 217 SER A C   1 
ATOM   1139 O O   . SER A 1 165 C -20.948 -4.451  3.961   1.00 15.56 ? 217 SER A O   1 
ATOM   1140 C CB  . SER A 1 165 C -22.473 -3.381  6.570   1.00 17.92 ? 217 SER A CB  1 
ATOM   1141 O OG  . SER A 1 165 C -23.317 -2.263  6.205   1.00 21.84 ? 217 SER A OG  1 
ATOM   1142 N N   . ASN A 1 166 D -20.824 -2.239  3.664   1.00 11.12 ? 217 ASN A N   1 
ATOM   1143 C CA  . ASN A 1 166 D -20.649 -2.347  2.221   1.00 9.05  ? 217 ASN A CA  1 
ATOM   1144 C C   . ASN A 1 166 D -19.165 -2.646  1.908   1.00 9.24  ? 217 ASN A C   1 
ATOM   1145 O O   . ASN A 1 166 D -18.864 -2.706  0.694   1.00 8.77  ? 217 ASN A O   1 
ATOM   1146 C CB  . ASN A 1 166 D -21.199 -1.089  1.538   1.00 9.82  ? 217 ASN A CB  1 
ATOM   1147 C CG  . ASN A 1 166 D -20.299 0.107   1.865   1.00 11.28 ? 217 ASN A CG  1 
ATOM   1148 O OD1 . ASN A 1 166 D -19.464 0.123   2.800   1.00 9.76  ? 217 ASN A OD1 1 
ATOM   1149 N ND2 . ASN A 1 166 D -20.486 1.189   1.108   1.00 10.98 ? 217 ASN A ND2 1 
ATOM   1150 N N   . GLY A 1 167 E -18.281 -2.844  2.875   1.00 7.17  ? 217 GLY A N   1 
ATOM   1151 C CA  . GLY A 1 167 E -16.871 -3.183  2.526   1.00 6.12  ? 217 GLY A CA  1 
ATOM   1152 C C   . GLY A 1 167 E -15.984 -1.953  2.294   1.00 8.12  ? 217 GLY A C   1 
ATOM   1153 O O   . GLY A 1 167 E -14.786 -2.191  1.936   1.00 8.50  ? 217 GLY A O   1 
ATOM   1154 N N   . ASN A 1 168 ? -16.504 -0.744  2.499   1.00 7.12  ? 218 ASN A N   1 
ATOM   1155 C CA  . ASN A 1 168 ? -15.609 0.428   2.363   1.00 5.97  ? 218 ASN A CA  1 
ATOM   1156 C C   . ASN A 1 168 ? -16.068 1.487   3.349   1.00 7.69  ? 218 ASN A C   1 
ATOM   1157 O O   . ASN A 1 168 ? -17.063 1.336   4.053   1.00 8.19  ? 218 ASN A O   1 
ATOM   1158 C CB  . ASN A 1 168 ? -15.497 0.858   0.887   1.00 5.67  ? 218 ASN A CB  1 
ATOM   1159 C CG  . ASN A 1 168 ? -16.816 1.254   0.314   1.00 6.40  ? 218 ASN A CG  1 
ATOM   1160 O OD1 . ASN A 1 168 ? -17.332 2.279   0.819   1.00 8.38  ? 218 ASN A OD1 1 
ATOM   1161 N ND2 . ASN A 1 168 ? -17.499 0.615   -0.652  1.00 5.46  ? 218 ASN A ND2 1 
ATOM   1162 N N   . ASN A 1 169 ? -15.398 2.645   3.363   1.00 7.95  ? 219 ASN A N   1 
ATOM   1163 C CA  . ASN A 1 169 ? -15.779 3.819   4.172   1.00 8.58  ? 219 ASN A CA  1 
ATOM   1164 C C   . ASN A 1 169 ? -16.108 4.931   3.122   1.00 8.77  ? 219 ASN A C   1 
ATOM   1165 O O   . ASN A 1 169 ? -16.063 6.083   3.529   1.00 8.05  ? 219 ASN A O   1 
ATOM   1166 C CB  . ASN A 1 169 ? -14.802 4.223   5.262   1.00 5.98  ? 219 ASN A CB  1 
ATOM   1167 C CG  . ASN A 1 169 ? -13.389 4.545   4.830   1.00 7.31  ? 219 ASN A CG  1 
ATOM   1168 O OD1 . ASN A 1 169 ? -13.064 4.780   3.618   1.00 7.43  ? 219 ASN A OD1 1 
ATOM   1169 N ND2 . ASN A 1 169 ? -12.420 4.577   5.767   1.00 6.18  ? 219 ASN A ND2 1 
ATOM   1170 N N   . CYS A 1 170 ? -16.405 4.582   1.884   1.00 9.63  ? 220 CYS A N   1 
ATOM   1171 C CA  . CYS A 1 170 ? -16.734 5.644   0.909   1.00 11.21 ? 220 CYS A CA  1 
ATOM   1172 C C   . CYS A 1 170 ? -18.182 6.101   1.134   1.00 13.81 ? 220 CYS A C   1 
ATOM   1173 O O   . CYS A 1 170 ? -18.386 7.234   0.652   1.00 15.44 ? 220 CYS A O   1 
ATOM   1174 C CB  . CYS A 1 170 ? -16.604 5.235   -0.567  1.00 9.73  ? 220 CYS A CB  1 
ATOM   1175 S SG  . CYS A 1 170 ? -14.877 4.632   -0.886  1.00 11.39 ? 220 CYS A SG  1 
ATOM   1176 N N   . GLY A 1 171 ? -19.108 5.425   1.767   1.00 14.78 ? 221 GLY A N   1 
ATOM   1177 C CA  . GLY A 1 171 ? -20.465 5.965   1.891   1.00 14.58 ? 221 GLY A CA  1 
ATOM   1178 C C   . GLY A 1 171 ? -20.672 6.800   3.132   1.00 18.75 ? 221 GLY A C   1 
ATOM   1179 O O   . GLY A 1 171 ? -21.855 7.070   3.462   1.00 22.41 ? 221 GLY A O   1 
ATOM   1180 N N   . ILE A 1 172 A -19.664 7.221   3.879   1.00 18.27 ? 221 ILE A N   1 
ATOM   1181 C CA  . ILE A 1 172 A -19.719 8.029   5.056   1.00 16.97 ? 221 ILE A CA  1 
ATOM   1182 C C   . ILE A 1 172 A -18.876 9.271   4.766   1.00 18.62 ? 221 ILE A C   1 
ATOM   1183 O O   . ILE A 1 172 A -18.019 9.191   3.905   1.00 18.12 ? 221 ILE A O   1 
ATOM   1184 C CB  . ILE A 1 172 A -19.310 7.437   6.396   1.00 17.23 ? 221 ILE A CB  1 
ATOM   1185 C CG1 . ILE A 1 172 A -17.843 7.018   6.304   1.00 17.41 ? 221 ILE A CG1 1 
ATOM   1186 C CG2 . ILE A 1 172 A -20.287 6.241   6.635   1.00 18.33 ? 221 ILE A CG2 1 
ATOM   1187 C CD1 . ILE A 1 172 A -17.261 6.766   7.728   1.00 16.30 ? 221 ILE A CD1 1 
ATOM   1188 N N   . PRO A 1 173 B -19.215 10.333  5.496   1.00 19.31 ? 221 PRO A N   1 
ATOM   1189 C CA  . PRO A 1 173 B -18.592 11.622  5.260   1.00 18.30 ? 221 PRO A CA  1 
ATOM   1190 C C   . PRO A 1 173 B -17.111 11.559  5.592   1.00 16.47 ? 221 PRO A C   1 
ATOM   1191 O O   . PRO A 1 173 B -16.801 10.875  6.559   1.00 14.94 ? 221 PRO A O   1 
ATOM   1192 C CB  . PRO A 1 173 B -19.330 12.576  6.184   1.00 19.50 ? 221 PRO A CB  1 
ATOM   1193 C CG  . PRO A 1 173 B -20.443 11.792  6.832   1.00 20.70 ? 221 PRO A CG  1 
ATOM   1194 C CD  . PRO A 1 173 B -20.237 10.357  6.534   1.00 19.09 ? 221 PRO A CD  1 
ATOM   1195 N N   . ALA A 1 174 C -16.384 12.336  4.809   1.00 14.98 ? 221 ALA A N   1 
ATOM   1196 C CA  . ALA A 1 174 C -14.930 12.377  4.964   1.00 14.49 ? 221 ALA A CA  1 
ATOM   1197 C C   . ALA A 1 174 C -14.587 12.677  6.412   1.00 14.58 ? 221 ALA A C   1 
ATOM   1198 O O   . ALA A 1 174 C -13.565 12.193  6.893   1.00 14.77 ? 221 ALA A O   1 
ATOM   1199 C CB  . ALA A 1 174 C -14.290 13.434  4.105   1.00 12.97 ? 221 ALA A CB  1 
ATOM   1200 N N   . SER A 1 175 ? -15.379 13.512  7.002   1.00 15.97 ? 222 SER A N   1 
ATOM   1201 C CA  . SER A 1 175 ? -15.106 13.893  8.403   1.00 19.00 ? 222 SER A CA  1 
ATOM   1202 C C   . SER A 1 175 ? -15.153 12.675  9.319   1.00 18.86 ? 222 SER A C   1 
ATOM   1203 O O   . SER A 1 175 ? -14.529 12.803  10.399  1.00 21.45 ? 222 SER A O   1 
ATOM   1204 C CB  . SER A 1 175 ? -16.027 15.003  8.889   1.00 20.72 ? 222 SER A CB  1 
ATOM   1205 O OG  . SER A 1 175 ? -17.385 14.558  8.994   1.00 23.78 ? 222 SER A OG  1 
ATOM   1206 N N   . GLN A 1 176 ? -15.819 11.618  8.926   1.00 18.38 ? 223 GLN A N   1 
ATOM   1207 C CA  . GLN A 1 176 ? -15.926 10.437  9.774   1.00 18.27 ? 223 GLN A CA  1 
ATOM   1208 C C   . GLN A 1 176 ? -15.066 9.291   9.354   1.00 16.60 ? 223 GLN A C   1 
ATOM   1209 O O   . GLN A 1 176 ? -15.231 8.252   9.993   1.00 16.52 ? 223 GLN A O   1 
ATOM   1210 C CB  . GLN A 1 176 ? -17.356 9.912   9.696   1.00 22.79 ? 223 GLN A CB  1 
ATOM   1211 C CG  . GLN A 1 176 ? -18.286 10.868  10.466  1.00 30.52 ? 223 GLN A CG  1 
ATOM   1212 C CD  . GLN A 1 176 ? -19.709 10.430  10.115  1.00 35.80 ? 223 GLN A CD  1 
ATOM   1213 O OE1 . GLN A 1 176 ? -20.006 9.235   9.899   1.00 39.45 ? 223 GLN A OE1 1 
ATOM   1214 N NE2 . GLN A 1 176 ? -20.654 11.377  10.013  1.00 37.97 ? 223 GLN A NE2 1 
ATOM   1215 N N   . ARG A 1 177 ? -14.224 9.455   8.357   1.00 14.13 ? 224 ARG A N   1 
ATOM   1216 C CA  . ARG A 1 177 ? -13.417 8.282   7.889   1.00 11.03 ? 224 ARG A CA  1 
ATOM   1217 C C   . ARG A 1 177 ? -12.090 8.088   8.545   1.00 11.03 ? 224 ARG A C   1 
ATOM   1218 O O   . ARG A 1 177 ? -11.576 9.215   8.761   1.00 13.76 ? 224 ARG A O   1 
ATOM   1219 C CB  . ARG A 1 177 ? -13.021 8.528   6.416   1.00 8.09  ? 224 ARG A CB  1 
ATOM   1220 C CG  . ARG A 1 177 ? -14.309 8.552   5.620   1.00 7.88  ? 224 ARG A CG  1 
ATOM   1221 C CD  . ARG A 1 177 ? -13.841 8.687   4.168   1.00 8.96  ? 224 ARG A CD  1 
ATOM   1222 N NE  . ARG A 1 177 ? -15.057 9.015   3.475   1.00 7.37  ? 224 ARG A NE  1 
ATOM   1223 C CZ  . ARG A 1 177 ? -15.050 9.782   2.434   1.00 11.42 ? 224 ARG A CZ  1 
ATOM   1224 N NH1 . ARG A 1 177 ? -13.924 10.388  2.080   1.00 12.47 ? 224 ARG A NH1 1 
ATOM   1225 N NH2 . ARG A 1 177 ? -16.147 9.971   1.696   1.00 11.61 ? 224 ARG A NH2 1 
ATOM   1226 N N   . SER A 1 178 ? -11.608 6.922   8.756   1.00 11.21 ? 225 SER A N   1 
ATOM   1227 C CA  . SER A 1 178 ? -10.261 6.786   9.330   1.00 12.22 ? 225 SER A CA  1 
ATOM   1228 C C   . SER A 1 178 ? -9.660  5.762   8.371   1.00 11.21 ? 225 SER A C   1 
ATOM   1229 O O   . SER A 1 178 ? -10.153 4.590   8.458   1.00 12.22 ? 225 SER A O   1 
ATOM   1230 C CB  . SER A 1 178 ? -10.292 6.274   10.744  1.00 13.98 ? 225 SER A CB  1 
ATOM   1231 O OG  . SER A 1 178 ? -8.936  5.910   11.038  1.00 17.04 ? 225 SER A OG  1 
ATOM   1232 N N   . SER A 1 179 ? -8.780  6.211   7.505   1.00 7.04  ? 226 SER A N   1 
ATOM   1233 C CA  . SER A 1 179 ? -8.175  5.312   6.531   1.00 7.39  ? 226 SER A CA  1 
ATOM   1234 C C   . SER A 1 179 ? -6.709  5.308   6.957   1.00 8.61  ? 226 SER A C   1 
ATOM   1235 O O   . SER A 1 179 ? -6.220  6.454   6.896   1.00 12.01 ? 226 SER A O   1 
ATOM   1236 C CB  . SER A 1 179 ? -8.359  5.707   5.087   1.00 6.74  ? 226 SER A CB  1 
ATOM   1237 O OG  . SER A 1 179 ? -9.739  5.636   4.732   1.00 6.40  ? 226 SER A OG  1 
ATOM   1238 N N   . LEU A 1 180 ? -6.091  4.189   7.299   1.00 7.75  ? 227 LEU A N   1 
ATOM   1239 C CA  . LEU A 1 180 ? -4.696  4.228   7.758   1.00 7.01  ? 227 LEU A CA  1 
ATOM   1240 C C   . LEU A 1 180 ? -3.662  3.615   6.819   1.00 6.73  ? 227 LEU A C   1 
ATOM   1241 O O   . LEU A 1 180 ? -3.898  2.599   6.139   1.00 4.83  ? 227 LEU A O   1 
ATOM   1242 C CB  . LEU A 1 180 ? -4.738  3.378   9.055   1.00 8.11  ? 227 LEU A CB  1 
ATOM   1243 C CG  . LEU A 1 180 ? -5.791  3.872   10.086  1.00 10.73 ? 227 LEU A CG  1 
ATOM   1244 C CD1 . LEU A 1 180 ? -5.928  2.837   11.234  1.00 10.64 ? 227 LEU A CD1 1 
ATOM   1245 C CD2 . LEU A 1 180 ? -5.452  5.247   10.684  1.00 8.94  ? 227 LEU A CD2 1 
ATOM   1246 N N   . PHE A 1 181 ? -2.476  4.225   6.835   1.00 6.13  ? 228 PHE A N   1 
ATOM   1247 C CA  . PHE A 1 181 ? -1.335  3.763   6.037   1.00 5.38  ? 228 PHE A CA  1 
ATOM   1248 C C   . PHE A 1 181 ? -0.053  3.674   6.893   1.00 6.34  ? 228 PHE A C   1 
ATOM   1249 O O   . PHE A 1 181 ? 0.075   4.466   7.863   1.00 7.21  ? 228 PHE A O   1 
ATOM   1250 C CB  . PHE A 1 181 ? -1.101  4.562   4.788   1.00 4.98  ? 228 PHE A CB  1 
ATOM   1251 C CG  . PHE A 1 181 ? -0.693  6.015   4.858   1.00 5.93  ? 228 PHE A CG  1 
ATOM   1252 C CD1 . PHE A 1 181 ? 0.659   6.306   4.982   1.00 6.03  ? 228 PHE A CD1 1 
ATOM   1253 C CD2 . PHE A 1 181 ? -1.629  7.028   4.750   1.00 4.24  ? 228 PHE A CD2 1 
ATOM   1254 C CE1 . PHE A 1 181 ? 1.038   7.663   5.004   1.00 8.15  ? 228 PHE A CE1 1 
ATOM   1255 C CE2 . PHE A 1 181 ? -1.253  8.353   4.779   1.00 5.68  ? 228 PHE A CE2 1 
ATOM   1256 C CZ  . PHE A 1 181 ? 0.088   8.717   4.879   1.00 5.70  ? 228 PHE A CZ  1 
ATOM   1257 N N   . GLU A 1 182 ? 0.805   2.761   6.451   1.00 4.90  ? 229 GLU A N   1 
ATOM   1258 C CA  . GLU A 1 182 ? 2.122   2.552   7.106   1.00 5.83  ? 229 GLU A CA  1 
ATOM   1259 C C   . GLU A 1 182 ? 3.068   3.467   6.309   1.00 4.86  ? 229 GLU A C   1 
ATOM   1260 O O   . GLU A 1 182 ? 3.032   3.396   5.052   1.00 5.92  ? 229 GLU A O   1 
ATOM   1261 C CB  . GLU A 1 182 ? 2.550   1.101   6.798   1.00 4.67  ? 229 GLU A CB  1 
ATOM   1262 C CG  . GLU A 1 182 ? 3.907   0.580   7.219   1.00 6.06  ? 229 GLU A CG  1 
ATOM   1263 C CD  . GLU A 1 182 ? 4.103   0.360   8.704   1.00 8.19  ? 229 GLU A CD  1 
ATOM   1264 O OE1 . GLU A 1 182 ? 3.658   1.167   9.523   1.00 7.99  ? 229 GLU A OE1 1 
ATOM   1265 O OE2 . GLU A 1 182 ? 4.743   -0.700  9.043   1.00 9.32  ? 229 GLU A OE2 1 
ATOM   1266 N N   . ARG A 1 183 ? 3.844   4.235   7.011   1.00 4.69  ? 230 ARG A N   1 
ATOM   1267 C CA  . ARG A 1 183 ? 4.798   5.177   6.417   1.00 6.14  ? 230 ARG A CA  1 
ATOM   1268 C C   . ARG A 1 183 ? 5.796   4.438   5.532   1.00 6.50  ? 230 ARG A C   1 
ATOM   1269 O O   . ARG A 1 183 ? 6.131   3.338   5.976   1.00 6.31  ? 230 ARG A O   1 
ATOM   1270 C CB  . ARG A 1 183 ? 5.680   5.860   7.459   1.00 6.06  ? 230 ARG A CB  1 
ATOM   1271 C CG  . ARG A 1 183 ? 4.755   6.825   8.192   1.00 7.46  ? 230 ARG A CG  1 
ATOM   1272 C CD  . ARG A 1 183 ? 5.361   7.296   9.515   1.00 10.57 ? 230 ARG A CD  1 
ATOM   1273 N NE  . ARG A 1 183 ? 6.581   8.025   9.205   1.00 13.61 ? 230 ARG A NE  1 
ATOM   1274 C CZ  . ARG A 1 183 ? 7.709   7.515   9.725   1.00 17.37 ? 230 ARG A CZ  1 
ATOM   1275 N NH1 . ARG A 1 183 ? 7.859   6.488   10.579  1.00 16.75 ? 230 ARG A NH1 1 
ATOM   1276 N NH2 . ARG A 1 183 ? 8.806   8.109   9.239   1.00 18.31 ? 230 ARG A NH2 1 
ATOM   1277 N N   . LEU A 1 184 ? 6.150   4.982   4.382   1.00 5.80  ? 231 LEU A N   1 
ATOM   1278 C CA  . LEU A 1 184 ? 7.127   4.257   3.543   1.00 5.24  ? 231 LEU A CA  1 
ATOM   1279 C C   . LEU A 1 184 ? 8.561   4.298   4.037   1.00 5.30  ? 231 LEU A C   1 
ATOM   1280 O O   . LEU A 1 184 ? 9.310   3.342   3.819   1.00 5.82  ? 231 LEU A O   1 
ATOM   1281 C CB  . LEU A 1 184 ? 6.939   4.905   2.164   1.00 3.80  ? 231 LEU A CB  1 
ATOM   1282 C CG  . LEU A 1 184 ? 7.819   4.317   1.059   1.00 6.89  ? 231 LEU A CG  1 
ATOM   1283 C CD1 . LEU A 1 184 ? 7.665   2.795   0.921   1.00 6.41  ? 231 LEU A CD1 1 
ATOM   1284 C CD2 . LEU A 1 184 ? 7.555   5.026   -0.281  1.00 2.22  ? 231 LEU A CD2 1 
ATOM   1285 N N   . GLN A 1 185 ? 8.993   5.446   4.575   1.00 8.27  ? 232 GLN A N   1 
ATOM   1286 C CA  . GLN A 1 185 ? 10.399  5.597   5.001   1.00 9.96  ? 232 GLN A CA  1 
ATOM   1287 C C   . GLN A 1 185 ? 10.984  4.462   5.790   1.00 7.91  ? 232 GLN A C   1 
ATOM   1288 O O   . GLN A 1 185 ? 12.013  3.941   5.365   1.00 9.19  ? 232 GLN A O   1 
ATOM   1289 C CB  . GLN A 1 185 ? 10.757  6.947   5.603   1.00 13.02 ? 232 GLN A CB  1 
ATOM   1290 C CG  . GLN A 1 185 ? 10.826  7.973   4.455   1.00 22.74 ? 232 GLN A CG  1 
ATOM   1291 C CD  . GLN A 1 185 ? 10.834  9.406   4.970   1.00 27.62 ? 232 GLN A CD  1 
ATOM   1292 O OE1 . GLN A 1 185 ? 11.037  9.609   6.191   1.00 31.29 ? 232 GLN A OE1 1 
ATOM   1293 N NE2 . GLN A 1 185 ? 10.606  10.433  4.118   1.00 28.24 ? 232 GLN A NE2 1 
ATOM   1294 N N   . PRO A 1 186 ? 10.399  4.102   6.892   1.00 8.69  ? 233 PRO A N   1 
ATOM   1295 C CA  . PRO A 1 186 ? 10.917  2.988   7.728   1.00 7.83  ? 233 PRO A CA  1 
ATOM   1296 C C   . PRO A 1 186 ? 10.928  1.679   7.008   1.00 7.23  ? 233 PRO A C   1 
ATOM   1297 O O   . PRO A 1 186 ? 11.769  0.758   7.266   1.00 6.94  ? 233 PRO A O   1 
ATOM   1298 C CB  . PRO A 1 186 ? 10.042  3.124   8.972   1.00 8.39  ? 233 PRO A CB  1 
ATOM   1299 C CG  . PRO A 1 186 ? 8.742   3.673   8.507   1.00 10.57 ? 233 PRO A CG  1 
ATOM   1300 C CD  . PRO A 1 186 ? 9.181   4.733   7.454   1.00 9.09  ? 233 PRO A CD  1 
ATOM   1301 N N   . ILE A 1 187 ? 10.031  1.449   6.032   1.00 6.09  ? 234 ILE A N   1 
ATOM   1302 C CA  . ILE A 1 187 ? 10.051  0.179   5.283   1.00 5.32  ? 234 ILE A CA  1 
ATOM   1303 C C   . ILE A 1 187 ? 11.320  0.270   4.386   1.00 6.23  ? 234 ILE A C   1 
ATOM   1304 O O   . ILE A 1 187 ? 11.999  -0.793  4.325   1.00 7.83  ? 234 ILE A O   1 
ATOM   1305 C CB  . ILE A 1 187 ? 8.790   -0.048  4.297   1.00 6.33  ? 234 ILE A CB  1 
ATOM   1306 C CG1 . ILE A 1 187 ? 7.499   0.182   5.063   1.00 5.20  ? 234 ILE A CG1 1 
ATOM   1307 C CG2 . ILE A 1 187 ? 8.846   -1.424  3.509   1.00 4.17  ? 234 ILE A CG2 1 
ATOM   1308 C CD1 . ILE A 1 187 ? 6.175   0.034   4.210   1.00 6.02  ? 234 ILE A CD1 1 
ATOM   1309 N N   . LEU A 1 188 ? 11.578  1.395   3.682   1.00 3.75  ? 235 LEU A N   1 
ATOM   1310 C CA  . LEU A 1 188 ? 12.751  1.368   2.835   1.00 5.37  ? 235 LEU A CA  1 
ATOM   1311 C C   . LEU A 1 188 ? 14.043  1.151   3.639   1.00 6.01  ? 235 LEU A C   1 
ATOM   1312 O O   . LEU A 1 188 ? 14.937  0.464   3.106   1.00 7.60  ? 235 LEU A O   1 
ATOM   1313 C CB  . LEU A 1 188 ? 12.762  2.716   2.076   1.00 7.05  ? 235 LEU A CB  1 
ATOM   1314 C CG  . LEU A 1 188 ? 11.497  3.144   1.278   1.00 10.22 ? 235 LEU A CG  1 
ATOM   1315 C CD1 . LEU A 1 188 ? 11.650  4.578   0.739   1.00 8.18  ? 235 LEU A CD1 1 
ATOM   1316 C CD2 . LEU A 1 188 ? 11.407  2.186   0.092   1.00 10.07 ? 235 LEU A CD2 1 
ATOM   1317 N N   . SER A 1 189 A 14.139  1.772   4.816   1.00 5.04  ? 235 SER A N   1 
ATOM   1318 C CA  . SER A 1 189 A 15.421  1.607   5.524   1.00 6.11  ? 235 SER A CA  1 
ATOM   1319 C C   . SER A 1 189 A 15.493  0.233   6.161   1.00 7.93  ? 235 SER A C   1 
ATOM   1320 O O   . SER A 1 189 A 16.588  -0.361  6.101   1.00 9.80  ? 235 SER A O   1 
ATOM   1321 C CB  . SER A 1 189 A 15.688  2.778   6.381   1.00 8.80  ? 235 SER A CB  1 
ATOM   1322 O OG  . SER A 1 189 A 14.627  2.835   7.341   1.00 8.37  ? 235 SER A OG  1 
ATOM   1323 N N   . GLN A 1 190 ? 14.394  -0.251  6.674   1.00 7.40  ? 236 GLN A N   1 
ATOM   1324 C CA  . GLN A 1 190 ? 14.383  -1.585  7.278   1.00 8.61  ? 236 GLN A CA  1 
ATOM   1325 C C   . GLN A 1 190 ? 14.852  -2.659  6.277   1.00 10.06 ? 236 GLN A C   1 
ATOM   1326 O O   . GLN A 1 190 ? 15.697  -3.494  6.711   1.00 9.29  ? 236 GLN A O   1 
ATOM   1327 C CB  . GLN A 1 190 ? 13.004  -2.007  7.853   1.00 9.16  ? 236 GLN A CB  1 
ATOM   1328 C CG  . GLN A 1 190 ? 13.203  -3.361  8.549   1.00 11.50 ? 236 GLN A CG  1 
ATOM   1329 C CD  . GLN A 1 190 ? 11.953  -3.697  9.304   1.00 12.46 ? 236 GLN A CD  1 
ATOM   1330 O OE1 . GLN A 1 190 ? 10.955  -3.044  9.520   1.00 13.16 ? 236 GLN A OE1 1 
ATOM   1331 N NE2 . GLN A 1 190 ? 11.959  -4.957  9.726   1.00 15.01 ? 236 GLN A NE2 1 
ATOM   1332 N N   . TYR A 1 191 ? 14.372  -2.624  5.040   1.00 8.35  ? 237 TYR A N   1 
ATOM   1333 C CA  . TYR A 1 191 ? 14.763  -3.672  4.091   1.00 8.14  ? 237 TYR A CA  1 
ATOM   1334 C C   . TYR A 1 191 ? 15.864  -3.303  3.130   1.00 7.80  ? 237 TYR A C   1 
ATOM   1335 O O   . TYR A 1 191 ? 16.214  -4.170  2.296   1.00 8.16  ? 237 TYR A O   1 
ATOM   1336 C CB  . TYR A 1 191 ? 13.538  -4.243  3.318   1.00 7.81  ? 237 TYR A CB  1 
ATOM   1337 C CG  . TYR A 1 191 ? 12.549  -4.833  4.287   1.00 8.63  ? 237 TYR A CG  1 
ATOM   1338 C CD1 . TYR A 1 191 ? 12.905  -5.797  5.219   1.00 8.46  ? 237 TYR A CD1 1 
ATOM   1339 C CD2 . TYR A 1 191 ? 11.217  -4.363  4.269   1.00 9.83  ? 237 TYR A CD2 1 
ATOM   1340 C CE1 . TYR A 1 191 ? 11.957  -6.286  6.103   1.00 8.36  ? 237 TYR A CE1 1 
ATOM   1341 C CE2 . TYR A 1 191 ? 10.240  -4.889  5.117   1.00 10.40 ? 237 TYR A CE2 1 
ATOM   1342 C CZ  . TYR A 1 191 ? 10.652  -5.838  6.055   1.00 10.61 ? 237 TYR A CZ  1 
ATOM   1343 O OH  . TYR A 1 191 ? 9.779   -6.374  6.990   1.00 11.88 ? 237 TYR A OH  1 
ATOM   1344 N N   . GLY A 1 192 ? 16.391  -2.104  3.270   1.00 7.95  ? 238 GLY A N   1 
ATOM   1345 C CA  . GLY A 1 192 ? 17.502  -1.675  2.385   1.00 7.76  ? 238 GLY A CA  1 
ATOM   1346 C C   . GLY A 1 192 ? 16.977  -1.504  0.947   1.00 8.50  ? 238 GLY A C   1 
ATOM   1347 O O   . GLY A 1 192 ? 17.747  -1.858  -0.004  1.00 9.80  ? 238 GLY A O   1 
ATOM   1348 N N   . LEU A 1 193 ? 15.751  -0.981  0.768   1.00 5.83  ? 239 LEU A N   1 
ATOM   1349 C CA  . LEU A 1 193 ? 15.208  -0.859  -0.604  1.00 6.89  ? 239 LEU A CA  1 
ATOM   1350 C C   . LEU A 1 193 ? 15.375  0.511   -1.231  1.00 7.60  ? 239 LEU A C   1 
ATOM   1351 O O   . LEU A 1 193 ? 15.451  1.455   -0.408  1.00 8.59  ? 239 LEU A O   1 
ATOM   1352 C CB  . LEU A 1 193 ? 13.675  -1.134  -0.491  1.00 5.00  ? 239 LEU A CB  1 
ATOM   1353 C CG  . LEU A 1 193 ? 13.369  -2.475  0.202   1.00 6.45  ? 239 LEU A CG  1 
ATOM   1354 C CD1 . LEU A 1 193 ? 11.860  -2.596  0.438   1.00 4.67  ? 239 LEU A CD1 1 
ATOM   1355 C CD2 . LEU A 1 193 ? 13.930  -3.616  -0.605  1.00 5.52  ? 239 LEU A CD2 1 
ATOM   1356 N N   . SER A 1 194 ? 15.355  0.546   -2.547  1.00 8.12  ? 240 SER A N   1 
ATOM   1357 C CA  . SER A 1 194 ? 15.408  1.901   -3.174  1.00 9.61  ? 240 SER A CA  1 
ATOM   1358 C C   . SER A 1 194 ? 14.156  2.102   -4.010  1.00 9.24  ? 240 SER A C   1 
ATOM   1359 O O   . SER A 1 194 ? 13.870  1.130   -4.745  1.00 8.49  ? 240 SER A O   1 
ATOM   1360 C CB  . SER A 1 194 ? 16.614  2.103   -4.097  1.00 12.88 ? 240 SER A CB  1 
ATOM   1361 O OG  . SER A 1 194 ? 17.780  2.146   -3.211  1.00 18.36 ? 240 SER A OG  1 
ATOM   1362 N N   . LEU A 1 195 ? 13.474  3.244   -3.901  1.00 8.86  ? 241 LEU A N   1 
ATOM   1363 C CA  . LEU A 1 195 ? 12.258  3.380   -4.749  1.00 7.88  ? 241 LEU A CA  1 
ATOM   1364 C C   . LEU A 1 195 ? 12.586  3.519   -6.233  1.00 8.03  ? 241 LEU A C   1 
ATOM   1365 O O   . LEU A 1 195 ? 13.605  4.181   -6.532  1.00 7.37  ? 241 LEU A O   1 
ATOM   1366 C CB  . LEU A 1 195 ? 11.684  4.728   -4.241  1.00 9.62  ? 241 LEU A CB  1 
ATOM   1367 C CG  . LEU A 1 195 ? 10.196  4.988   -4.485  1.00 10.39 ? 241 LEU A CG  1 
ATOM   1368 C CD1 . LEU A 1 195 ? 9.265   3.940   -3.854  1.00 8.13  ? 241 LEU A CD1 1 
ATOM   1369 C CD2 . LEU A 1 195 ? 9.944   6.287   -3.732  1.00 9.34  ? 241 LEU A CD2 1 
ATOM   1370 N N   . VAL A 1 196 ? 11.796  3.009   -7.129  1.00 6.21  ? 242 VAL A N   1 
ATOM   1371 C CA  . VAL A 1 196 ? 12.019  3.215   -8.566  1.00 7.06  ? 242 VAL A CA  1 
ATOM   1372 C C   . VAL A 1 196 ? 11.365  4.546   -8.857  1.00 8.87  ? 242 VAL A C   1 
ATOM   1373 O O   . VAL A 1 196 ? 10.155  4.651   -8.466  1.00 8.11  ? 242 VAL A O   1 
ATOM   1374 C CB  . VAL A 1 196 ? 11.261  2.084   -9.291  1.00 7.66  ? 242 VAL A CB  1 
ATOM   1375 C CG1 . VAL A 1 196 ? 11.427  2.333   -10.799 1.00 7.87  ? 242 VAL A CG1 1 
ATOM   1376 C CG2 . VAL A 1 196 ? 11.964  0.760   -8.910  1.00 7.50  ? 242 VAL A CG2 1 
ATOM   1377 N N   . THR A 1 197 ? 12.002  5.531   -9.456  1.00 9.44  ? 243 THR A N   1 
ATOM   1378 C CA  . THR A 1 197 ? 11.352  6.847   -9.719  1.00 7.23  ? 243 THR A CA  1 
ATOM   1379 C C   . THR A 1 197 ? 11.466  7.256   -11.167 1.00 8.53  ? 243 THR A C   1 
ATOM   1380 O O   . THR A 1 197 ? 12.256  6.625   -11.885 1.00 7.15  ? 243 THR A O   1 
ATOM   1381 C CB  . THR A 1 197 ? 11.920  7.942   -8.723  1.00 9.68  ? 243 THR A CB  1 
ATOM   1382 O OG1 . THR A 1 197 ? 13.347  8.065   -9.112  1.00 8.09  ? 243 THR A OG1 1 
ATOM   1383 C CG2 . THR A 1 197 ? 11.851  7.513   -7.236  1.00 9.16  ? 243 THR A CG2 1 
ATOM   1384 N N   . GLY A 1 198 ? 10.693  8.217   -11.629 1.00 7.30  ? 244 GLY A N   1 
ATOM   1385 C CA  . GLY A 1 198 ? 10.749  8.643   -13.019 1.00 10.07 ? 244 GLY A CA  1 
ATOM   1386 C C   . GLY A 1 198 ? 10.570  10.147  -13.198 1.00 12.40 ? 244 GLY A C   1 
ATOM   1387 O O   . GLY A 1 198 ? 10.096  10.461  -14.311 1.00 14.00 ? 244 GLY A O   1 
ATOM   1388 O OXT . GLY A 1 198 ? 10.822  10.902  -12.254 1.00 13.08 ? 244 GLY A OXT 1 
ATOM   1389 N N   . ALA B 2 2   ? -11.495 0.130   13.268  1.00 26.56 ? 4   ALA P N   1 
ATOM   1390 C CA  . ALA B 2 2   ? -10.610 -0.430  12.242  1.00 24.33 ? 4   ALA P CA  1 
ATOM   1391 C C   . ALA B 2 2   ? -10.281 -1.911  12.056  1.00 21.34 ? 4   ALA P C   1 
ATOM   1392 O O   . ALA B 2 2   ? -9.990  -2.740  12.953  1.00 23.05 ? 4   ALA P O   1 
ATOM   1393 C CB  . ALA B 2 2   ? -9.161  0.083   12.428  1.00 26.17 ? 4   ALA P CB  1 
ATOM   1394 N N   . ALA B 2 3   ? -10.234 -2.229  10.764  1.00 17.40 ? 3   ALA P N   1 
ATOM   1395 C CA  . ALA B 2 3   ? -9.850  -3.626  10.402  1.00 15.53 ? 3   ALA P CA  1 
ATOM   1396 C C   . ALA B 2 3   ? -8.812  -3.493  9.283   1.00 13.13 ? 3   ALA P C   1 
ATOM   1397 O O   . ALA B 2 3   ? -8.941  -2.449  8.651   1.00 12.33 ? 3   ALA P O   1 
ATOM   1398 C CB  . ALA B 2 3   ? -11.016 -4.452  9.908   1.00 13.78 ? 3   ALA P CB  1 
ATOM   1399 N N   . PRO B 2 4   ? -7.987  -4.490  9.137   1.00 11.59 ? 2   PRO P N   1 
ATOM   1400 C CA  . PRO B 2 4   ? -7.008  -4.500  8.045   1.00 10.73 ? 2   PRO P CA  1 
ATOM   1401 C C   . PRO B 2 4   ? -7.802  -4.708  6.736   1.00 11.45 ? 2   PRO P C   1 
ATOM   1402 O O   . PRO B 2 4   ? -8.783  -5.525  6.761   1.00 10.70 ? 2   PRO P O   1 
ATOM   1403 C CB  . PRO B 2 4   ? -6.199  -5.795  8.298   1.00 9.46  ? 2   PRO P CB  1 
ATOM   1404 C CG  . PRO B 2 4   ? -6.631  -6.350  9.613   1.00 11.63 ? 2   PRO P CG  1 
ATOM   1405 C CD  . PRO B 2 4   ? -7.969  -5.723  9.976   1.00 11.40 ? 2   PRO P CD  1 
HETATM 1406 C CA  . BLE B 2 5   ? -8.114  -4.268  4.354   1.00 11.71 ? 1   BLE P CA  1 
HETATM 1407 C CB  . BLE B 2 5   ? -8.755  -2.870  3.965   1.00 12.12 ? 1   BLE P CB  1 
HETATM 1408 C CG  . BLE B 2 5   ? -9.682  -2.273  5.029   1.00 13.13 ? 1   BLE P CG  1 
HETATM 1409 C CD1 . BLE B 2 5   ? -10.079 -0.831  4.719   1.00 14.10 ? 1   BLE P CD1 1 
HETATM 1410 C CD2 . BLE B 2 5   ? -10.982 -3.085  4.980   1.00 12.82 ? 1   BLE P CD2 1 
HETATM 1411 N N   . BLE B 2 5   ? -7.395  -4.071  5.658   1.00 10.57 ? 1   BLE P N   1 
HETATM 1412 B B   . BLE B 2 5   ? -7.187  -4.860  3.242   1.00 10.65 ? 1   BLE P B   1 
HETATM 1413 O O1  . BLE B 2 5   ? -7.723  -4.840  1.847   1.00 6.02  ? 1   BLE P O1  1 
HETATM 1414 O O2  . BLE B 2 5   ? -6.683  -6.207  3.620   1.00 9.87  ? 1   BLE P O2  1 
HETATM 1415 S S   . SO4 C 3 .   ? 11.827  6.195   10.998  0.06 34.92 ? 1   SO4 A S   1 
HETATM 1416 O O1  . SO4 C 3 .   ? 11.573  7.270   9.970   0.13 35.14 ? 1   SO4 A O1  1 
HETATM 1417 O O2  . SO4 C 3 .   ? 10.642  5.756   11.754  0.13 33.03 ? 1   SO4 A O2  1 
HETATM 1418 O O3  . SO4 C 3 .   ? 12.296  5.096   10.028  0.13 37.87 ? 1   SO4 A O3  1 
HETATM 1419 O O4  . SO4 C 3 .   ? 12.972  6.403   11.966  0.13 36.34 ? 1   SO4 A O4  1 
HETATM 1420 O O   . HOH D 4 .   ? 12.285  -3.671  -14.575 0.83 10.86 ? 245 HOH A O   1 
HETATM 1421 O O   . HOH D 4 .   ? -9.509  -15.594 -0.603  0.83 27.31 ? 246 HOH A O   1 
HETATM 1422 O O   . HOH D 4 .   ? 9.549   16.933  -2.208  1.00 9.53  ? 247 HOH A O   1 
HETATM 1423 O O   . HOH D 4 .   ? -4.916  1.575   -1.568  0.99 4.67  ? 248 HOH A O   1 
HETATM 1424 O O   . HOH D 4 .   ? 0.118   -20.740 -4.392  0.93 25.70 ? 249 HOH A O   1 
HETATM 1425 O O   . HOH D 4 .   ? 13.076  10.394  -10.729 0.98 25.19 ? 250 HOH A O   1 
HETATM 1426 O O   . HOH D 4 .   ? -8.545  -14.960 -5.178  1.00 24.47 ? 251 HOH A O   1 
HETATM 1427 O O   . HOH D 4 .   ? -3.117  -13.403 3.061   0.87 37.32 ? 252 HOH A O   1 
HETATM 1428 O O   . HOH D 4 .   ? 14.472  -9.708  -9.099  0.91 16.20 ? 253 HOH A O   1 
HETATM 1429 O O   . HOH D 4 .   ? 13.228  7.703   -1.861  0.77 14.93 ? 254 HOH A O   1 
HETATM 1430 O O   . HOH D 4 .   ? 3.215   10.100  7.405   1.00 6.22  ? 255 HOH A O   1 
HETATM 1431 O O   . HOH D 4 .   ? 4.072   13.068  -10.321 0.63 7.46  ? 256 HOH A O   1 
HETATM 1432 O O   . HOH D 4 .   ? 14.373  5.467   -2.206  0.85 6.37  ? 257 HOH A O   1 
HETATM 1433 O O   . HOH D 4 .   ? -4.105  -9.828  -10.889 0.58 20.15 ? 258 HOH A O   1 
HETATM 1434 O O   . HOH D 4 .   ? -7.258  15.865  -1.561  1.00 24.63 ? 259 HOH A O   1 
HETATM 1435 O O   . HOH D 4 .   ? 16.781  -11.830 -8.524  0.66 26.71 ? 260 HOH A O   1 
HETATM 1436 O O   . HOH D 4 .   ? 3.588   -7.400  17.847  0.70 25.95 ? 261 HOH A O   1 
HETATM 1437 O O   . HOH D 4 .   ? 0.326   -11.479 -15.379 0.93 42.49 ? 262 HOH A O   1 
HETATM 1438 O O   . HOH D 4 .   ? 10.505  13.362  4.296   0.83 20.81 ? 263 HOH A O   1 
HETATM 1439 O O   . HOH D 4 .   ? -12.026 9.538   -1.028  0.98 13.21 ? 264 HOH A O   1 
HETATM 1440 O O   . HOH D 4 .   ? 18.770  -1.061  -4.870  0.58 15.24 ? 265 HOH A O   1 
HETATM 1441 O O   . HOH D 4 .   ? -6.319  2.054   -8.631  0.98 18.96 ? 266 HOH A O   1 
HETATM 1442 O O   . HOH D 4 .   ? 0.802   -5.885  18.557  0.75 18.27 ? 267 HOH A O   1 
HETATM 1443 O O   . HOH D 4 .   ? 5.572   -10.206 11.949  0.65 15.42 ? 268 HOH A O   1 
HETATM 1444 O O   . HOH D 4 .   ? 10.803  -8.218  8.606   0.77 11.09 ? 269 HOH A O   1 
HETATM 1445 O O   . HOH D 4 .   ? 3.984   -6.979  -19.198 0.99 19.83 ? 270 HOH A O   1 
HETATM 1446 O O   . HOH D 4 .   ? 3.696   8.142   -15.260 0.57 2.00  ? 271 HOH A O   1 
HETATM 1447 O O   . HOH D 4 .   ? 3.934   3.807   9.895   1.00 6.26  ? 272 HOH A O   1 
HETATM 1448 O O   . HOH D 4 .   ? -3.880  13.278  -8.342  1.00 30.06 ? 273 HOH A O   1 
HETATM 1449 O O   . HOH D 4 .   ? 10.271  -11.217 7.765   0.52 2.30  ? 274 HOH A O   1 
HETATM 1450 O O   . HOH D 4 .   ? 6.183   11.126  10.926  0.74 16.36 ? 275 HOH A O   1 
HETATM 1451 O O   . HOH D 4 .   ? -11.325 11.175  -4.264  0.68 10.70 ? 276 HOH A O   1 
HETATM 1452 O O   . HOH D 4 .   ? 18.682  -0.298  -2.246  0.69 10.91 ? 277 HOH A O   1 
HETATM 1453 O O   . HOH D 4 .   ? -1.211  -12.238 15.870  0.59 10.76 ? 278 HOH A O   1 
HETATM 1454 O O   . HOH D 4 .   ? 0.924   4.714   17.527  0.95 14.20 ? 279 HOH A O   1 
HETATM 1455 O O   . HOH D 4 .   ? 5.568   -15.070 8.088   0.62 8.43  ? 280 HOH A O   1 
HETATM 1456 O O   . HOH D 4 .   ? 14.054  5.221   8.223   0.60 8.87  ? 281 HOH A O   1 
HETATM 1457 O O   . HOH D 4 .   ? -7.524  3.547   -10.617 1.00 10.39 ? 282 HOH A O   1 
HETATM 1458 O O   . HOH D 4 .   ? 14.327  5.616   4.695   0.75 18.22 ? 283 HOH A O   1 
HETATM 1459 O O   . HOH D 4 .   ? -9.384  7.529   -11.216 0.99 15.37 ? 284 HOH A O   1 
HETATM 1460 O O   . HOH D 4 .   ? 14.453  -8.719  3.575   0.94 19.57 ? 285 HOH A O   1 
HETATM 1461 O O   . HOH D 4 .   ? -3.702  3.164   -15.111 0.70 7.42  ? 286 HOH A O   1 
HETATM 1462 O O   . HOH D 4 .   ? 4.119   0.650   12.123  1.00 12.70 ? 287 HOH A O   1 
HETATM 1463 O O   . HOH D 4 .   ? -2.847  11.326  -12.863 0.83 28.18 ? 288 HOH A O   1 
HETATM 1464 O O   . HOH D 4 .   ? -6.823  1.478   -12.733 0.75 27.18 ? 289 HOH A O   1 
HETATM 1465 O O   . HOH D 4 .   ? -9.862  5.085   -10.163 0.52 2.80  ? 290 HOH A O   1 
HETATM 1466 O O   . HOH D 4 .   ? -16.995 4.161   12.699  0.99 42.31 ? 291 HOH A O   1 
HETATM 1467 O O   . HOH D 4 .   ? -12.148 10.266  12.131  0.86 30.22 ? 292 HOH A O   1 
HETATM 1468 O O   . HOH D 4 .   ? 4.249   16.252  -2.527  0.92 15.29 ? 293 HOH A O   1 
HETATM 1469 O O   . HOH D 4 .   ? -2.431  -19.477 3.133   0.42 20.39 ? 294 HOH A O   1 
HETATM 1470 O O   . HOH D 4 .   ? 11.725  14.000  -2.886  0.67 5.76  ? 295 HOH A O   1 
HETATM 1471 O O   . HOH D 4 .   ? -5.856  -9.767  3.233   0.64 35.04 ? 296 HOH A O   1 
HETATM 1472 O O   . HOH D 4 .   ? -6.206  17.041  11.292  0.81 29.60 ? 297 HOH A O   1 
HETATM 1473 O O   . HOH D 4 .   ? -3.924  -20.787 -0.053  0.82 16.12 ? 298 HOH A O   1 
HETATM 1474 O O   . HOH D 4 .   ? 2.341   11.610  5.245   0.59 4.23  ? 299 HOH A O   1 
HETATM 1475 O O   . HOH D 4 .   ? -19.738 -6.857  4.971   0.88 28.65 ? 300 HOH A O   1 
HETATM 1476 O O   . HOH D 4 .   ? -14.772 8.638   -6.471  0.81 40.98 ? 301 HOH A O   1 
HETATM 1477 O O   . HOH D 4 .   ? 0.872   20.307  9.820   0.35 4.61  ? 302 HOH A O   1 
HETATM 1478 O O   . HOH D 4 .   ? -7.460  -15.725 -7.110  0.75 19.62 ? 303 HOH A O   1 
HETATM 1479 O O   . HOH D 4 .   ? -3.483  -12.661 -9.859  0.89 25.17 ? 304 HOH A O   1 
HETATM 1480 O O   . HOH D 4 .   ? -20.181 4.226   -0.957  0.63 26.79 ? 305 HOH A O   1 
HETATM 1481 O O   . HOH D 4 .   ? -7.005  -12.574 16.932  0.46 2.42  ? 306 HOH A O   1 
HETATM 1482 O O   . HOH D 4 .   ? -16.127 -1.714  -1.524  0.67 24.55 ? 307 HOH A O   1 
HETATM 1483 O O   . HOH D 4 .   ? 0.162   -16.297 3.817   0.91 37.93 ? 308 HOH A O   1 
HETATM 1484 O O   . HOH D 4 .   ? -17.405 16.026  6.347   0.87 49.10 ? 309 HOH A O   1 
HETATM 1485 O O   . HOH D 4 .   ? 4.966   -8.576  14.941  0.98 36.73 ? 310 HOH A O   1 
HETATM 1486 O O   . HOH D 4 .   ? 15.759  -5.557  8.746   0.50 32.20 ? 311 HOH A O   1 
HETATM 1487 O O   . HOH D 4 .   ? 15.536  4.095   -0.224  0.71 4.67  ? 312 HOH A O   1 
HETATM 1488 O O   . HOH D 4 .   ? -22.805 0.268   4.136   0.87 27.15 ? 313 HOH A O   1 
HETATM 1489 O O   . HOH D 4 .   ? 18.378  -10.822 -7.338  0.92 20.76 ? 314 HOH A O   1 
HETATM 1490 O O   . HOH D 4 .   ? 6.324   -5.114  -20.442 0.66 15.29 ? 315 HOH A O   1 
HETATM 1491 O O   . HOH D 4 .   ? -1.262  13.804  14.612  0.48 4.59  ? 316 HOH A O   1 
HETATM 1492 O O   . HOH D 4 .   ? -8.795  0.726   16.300  0.56 14.81 ? 317 HOH A O   1 
HETATM 1493 O O   . HOH D 4 .   ? -5.684  -3.976  -10.652 0.83 20.21 ? 318 HOH A O   1 
HETATM 1494 O O   . HOH D 4 .   ? -6.105  -0.650  -9.683  0.71 19.98 ? 319 HOH A O   1 
HETATM 1495 O O   . HOH D 4 .   ? 2.724   12.403  -12.929 0.52 14.99 ? 320 HOH A O   1 
HETATM 1496 O O   . HOH D 4 .   ? 3.683   -10.061 17.153  0.55 31.45 ? 321 HOH A O   1 
HETATM 1497 O O   . HOH D 4 .   ? 8.531   2.042   11.979  0.70 14.81 ? 322 HOH A O   1 
HETATM 1498 O O   . HOH D 4 .   ? -4.034  11.206  -18.822 0.70 32.85 ? 323 HOH A O   1 
HETATM 1499 O O   . HOH D 4 .   ? 3.839   -18.629 3.744   0.62 15.36 ? 324 HOH A O   1 
HETATM 1500 O O   . HOH D 4 .   ? -9.480  -0.130  -9.127  0.61 19.64 ? 325 HOH A O   1 
HETATM 1501 O O   . HOH D 4 .   ? 4.697   9.221   12.484  0.78 18.35 ? 326 HOH A O   1 
HETATM 1502 O O   . HOH D 4 .   ? -2.962  0.626   -14.710 0.63 29.42 ? 327 HOH A O   1 
HETATM 1503 O O   . HOH D 4 .   ? -11.385 7.593   -8.660  1.00 46.96 ? 328 HOH A O   1 
HETATM 1504 O O   . HOH D 4 .   ? 14.567  -15.014 -11.485 1.00 32.30 ? 329 HOH A O   1 
HETATM 1505 O O   . HOH D 4 .   ? 3.513   -12.183 -15.951 0.75 27.05 ? 330 HOH A O   1 
HETATM 1506 O O   . HOH D 4 .   ? -1.327  -13.067 9.505   0.96 57.62 ? 331 HOH A O   1 
HETATM 1507 O O   . HOH D 4 .   ? 2.998   9.179   -17.348 0.57 8.31  ? 332 HOH A O   1 
HETATM 1508 O O   . HOH D 4 .   ? -3.433  -6.393  -11.655 0.79 25.78 ? 333 HOH A O   1 
HETATM 1509 O O   . HOH D 4 .   ? -19.118 3.151   3.294   1.00 13.34 ? 334 HOH A O   1 
HETATM 1510 O O   . HOH D 4 .   ? 2.396   8.160   11.505  0.91 6.78  ? 335 HOH A O   1 
HETATM 1511 O O   . HOH D 4 .   ? -6.291  17.945  8.541   0.53 26.54 ? 336 HOH A O   1 
HETATM 1512 O O   . HOH D 4 .   ? -5.031  -16.098 -8.391  0.57 8.11  ? 337 HOH A O   1 
HETATM 1513 O O   . HOH D 4 .   ? 7.452   7.955   4.912   1.00 8.08  ? 338 HOH A O   1 
HETATM 1514 O O   . HOH D 4 .   ? 12.788  14.714  1.611   0.67 19.35 ? 339 HOH A O   1 
HETATM 1515 O O   . HOH D 4 .   ? -3.812  -15.600 1.112   0.71 25.66 ? 340 HOH A O   1 
HETATM 1516 O O   . HOH D 4 .   ? -1.818  -14.617 5.190   0.44 13.54 ? 341 HOH A O   1 
HETATM 1517 O O   . HOH D 4 .   ? 5.607   2.242   -7.991  0.88 4.02  ? 342 HOH A O   1 
HETATM 1518 O O   . HOH D 4 .   ? -7.425  -8.077  1.202   0.98 31.43 ? 343 HOH A O   1 
HETATM 1519 O O   . HOH D 4 .   ? 15.940  1.970   -7.496  1.00 37.57 ? 344 HOH A O   1 
HETATM 1520 O O   . HOH D 4 .   ? 5.758   -8.114  -17.930 0.96 45.12 ? 345 HOH A O   1 
HETATM 1521 O O   . HOH D 4 .   ? -5.306  -0.850  -12.150 0.83 32.35 ? 346 HOH A O   1 
HETATM 1522 O O   . HOH D 4 .   ? -16.161 -8.476  0.006   1.00 25.20 ? 347 HOH A O   1 
HETATM 1523 O O   . HOH D 4 .   ? 12.451  4.672   -14.513 0.63 23.21 ? 348 HOH A O   1 
HETATM 1524 O O   . HOH D 4 .   ? -8.244  13.414  -8.260  0.65 42.09 ? 349 HOH A O   1 
HETATM 1525 O O   . HOH D 4 .   ? -2.506  15.408  -3.976  1.00 36.42 ? 350 HOH A O   1 
HETATM 1526 O O   . HOH D 4 .   ? -9.867  -6.237  13.231  1.00 18.18 ? 351 HOH A O   1 
HETATM 1527 O O   . HOH D 4 .   ? 3.113   16.652  10.616  1.00 28.81 ? 352 HOH A O   1 
HETATM 1528 O O   . HOH D 4 .   ? 18.830  -8.118  -2.778  0.73 8.90  ? 353 HOH A O   1 
HETATM 1529 O O   . HOH D 4 .   ? -9.340  11.104  8.978   0.78 12.53 ? 354 HOH A O   1 
HETATM 1530 O O   . HOH D 4 .   ? -1.558  -16.079 -5.576  0.83 8.25  ? 355 HOH A O   1 
HETATM 1531 O O   . HOH D 4 .   ? 6.104   2.448   13.074  0.34 9.27  ? 356 HOH A O   1 
HETATM 1532 O O   . HOH D 4 .   ? 5.204   -13.767 -14.579 0.54 19.15 ? 357 HOH A O   1 
HETATM 1533 O O   . HOH D 4 .   ? 11.576  14.790  -5.924  0.98 33.37 ? 358 HOH A O   1 
HETATM 1534 O O   . HOH D 4 .   ? 7.269   8.983   2.636   1.00 12.23 ? 359 HOH A O   1 
HETATM 1535 O O   . HOH D 4 .   ? 1.753   17.733  -3.470  0.51 10.10 ? 360 HOH A O   1 
HETATM 1536 O O   . HOH D 4 .   ? 4.036   9.467   5.100   0.81 36.62 ? 361 HOH A O   1 
HETATM 1537 O O   . HOH D 4 .   ? 14.232  -10.055 7.017   0.69 26.81 ? 362 HOH A O   1 
HETATM 1538 O O   . HOH D 4 .   ? -7.875  -12.916 -8.929  0.71 60.00 ? 363 HOH A O   1 
HETATM 1539 O O   . HOH D 4 .   ? 11.722  -0.330  -15.660 0.58 47.65 ? 364 HOH A O   1 
HETATM 1540 O O   . HOH D 4 .   ? 9.299   8.682   -16.038 0.50 12.74 ? 365 HOH A O   1 
HETATM 1541 O O   . HOH D 4 .   ? 9.502   16.002  5.391   0.27 10.94 ? 366 HOH A O   1 
HETATM 1542 O O   . HOH D 4 .   ? -21.836 3.185   4.464   0.98 29.51 ? 367 HOH A O   1 
HETATM 1543 O O   . HOH D 4 .   ? 8.260   -10.467 11.273  0.36 5.46  ? 368 HOH A O   1 
HETATM 1544 O O   . HOH D 4 .   ? 0.169   -5.100  -14.907 0.99 27.16 ? 369 HOH A O   1 
HETATM 1545 O O   . HOH D 4 .   ? 2.173   -12.242 13.175  0.56 25.66 ? 370 HOH A O   1 
HETATM 1546 O O   . HOH D 4 .   ? -2.237  -6.605  -14.213 0.47 11.91 ? 371 HOH A O   1 
HETATM 1547 O O   . HOH D 4 .   ? 12.230  -12.634 5.900   0.56 14.27 ? 372 HOH A O   1 
HETATM 1548 O O   . HOH D 4 .   ? -2.589  21.081  9.676   0.70 45.71 ? 373 HOH A O   1 
HETATM 1549 O O   . HOH D 4 .   ? -22.480 4.061   0.095   0.97 41.91 ? 374 HOH A O   1 
HETATM 1550 O O   . HOH D 4 .   ? -2.273  -21.334 -10.223 0.56 56.00 ? 375 HOH A O   1 
HETATM 1551 O O   . HOH D 4 .   ? -14.748 4.502   13.319  0.58 22.73 ? 376 HOH A O   1 
HETATM 1552 O O   . HOH D 4 .   ? 19.418  -5.549  1.883   0.46 34.50 ? 377 HOH A O   1 
HETATM 1553 O O   . HOH D 4 .   ? -13.456 -6.366  -1.979  0.59 17.11 ? 378 HOH A O   1 
HETATM 1554 O O   . HOH D 4 .   ? -2.085  21.727  3.889   0.55 32.05 ? 379 HOH A O   1 
HETATM 1555 O O   . HOH D 4 .   ? -9.918  -8.594  0.661   1.00 47.75 ? 380 HOH A O   1 
HETATM 1556 O O   . HOH D 4 .   ? 8.110   3.211   -7.380  0.93 6.37  ? 381 HOH A O   1 
HETATM 1557 O O   . HOH D 4 .   ? -22.302 -0.198  8.430   1.00 36.74 ? 382 HOH A O   1 
HETATM 1558 O O   . HOH D 4 .   ? -11.971 3.696   14.117  0.79 74.49 ? 383 HOH A O   1 
HETATM 1559 O O   . HOH D 4 .   ? -9.209  4.495   13.665  0.31 24.81 ? 384 HOH A O   1 
HETATM 1560 O O   . HOH D 4 .   ? -7.447  3.529   15.027  0.93 51.12 ? 385 HOH A O   1 
HETATM 1561 O O   . HOH D 4 .   ? -14.531 -6.712  -4.601  0.67 30.94 ? 386 HOH A O   1 
HETATM 1562 O O   . HOH D 4 .   ? 14.919  9.089   -12.980 0.52 27.50 ? 387 HOH A O   1 
HETATM 1563 O O   . HOH D 4 .   ? 15.443  1.771   -10.128 0.44 24.68 ? 388 HOH A O   1 
HETATM 1564 O O   . HOH D 4 .   ? 14.481  5.005   -10.965 0.32 19.46 ? 389 HOH A O   1 
HETATM 1565 O O   . HOH D 4 .   ? -15.744 -4.406  -1.486  0.75 32.21 ? 390 HOH A O   1 
HETATM 1566 O O   . HOH E 4 .   ? -7.185  -10.061 6.399   1.00 34.47 ? 86  HOH P O   1 
HETATM 1567 O O   . HOH E 4 .   ? -8.571  -7.858  5.676   1.00 31.58 ? 89  HOH P O   1 
HETATM 1568 O O   . HOH E 4 .   ? -11.331 -6.468  6.587   0.88 35.32 ? 102 HOH P O   1 
# 
